data_3BN7
# 
_entry.id   3BN7 
# 
_audit_conform.dict_name       mmcif_pdbx.dic 
_audit_conform.dict_version    5.397 
_audit_conform.dict_location   http://mmcif.pdb.org/dictionaries/ascii/mmcif_pdbx.dic 
# 
loop_
_database_2.database_id 
_database_2.database_code 
_database_2.pdbx_database_accession 
_database_2.pdbx_DOI 
PDB   3BN7         pdb_00003bn7 10.2210/pdb3bn7/pdb 
RCSB  RCSB045724   ?            ?                   
WWPDB D_1000045724 ?            ?                   
# 
loop_
_pdbx_audit_revision_history.ordinal 
_pdbx_audit_revision_history.data_content_type 
_pdbx_audit_revision_history.major_revision 
_pdbx_audit_revision_history.minor_revision 
_pdbx_audit_revision_history.revision_date 
1 'Structure model' 1 0 2007-12-25 
2 'Structure model' 1 1 2011-07-13 
3 'Structure model' 1 2 2017-10-25 
4 'Structure model' 1 3 2019-07-24 
5 'Structure model' 1 4 2023-01-25 
6 'Structure model' 1 5 2024-10-16 
# 
_pdbx_audit_revision_details.ordinal             1 
_pdbx_audit_revision_details.revision_ordinal    1 
_pdbx_audit_revision_details.data_content_type   'Structure model' 
_pdbx_audit_revision_details.provider            repository 
_pdbx_audit_revision_details.type                'Initial release' 
_pdbx_audit_revision_details.description         ? 
_pdbx_audit_revision_details.details             ? 
# 
loop_
_pdbx_audit_revision_group.ordinal 
_pdbx_audit_revision_group.revision_ordinal 
_pdbx_audit_revision_group.data_content_type 
_pdbx_audit_revision_group.group 
1  2 'Structure model' Advisory                    
2  2 'Structure model' 'Source and taxonomy'       
3  2 'Structure model' 'Version format compliance' 
4  3 'Structure model' 'Refinement description'    
5  4 'Structure model' 'Data collection'           
6  4 'Structure model' 'Derived calculations'      
7  4 'Structure model' 'Refinement description'    
8  5 'Structure model' 'Database references'       
9  5 'Structure model' 'Derived calculations'      
10 6 'Structure model' 'Data collection'           
11 6 'Structure model' 'Structure summary'         
# 
loop_
_pdbx_audit_revision_category.ordinal 
_pdbx_audit_revision_category.revision_ordinal 
_pdbx_audit_revision_category.data_content_type 
_pdbx_audit_revision_category.category 
1  3 'Structure model' software                  
2  4 'Structure model' software                  
3  4 'Structure model' struct_conn               
4  5 'Structure model' database_2                
5  5 'Structure model' struct_ref_seq_dif        
6  5 'Structure model' struct_site               
7  6 'Structure model' chem_comp_atom            
8  6 'Structure model' chem_comp_bond            
9  6 'Structure model' pdbx_entry_details        
10 6 'Structure model' pdbx_modification_feature 
# 
loop_
_pdbx_audit_revision_item.ordinal 
_pdbx_audit_revision_item.revision_ordinal 
_pdbx_audit_revision_item.data_content_type 
_pdbx_audit_revision_item.item 
1  3 'Structure model' '_software.classification'            
2  3 'Structure model' '_software.name'                      
3  4 'Structure model' '_software.classification'            
4  4 'Structure model' '_software.contact_author'            
5  4 'Structure model' '_software.contact_author_email'      
6  4 'Structure model' '_software.language'                  
7  4 'Structure model' '_software.location'                  
8  4 'Structure model' '_software.name'                      
9  4 'Structure model' '_software.type'                      
10 4 'Structure model' '_software.version'                   
11 4 'Structure model' '_struct_conn.pdbx_leaving_atom_flag' 
12 5 'Structure model' '_database_2.pdbx_DOI'                
13 5 'Structure model' '_database_2.pdbx_database_accession' 
14 5 'Structure model' '_struct_ref_seq_dif.details'         
15 5 'Structure model' '_struct_site.pdbx_auth_asym_id'      
16 5 'Structure model' '_struct_site.pdbx_auth_comp_id'      
17 5 'Structure model' '_struct_site.pdbx_auth_seq_id'       
# 
_pdbx_database_status.SG_entry                        Y 
_pdbx_database_status.entry_id                        3BN7 
_pdbx_database_status.deposit_site                    RCSB 
_pdbx_database_status.process_site                    RCSB 
_pdbx_database_status.recvd_initial_deposition_date   2007-12-13 
_pdbx_database_status.status_code                     REL 
_pdbx_database_status.status_code_sf                  REL 
_pdbx_database_status.status_code_mr                  ? 
_pdbx_database_status.pdb_format_compatible           Y 
_pdbx_database_status.status_code_cs                  ? 
_pdbx_database_status.methods_development_category    ? 
_pdbx_database_status.status_code_nmr_data            ? 
# 
_pdbx_database_related.db_name        TargetDB 
_pdbx_database_related.db_id          378287 
_pdbx_database_related.details        . 
_pdbx_database_related.content_type   unspecified 
# 
_audit_author.name           'Joint Center for Structural Genomics (JCSG)' 
_audit_author.pdbx_ordinal   1 
# 
_citation.id                        primary 
_citation.title                     
'Crystal structure of dimeric ferredoxin-like protein (NP_421070.1) from Caulobacter crescentus at 1.64 A resolution' 
_citation.journal_abbrev            'To be published' 
_citation.journal_volume            ? 
_citation.page_first                ? 
_citation.page_last                 ? 
_citation.year                      ? 
_citation.journal_id_ASTM           ? 
_citation.country                   ? 
_citation.journal_id_ISSN           ? 
_citation.journal_id_CSD            0353 
_citation.book_publisher            ? 
_citation.pdbx_database_id_PubMed   ? 
_citation.pdbx_database_id_DOI      ? 
# 
_citation_author.citation_id        primary 
_citation_author.name               'Joint Center for Structural Genomics (JCSG)' 
_citation_author.ordinal            1 
_citation_author.identifier_ORCID   ? 
# 
loop_
_entity.id 
_entity.type 
_entity.src_method 
_entity.pdbx_description 
_entity.formula_weight 
_entity.pdbx_number_of_molecules 
_entity.pdbx_ec 
_entity.pdbx_mutation 
_entity.pdbx_fragment 
_entity.details 
1 polymer     man 'Ferredoxin-like protein' 14138.562 1  ? ? ? ? 
2 non-polymer syn 'ACETATE ION'             59.044    1  ? ? ? ? 
3 water       nat water                     18.015    72 ? ? ? ? 
# 
_entity_poly.entity_id                      1 
_entity_poly.type                           'polypeptide(L)' 
_entity_poly.nstd_linkage                   no 
_entity_poly.nstd_monomer                   yes 
_entity_poly.pdbx_seq_one_letter_code       
;(MSE)GSDKIHHHHHHENLYFQG(MSE)LFHQVFFWLKNPGDKADRDKLIAGLKALKAIDVIQQLHVGVPAATEKRDVVD
NSYDVSEL(MSE)VFKSVEDQKRYRDHPLLQKFVADCSHLWSKVVVYDS(MSE)SV
;
_entity_poly.pdbx_seq_one_letter_code_can   
;MGSDKIHHHHHHENLYFQGMLFHQVFFWLKNPGDKADRDKLIAGLKALKAIDVIQQLHVGVPAATEKRDVVDNSYDVSEL
MVFKSVEDQKRYRDHPLLQKFVADCSHLWSKVVVYDSMSV
;
_entity_poly.pdbx_strand_id                 A 
_entity_poly.pdbx_target_identifier         378287 
# 
loop_
_pdbx_entity_nonpoly.entity_id 
_pdbx_entity_nonpoly.name 
_pdbx_entity_nonpoly.comp_id 
2 'ACETATE ION' ACT 
3 water         HOH 
# 
loop_
_entity_poly_seq.entity_id 
_entity_poly_seq.num 
_entity_poly_seq.mon_id 
_entity_poly_seq.hetero 
1 1   MSE n 
1 2   GLY n 
1 3   SER n 
1 4   ASP n 
1 5   LYS n 
1 6   ILE n 
1 7   HIS n 
1 8   HIS n 
1 9   HIS n 
1 10  HIS n 
1 11  HIS n 
1 12  HIS n 
1 13  GLU n 
1 14  ASN n 
1 15  LEU n 
1 16  TYR n 
1 17  PHE n 
1 18  GLN n 
1 19  GLY n 
1 20  MSE n 
1 21  LEU n 
1 22  PHE n 
1 23  HIS n 
1 24  GLN n 
1 25  VAL n 
1 26  PHE n 
1 27  PHE n 
1 28  TRP n 
1 29  LEU n 
1 30  LYS n 
1 31  ASN n 
1 32  PRO n 
1 33  GLY n 
1 34  ASP n 
1 35  LYS n 
1 36  ALA n 
1 37  ASP n 
1 38  ARG n 
1 39  ASP n 
1 40  LYS n 
1 41  LEU n 
1 42  ILE n 
1 43  ALA n 
1 44  GLY n 
1 45  LEU n 
1 46  LYS n 
1 47  ALA n 
1 48  LEU n 
1 49  LYS n 
1 50  ALA n 
1 51  ILE n 
1 52  ASP n 
1 53  VAL n 
1 54  ILE n 
1 55  GLN n 
1 56  GLN n 
1 57  LEU n 
1 58  HIS n 
1 59  VAL n 
1 60  GLY n 
1 61  VAL n 
1 62  PRO n 
1 63  ALA n 
1 64  ALA n 
1 65  THR n 
1 66  GLU n 
1 67  LYS n 
1 68  ARG n 
1 69  ASP n 
1 70  VAL n 
1 71  VAL n 
1 72  ASP n 
1 73  ASN n 
1 74  SER n 
1 75  TYR n 
1 76  ASP n 
1 77  VAL n 
1 78  SER n 
1 79  GLU n 
1 80  LEU n 
1 81  MSE n 
1 82  VAL n 
1 83  PHE n 
1 84  LYS n 
1 85  SER n 
1 86  VAL n 
1 87  GLU n 
1 88  ASP n 
1 89  GLN n 
1 90  LYS n 
1 91  ARG n 
1 92  TYR n 
1 93  ARG n 
1 94  ASP n 
1 95  HIS n 
1 96  PRO n 
1 97  LEU n 
1 98  LEU n 
1 99  GLN n 
1 100 LYS n 
1 101 PHE n 
1 102 VAL n 
1 103 ALA n 
1 104 ASP n 
1 105 CYS n 
1 106 SER n 
1 107 HIS n 
1 108 LEU n 
1 109 TRP n 
1 110 SER n 
1 111 LYS n 
1 112 VAL n 
1 113 VAL n 
1 114 VAL n 
1 115 TYR n 
1 116 ASP n 
1 117 SER n 
1 118 MSE n 
1 119 SER n 
1 120 VAL n 
# 
_entity_src_gen.entity_id                          1 
_entity_src_gen.pdbx_src_id                        1 
_entity_src_gen.pdbx_alt_source_flag               sample 
_entity_src_gen.pdbx_seq_type                      ? 
_entity_src_gen.pdbx_beg_seq_num                   ? 
_entity_src_gen.pdbx_end_seq_num                   ? 
_entity_src_gen.gene_src_common_name               ? 
_entity_src_gen.gene_src_genus                     Caulobacter 
_entity_src_gen.pdbx_gene_src_gene                 'NP_421070.1, CC_2267' 
_entity_src_gen.gene_src_species                   'Caulobacter vibrioides' 
_entity_src_gen.gene_src_strain                    CB15 
_entity_src_gen.gene_src_tissue                    ? 
_entity_src_gen.gene_src_tissue_fraction           ? 
_entity_src_gen.gene_src_details                   ? 
_entity_src_gen.pdbx_gene_src_fragment             ? 
_entity_src_gen.pdbx_gene_src_scientific_name      'Caulobacter crescentus' 
_entity_src_gen.pdbx_gene_src_ncbi_taxonomy_id     190650 
_entity_src_gen.pdbx_gene_src_variant              ? 
_entity_src_gen.pdbx_gene_src_cell_line            ? 
_entity_src_gen.pdbx_gene_src_atcc                 19089 
_entity_src_gen.pdbx_gene_src_organ                ? 
_entity_src_gen.pdbx_gene_src_organelle            ? 
_entity_src_gen.pdbx_gene_src_cell                 ? 
_entity_src_gen.pdbx_gene_src_cellular_location    ? 
_entity_src_gen.host_org_common_name               ? 
_entity_src_gen.pdbx_host_org_scientific_name      'Escherichia coli' 
_entity_src_gen.pdbx_host_org_ncbi_taxonomy_id     562 
_entity_src_gen.host_org_genus                     Escherichia 
_entity_src_gen.pdbx_host_org_gene                 ? 
_entity_src_gen.pdbx_host_org_organ                ? 
_entity_src_gen.host_org_species                   ? 
_entity_src_gen.pdbx_host_org_tissue               ? 
_entity_src_gen.pdbx_host_org_tissue_fraction      ? 
_entity_src_gen.pdbx_host_org_strain               HK100 
_entity_src_gen.pdbx_host_org_variant              ? 
_entity_src_gen.pdbx_host_org_cell_line            ? 
_entity_src_gen.pdbx_host_org_atcc                 ? 
_entity_src_gen.pdbx_host_org_culture_collection   ? 
_entity_src_gen.pdbx_host_org_cell                 ? 
_entity_src_gen.pdbx_host_org_organelle            ? 
_entity_src_gen.pdbx_host_org_cellular_location    ? 
_entity_src_gen.pdbx_host_org_vector_type          Plasmid 
_entity_src_gen.pdbx_host_org_vector               ? 
_entity_src_gen.host_org_details                   ? 
_entity_src_gen.expression_system_id               ? 
_entity_src_gen.plasmid_name                       SpeedET 
_entity_src_gen.plasmid_details                    ? 
_entity_src_gen.pdbx_description                   ? 
# 
loop_
_chem_comp.id 
_chem_comp.type 
_chem_comp.mon_nstd_flag 
_chem_comp.name 
_chem_comp.pdbx_synonyms 
_chem_comp.formula 
_chem_comp.formula_weight 
ACT non-polymer         . 'ACETATE ION'    ? 'C2 H3 O2 -1'    59.044  
ALA 'L-peptide linking' y ALANINE          ? 'C3 H7 N O2'     89.093  
ARG 'L-peptide linking' y ARGININE         ? 'C6 H15 N4 O2 1' 175.209 
ASN 'L-peptide linking' y ASPARAGINE       ? 'C4 H8 N2 O3'    132.118 
ASP 'L-peptide linking' y 'ASPARTIC ACID'  ? 'C4 H7 N O4'     133.103 
CYS 'L-peptide linking' y CYSTEINE         ? 'C3 H7 N O2 S'   121.158 
GLN 'L-peptide linking' y GLUTAMINE        ? 'C5 H10 N2 O3'   146.144 
GLU 'L-peptide linking' y 'GLUTAMIC ACID'  ? 'C5 H9 N O4'     147.129 
GLY 'peptide linking'   y GLYCINE          ? 'C2 H5 N O2'     75.067  
HIS 'L-peptide linking' y HISTIDINE        ? 'C6 H10 N3 O2 1' 156.162 
HOH non-polymer         . WATER            ? 'H2 O'           18.015  
ILE 'L-peptide linking' y ISOLEUCINE       ? 'C6 H13 N O2'    131.173 
LEU 'L-peptide linking' y LEUCINE          ? 'C6 H13 N O2'    131.173 
LYS 'L-peptide linking' y LYSINE           ? 'C6 H15 N2 O2 1' 147.195 
MSE 'L-peptide linking' n SELENOMETHIONINE ? 'C5 H11 N O2 Se' 196.106 
PHE 'L-peptide linking' y PHENYLALANINE    ? 'C9 H11 N O2'    165.189 
PRO 'L-peptide linking' y PROLINE          ? 'C5 H9 N O2'     115.130 
SER 'L-peptide linking' y SERINE           ? 'C3 H7 N O3'     105.093 
THR 'L-peptide linking' y THREONINE        ? 'C4 H9 N O3'     119.119 
TRP 'L-peptide linking' y TRYPTOPHAN       ? 'C11 H12 N2 O2'  204.225 
TYR 'L-peptide linking' y TYROSINE         ? 'C9 H11 N O3'    181.189 
VAL 'L-peptide linking' y VALINE           ? 'C5 H11 N O2'    117.146 
# 
loop_
_pdbx_poly_seq_scheme.asym_id 
_pdbx_poly_seq_scheme.entity_id 
_pdbx_poly_seq_scheme.seq_id 
_pdbx_poly_seq_scheme.mon_id 
_pdbx_poly_seq_scheme.ndb_seq_num 
_pdbx_poly_seq_scheme.pdb_seq_num 
_pdbx_poly_seq_scheme.auth_seq_num 
_pdbx_poly_seq_scheme.pdb_mon_id 
_pdbx_poly_seq_scheme.auth_mon_id 
_pdbx_poly_seq_scheme.pdb_strand_id 
_pdbx_poly_seq_scheme.pdb_ins_code 
_pdbx_poly_seq_scheme.hetero 
A 1 1   MSE 1   -18 ?   ?   ?   A . n 
A 1 2   GLY 2   -17 ?   ?   ?   A . n 
A 1 3   SER 3   -16 ?   ?   ?   A . n 
A 1 4   ASP 4   -15 ?   ?   ?   A . n 
A 1 5   LYS 5   -14 ?   ?   ?   A . n 
A 1 6   ILE 6   -13 ?   ?   ?   A . n 
A 1 7   HIS 7   -12 ?   ?   ?   A . n 
A 1 8   HIS 8   -11 ?   ?   ?   A . n 
A 1 9   HIS 9   -10 ?   ?   ?   A . n 
A 1 10  HIS 10  -9  ?   ?   ?   A . n 
A 1 11  HIS 11  -8  ?   ?   ?   A . n 
A 1 12  HIS 12  -7  ?   ?   ?   A . n 
A 1 13  GLU 13  -6  ?   ?   ?   A . n 
A 1 14  ASN 14  -5  ?   ?   ?   A . n 
A 1 15  LEU 15  -4  ?   ?   ?   A . n 
A 1 16  TYR 16  -3  ?   ?   ?   A . n 
A 1 17  PHE 17  -2  ?   ?   ?   A . n 
A 1 18  GLN 18  -1  ?   ?   ?   A . n 
A 1 19  GLY 19  0   0   GLY GLY A . n 
A 1 20  MSE 20  1   1   MSE MSE A . n 
A 1 21  LEU 21  2   2   LEU LEU A . n 
A 1 22  PHE 22  3   3   PHE PHE A . n 
A 1 23  HIS 23  4   4   HIS HIS A . n 
A 1 24  GLN 24  5   5   GLN GLN A . n 
A 1 25  VAL 25  6   6   VAL VAL A . n 
A 1 26  PHE 26  7   7   PHE PHE A . n 
A 1 27  PHE 27  8   8   PHE PHE A . n 
A 1 28  TRP 28  9   9   TRP TRP A . n 
A 1 29  LEU 29  10  10  LEU LEU A . n 
A 1 30  LYS 30  11  11  LYS LYS A . n 
A 1 31  ASN 31  12  12  ASN ASN A . n 
A 1 32  PRO 32  13  13  PRO PRO A . n 
A 1 33  GLY 33  14  14  GLY GLY A . n 
A 1 34  ASP 34  15  15  ASP ASP A . n 
A 1 35  LYS 35  16  16  LYS LYS A . n 
A 1 36  ALA 36  17  17  ALA ALA A . n 
A 1 37  ASP 37  18  18  ASP ASP A . n 
A 1 38  ARG 38  19  19  ARG ARG A . n 
A 1 39  ASP 39  20  20  ASP ASP A . n 
A 1 40  LYS 40  21  21  LYS LYS A . n 
A 1 41  LEU 41  22  22  LEU LEU A . n 
A 1 42  ILE 42  23  23  ILE ILE A . n 
A 1 43  ALA 43  24  24  ALA ALA A . n 
A 1 44  GLY 44  25  25  GLY GLY A . n 
A 1 45  LEU 45  26  26  LEU LEU A . n 
A 1 46  LYS 46  27  27  LYS LYS A . n 
A 1 47  ALA 47  28  28  ALA ALA A . n 
A 1 48  LEU 48  29  29  LEU LEU A . n 
A 1 49  LYS 49  30  30  LYS LYS A . n 
A 1 50  ALA 50  31  31  ALA ALA A . n 
A 1 51  ILE 51  32  32  ILE ILE A . n 
A 1 52  ASP 52  33  33  ASP ASP A . n 
A 1 53  VAL 53  34  34  VAL VAL A . n 
A 1 54  ILE 54  35  35  ILE ILE A . n 
A 1 55  GLN 55  36  36  GLN GLN A . n 
A 1 56  GLN 56  37  37  GLN GLN A . n 
A 1 57  LEU 57  38  38  LEU LEU A . n 
A 1 58  HIS 58  39  39  HIS HIS A . n 
A 1 59  VAL 59  40  40  VAL VAL A . n 
A 1 60  GLY 60  41  41  GLY GLY A . n 
A 1 61  VAL 61  42  42  VAL VAL A . n 
A 1 62  PRO 62  43  43  PRO PRO A . n 
A 1 63  ALA 63  44  44  ALA ALA A . n 
A 1 64  ALA 64  45  45  ALA ALA A . n 
A 1 65  THR 65  46  46  THR THR A . n 
A 1 66  GLU 66  47  47  GLU GLU A . n 
A 1 67  LYS 67  48  48  LYS LYS A . n 
A 1 68  ARG 68  49  49  ARG ARG A . n 
A 1 69  ASP 69  50  50  ASP ASP A . n 
A 1 70  VAL 70  51  51  VAL VAL A . n 
A 1 71  VAL 71  52  52  VAL VAL A . n 
A 1 72  ASP 72  53  53  ASP ASP A . n 
A 1 73  ASN 73  54  54  ASN ASN A . n 
A 1 74  SER 74  55  55  SER SER A . n 
A 1 75  TYR 75  56  56  TYR TYR A . n 
A 1 76  ASP 76  57  57  ASP ASP A . n 
A 1 77  VAL 77  58  58  VAL VAL A . n 
A 1 78  SER 78  59  59  SER SER A . n 
A 1 79  GLU 79  60  60  GLU GLU A . n 
A 1 80  LEU 80  61  61  LEU LEU A . n 
A 1 81  MSE 81  62  62  MSE MSE A . n 
A 1 82  VAL 82  63  63  VAL VAL A . n 
A 1 83  PHE 83  64  64  PHE PHE A . n 
A 1 84  LYS 84  65  65  LYS LYS A . n 
A 1 85  SER 85  66  66  SER SER A . n 
A 1 86  VAL 86  67  67  VAL VAL A . n 
A 1 87  GLU 87  68  68  GLU GLU A . n 
A 1 88  ASP 88  69  69  ASP ASP A . n 
A 1 89  GLN 89  70  70  GLN GLN A . n 
A 1 90  LYS 90  71  71  LYS LYS A . n 
A 1 91  ARG 91  72  72  ARG ARG A . n 
A 1 92  TYR 92  73  73  TYR TYR A . n 
A 1 93  ARG 93  74  74  ARG ARG A . n 
A 1 94  ASP 94  75  75  ASP ASP A . n 
A 1 95  HIS 95  76  76  HIS HIS A . n 
A 1 96  PRO 96  77  77  PRO PRO A . n 
A 1 97  LEU 97  78  78  LEU LEU A . n 
A 1 98  LEU 98  79  79  LEU LEU A . n 
A 1 99  GLN 99  80  80  GLN GLN A . n 
A 1 100 LYS 100 81  81  LYS LYS A . n 
A 1 101 PHE 101 82  82  PHE PHE A . n 
A 1 102 VAL 102 83  83  VAL VAL A . n 
A 1 103 ALA 103 84  84  ALA ALA A . n 
A 1 104 ASP 104 85  85  ASP ASP A . n 
A 1 105 CYS 105 86  86  CYS CYS A . n 
A 1 106 SER 106 87  87  SER SER A . n 
A 1 107 HIS 107 88  88  HIS HIS A . n 
A 1 108 LEU 108 89  89  LEU LEU A . n 
A 1 109 TRP 109 90  90  TRP TRP A . n 
A 1 110 SER 110 91  91  SER SER A . n 
A 1 111 LYS 111 92  92  LYS LYS A . n 
A 1 112 VAL 112 93  93  VAL VAL A . n 
A 1 113 VAL 113 94  94  VAL VAL A . n 
A 1 114 VAL 114 95  95  VAL VAL A . n 
A 1 115 TYR 115 96  96  TYR TYR A . n 
A 1 116 ASP 116 97  97  ASP ASP A . n 
A 1 117 SER 117 98  98  SER SER A . n 
A 1 118 MSE 118 99  99  MSE MSE A . n 
A 1 119 SER 119 100 100 SER SER A . n 
A 1 120 VAL 120 101 101 VAL VAL A . n 
# 
loop_
_pdbx_nonpoly_scheme.asym_id 
_pdbx_nonpoly_scheme.entity_id 
_pdbx_nonpoly_scheme.mon_id 
_pdbx_nonpoly_scheme.ndb_seq_num 
_pdbx_nonpoly_scheme.pdb_seq_num 
_pdbx_nonpoly_scheme.auth_seq_num 
_pdbx_nonpoly_scheme.pdb_mon_id 
_pdbx_nonpoly_scheme.auth_mon_id 
_pdbx_nonpoly_scheme.pdb_strand_id 
_pdbx_nonpoly_scheme.pdb_ins_code 
B 2 ACT 1  102 1  ACT ACT A . 
C 3 HOH 1  103 2  HOH HOH A . 
C 3 HOH 2  104 3  HOH HOH A . 
C 3 HOH 3  105 4  HOH HOH A . 
C 3 HOH 4  106 5  HOH HOH A . 
C 3 HOH 5  107 6  HOH HOH A . 
C 3 HOH 6  108 7  HOH HOH A . 
C 3 HOH 7  109 8  HOH HOH A . 
C 3 HOH 8  110 9  HOH HOH A . 
C 3 HOH 9  111 10 HOH HOH A . 
C 3 HOH 10 112 11 HOH HOH A . 
C 3 HOH 11 113 12 HOH HOH A . 
C 3 HOH 12 114 13 HOH HOH A . 
C 3 HOH 13 115 14 HOH HOH A . 
C 3 HOH 14 116 15 HOH HOH A . 
C 3 HOH 15 117 16 HOH HOH A . 
C 3 HOH 16 118 17 HOH HOH A . 
C 3 HOH 17 119 18 HOH HOH A . 
C 3 HOH 18 120 19 HOH HOH A . 
C 3 HOH 19 121 20 HOH HOH A . 
C 3 HOH 20 122 21 HOH HOH A . 
C 3 HOH 21 123 22 HOH HOH A . 
C 3 HOH 22 124 23 HOH HOH A . 
C 3 HOH 23 125 24 HOH HOH A . 
C 3 HOH 24 126 25 HOH HOH A . 
C 3 HOH 25 127 26 HOH HOH A . 
C 3 HOH 26 128 27 HOH HOH A . 
C 3 HOH 27 129 28 HOH HOH A . 
C 3 HOH 28 130 29 HOH HOH A . 
C 3 HOH 29 131 30 HOH HOH A . 
C 3 HOH 30 132 31 HOH HOH A . 
C 3 HOH 31 133 32 HOH HOH A . 
C 3 HOH 32 134 33 HOH HOH A . 
C 3 HOH 33 135 34 HOH HOH A . 
C 3 HOH 34 136 35 HOH HOH A . 
C 3 HOH 35 137 36 HOH HOH A . 
C 3 HOH 36 138 37 HOH HOH A . 
C 3 HOH 37 139 38 HOH HOH A . 
C 3 HOH 38 140 39 HOH HOH A . 
C 3 HOH 39 141 40 HOH HOH A . 
C 3 HOH 40 142 41 HOH HOH A . 
C 3 HOH 41 143 42 HOH HOH A . 
C 3 HOH 42 144 43 HOH HOH A . 
C 3 HOH 43 145 44 HOH HOH A . 
C 3 HOH 44 146 45 HOH HOH A . 
C 3 HOH 45 147 46 HOH HOH A . 
C 3 HOH 46 148 47 HOH HOH A . 
C 3 HOH 47 149 48 HOH HOH A . 
C 3 HOH 48 150 49 HOH HOH A . 
C 3 HOH 49 151 50 HOH HOH A . 
C 3 HOH 50 152 51 HOH HOH A . 
C 3 HOH 51 153 52 HOH HOH A . 
C 3 HOH 52 154 53 HOH HOH A . 
C 3 HOH 53 155 54 HOH HOH A . 
C 3 HOH 54 156 55 HOH HOH A . 
C 3 HOH 55 157 56 HOH HOH A . 
C 3 HOH 56 158 57 HOH HOH A . 
C 3 HOH 57 159 58 HOH HOH A . 
C 3 HOH 58 160 59 HOH HOH A . 
C 3 HOH 59 161 60 HOH HOH A . 
C 3 HOH 60 162 61 HOH HOH A . 
C 3 HOH 61 163 62 HOH HOH A . 
C 3 HOH 62 164 63 HOH HOH A . 
C 3 HOH 63 165 64 HOH HOH A . 
C 3 HOH 64 166 65 HOH HOH A . 
C 3 HOH 65 167 66 HOH HOH A . 
C 3 HOH 66 168 67 HOH HOH A . 
C 3 HOH 67 169 68 HOH HOH A . 
C 3 HOH 68 170 69 HOH HOH A . 
C 3 HOH 69 171 70 HOH HOH A . 
C 3 HOH 70 172 71 HOH HOH A . 
C 3 HOH 71 173 72 HOH HOH A . 
C 3 HOH 72 174 73 HOH HOH A . 
# 
loop_
_pdbx_unobs_or_zero_occ_atoms.id 
_pdbx_unobs_or_zero_occ_atoms.PDB_model_num 
_pdbx_unobs_or_zero_occ_atoms.polymer_flag 
_pdbx_unobs_or_zero_occ_atoms.occupancy_flag 
_pdbx_unobs_or_zero_occ_atoms.auth_asym_id 
_pdbx_unobs_or_zero_occ_atoms.auth_comp_id 
_pdbx_unobs_or_zero_occ_atoms.auth_seq_id 
_pdbx_unobs_or_zero_occ_atoms.PDB_ins_code 
_pdbx_unobs_or_zero_occ_atoms.auth_atom_id 
_pdbx_unobs_or_zero_occ_atoms.label_alt_id 
_pdbx_unobs_or_zero_occ_atoms.label_asym_id 
_pdbx_unobs_or_zero_occ_atoms.label_comp_id 
_pdbx_unobs_or_zero_occ_atoms.label_seq_id 
_pdbx_unobs_or_zero_occ_atoms.label_atom_id 
1  1 Y 1 A LYS 21 ? CE  ? A LYS 40  CE  
2  1 Y 1 A LYS 21 ? NZ  ? A LYS 40  NZ  
3  1 Y 1 A GLU 47 ? CG  ? A GLU 66  CG  
4  1 Y 1 A GLU 47 ? CD  ? A GLU 66  CD  
5  1 Y 1 A GLU 47 ? OE1 ? A GLU 66  OE1 
6  1 Y 1 A GLU 47 ? OE2 ? A GLU 66  OE2 
7  1 Y 1 A LYS 71 ? CG  ? A LYS 90  CG  
8  1 Y 1 A LYS 71 ? CD  ? A LYS 90  CD  
9  1 Y 1 A LYS 71 ? CE  ? A LYS 90  CE  
10 1 Y 1 A LYS 71 ? NZ  ? A LYS 90  NZ  
11 1 Y 1 A LYS 81 ? CD  ? A LYS 100 CD  
12 1 Y 1 A LYS 81 ? CE  ? A LYS 100 CE  
13 1 Y 1 A LYS 81 ? NZ  ? A LYS 100 NZ  
# 
loop_
_software.name 
_software.version 
_software.date 
_software.type 
_software.contact_author 
_software.contact_author_email 
_software.classification 
_software.location 
_software.language 
_software.citation_id 
_software.pdbx_ordinal 
REFMAC      5.2.0019 ?              program 'Murshudov, G.N.'            ccp4@dl.ac.uk                        refinement        
http://www.ccp4.ac.uk/main.html              Fortran_77 ? 1 
PHENIX      .        ?              package 'P.D. Adams'                 PDAdams@lbl.gov                      refinement        
http://www.phenix-online.org/                C++        ? 2 
SHARP       .        ?              package 'de La Fortelle'             sharp-develop@globalphasing.com      phasing           
http://babinet.globalphasing.com/sharp/      ?          ? 3 
MolProbity  3beta29  ?              package 'D.C. & J.S. Richardson lab' molprobity@kinemage.biochem.duke.edu 'model building'  
http://kinemage.biochem.duke.edu/molprobity/ ?          ? 4 
SCALA       .        ?              other   'Phil Evans'                 pre@mrc-lmb.cam.ac.uk                'data scaling'    
http://www.ccp4.ac.uk/dist/html/INDEX.html   Fortran_77 ? 5 
PDB_EXTRACT 3.000    'July 2, 2007' package PDB                          sw-help@rcsb.rutgers.edu             'data extraction' 
http://pdb.rutgers.edu/software/             C++        ? 6 
MAR345      CCD      ?              ?       ?                            ?                                    'data collection' ? 
?          ? 7 
MOSFLM      .        ?              ?       ?                            ?                                    'data reduction'  ? 
?          ? 8 
# 
_cell.entry_id           3BN7 
_cell.length_a           47.921 
_cell.length_b           47.921 
_cell.length_c           167.352 
_cell.angle_alpha        90.000 
_cell.angle_beta         90.000 
_cell.angle_gamma        120.000 
_cell.pdbx_unique_axis   ? 
_cell.Z_PDB              12 
_cell.length_a_esd       ? 
_cell.length_b_esd       ? 
_cell.length_c_esd       ? 
_cell.angle_alpha_esd    ? 
_cell.angle_beta_esd     ? 
_cell.angle_gamma_esd    ? 
# 
_symmetry.entry_id                         3BN7 
_symmetry.Int_Tables_number                179 
_symmetry.space_group_name_H-M             'P 65 2 2' 
_symmetry.pdbx_full_space_group_name_H-M   ? 
_symmetry.cell_setting                     ? 
_symmetry.space_group_name_Hall            ? 
# 
_exptl.crystals_number   1 
_exptl.method            'X-RAY DIFFRACTION' 
_exptl.entry_id          3BN7 
# 
_exptl_crystal.id                    1 
_exptl_crystal.density_Matthews      1.96 
_exptl_crystal.density_meas          ? 
_exptl_crystal.density_percent_sol   37.30 
_exptl_crystal.description           ? 
_exptl_crystal.F_000                 ? 
_exptl_crystal.preparation           ? 
# 
_exptl_crystal_grow.crystal_id      1 
_exptl_crystal_grow.method          'VAPOR DIFFUSION, SITTING DROP' 
_exptl_crystal_grow.pH              4.5 
_exptl_crystal_grow.temp            277 
_exptl_crystal_grow.pdbx_details    'NANODROP, 40.0% PEG 400, 0.1M Acetate pH 4.5, VAPOR DIFFUSION, SITTING DROP, temperature 277K' 
_exptl_crystal_grow.temp_details    ? 
_exptl_crystal_grow.pdbx_pH_range   . 
# 
_diffrn.id                     1 
_diffrn.ambient_temp           100 
_diffrn.ambient_temp_details   ? 
_diffrn.crystal_id             1 
# 
_diffrn_detector.diffrn_id              1 
_diffrn_detector.detector               CCD 
_diffrn_detector.type                   'MARMOSAIC 325 mm CCD' 
_diffrn_detector.details                'Flat mirror (vertical focusing)' 
_diffrn_detector.pdbx_collection_date   2007-11-20 
# 
_diffrn_radiation.diffrn_id                        1 
_diffrn_radiation.pdbx_monochromatic_or_laue_m_l   M 
_diffrn_radiation.monochromator                    'Single crystal Si(111) bent (horizontal focusing)' 
_diffrn_radiation.pdbx_diffrn_protocol             MAD 
_diffrn_radiation.wavelength_id                    1 
_diffrn_radiation.pdbx_scattering_type             x-ray 
# 
loop_
_diffrn_radiation_wavelength.id 
_diffrn_radiation_wavelength.wavelength 
_diffrn_radiation_wavelength.wt 
1 0.91837 1.0 
2 0.97954 1.0 
3 0.97916 1.0 
# 
_diffrn_source.diffrn_id                   1 
_diffrn_source.source                      SYNCHROTRON 
_diffrn_source.pdbx_synchrotron_beamline   BL11-1 
_diffrn_source.type                        'SSRL BEAMLINE BL11-1' 
_diffrn_source.pdbx_wavelength_list        '0.91837, 0.97954, 0.97916' 
_diffrn_source.pdbx_wavelength             ? 
_diffrn_source.pdbx_synchrotron_site       SSRL 
# 
_reflns.entry_id                     3BN7 
_reflns.d_resolution_high            1.64 
_reflns.d_resolution_low             29.463 
_reflns.number_obs                   14906 
_reflns.pdbx_Rmerge_I_obs            0.073 
_reflns.pdbx_netI_over_sigmaI        5.700 
_reflns.pdbx_Rsym_value              0.073 
_reflns.pdbx_redundancy              6.800 
_reflns.percent_possible_obs         100.000 
_reflns.observed_criterion_sigma_F   ? 
_reflns.observed_criterion_sigma_I   ? 
_reflns.number_all                   ? 
_reflns.B_iso_Wilson_estimate        25.76 
_reflns.R_free_details               ? 
_reflns.limit_h_max                  ? 
_reflns.limit_h_min                  ? 
_reflns.limit_k_max                  ? 
_reflns.limit_k_min                  ? 
_reflns.limit_l_max                  ? 
_reflns.limit_l_min                  ? 
_reflns.observed_criterion_F_max     ? 
_reflns.observed_criterion_F_min     ? 
_reflns.pdbx_chi_squared             ? 
_reflns.pdbx_scaling_rejects         ? 
_reflns.pdbx_ordinal                 1 
_reflns.pdbx_diffrn_id               1 
# 
loop_
_reflns_shell.d_res_high 
_reflns_shell.d_res_low 
_reflns_shell.number_measured_obs 
_reflns_shell.number_measured_all 
_reflns_shell.number_unique_obs 
_reflns_shell.Rmerge_I_obs 
_reflns_shell.meanI_over_sigI_obs 
_reflns_shell.pdbx_Rsym_value 
_reflns_shell.pdbx_chi_squared 
_reflns_shell.pdbx_redundancy 
_reflns_shell.percent_possible_obs 
_reflns_shell.number_unique_all 
_reflns_shell.percent_possible_all 
_reflns_shell.pdbx_ordinal 
_reflns_shell.pdbx_diffrn_id 
1.64 1.68   ? 7377 ? 1.096 0.7  1.096 ? 7.00 ? 1054 100.00 1  1 
1.68 1.73   ? 7323 ? 0.790 1.0  0.790 ? 7.00 ? 1050 100.00 2  1 
1.73 1.78   ? 7150 ? 0.596 1.3  0.596 ? 7.10 ? 1014 100.00 3  1 
1.78 1.83   ? 6756 ? 0.506 1.5  0.506 ? 7.00 ? 972  100.00 4  1 
1.83 1.89   ? 6715 ? 0.372 2.0  0.372 ? 7.00 ? 962  100.00 5  1 
1.89 1.96   ? 6369 ? 0.283 2.5  0.283 ? 7.00 ? 911  100.00 6  1 
1.96 2.03   ? 6254 ? 0.198 3.8  0.198 ? 6.90 ? 906  100.00 7  1 
2.03 2.12   ? 6029 ? 0.163 4.4  0.163 ? 7.00 ? 866  100.00 8  1 
2.12 2.21   ? 5766 ? 0.124 5.6  0.124 ? 6.90 ? 837  100.00 9  1 
2.21 2.32   ? 5520 ? 0.111 6.2  0.111 ? 6.90 ? 800  100.00 10 1 
2.32 2.44   ? 5297 ? 0.090 7.6  0.090 ? 6.90 ? 772  100.00 11 1 
2.44 2.59   ? 4978 ? 0.080 8.4  0.080 ? 6.80 ? 727  100.00 12 1 
2.59 2.77   ? 4694 ? 0.074 8.6  0.074 ? 6.80 ? 694  100.00 13 1 
2.77 2.99   ? 4446 ? 0.066 9.9  0.066 ? 6.80 ? 657  100.00 14 1 
2.99 3.28   ? 4010 ? 0.057 10.5 0.057 ? 6.70 ? 595  100.00 15 1 
3.28 3.67   ? 3684 ? 0.053 10.6 0.053 ? 6.60 ? 559  100.00 16 1 
3.67 4.23   ? 3215 ? 0.052 10.1 0.052 ? 6.40 ? 502  100.00 17 1 
4.23 5.19   ? 2715 ? 0.042 13.4 0.042 ? 6.20 ? 436  100.00 18 1 
5.19 7.33   ? 2081 ? 0.043 13.4 0.043 ? 5.90 ? 355  100.00 19 1 
7.33 29.463 ? 1135 ? 0.039 14.8 0.039 ? 4.80 ? 237  98.30  20 1 
# 
_refine.entry_id                                 3BN7 
_refine.ls_d_res_high                            1.640 
_refine.ls_d_res_low                             29.463 
_refine.pdbx_ls_sigma_F                          0.00 
_refine.ls_percent_reflns_obs                    99.990 
_refine.ls_number_reflns_obs                     14825 
_refine.pdbx_ls_cross_valid_method               THROUGHOUT 
_refine.pdbx_R_Free_selection_details            RANDOM 
_refine.details                                  
;1. HYDROGENS HAVE BEEN ADDED IN THE RIDING POSITIONS.
 2. A MET-INHIBITION PROTOCOL WAS USED FOR
 SELENOMETHIONINE INCORPORATION DURING PROTEIN EXPRESSION. THE
 OCCUPANCY OF THE SE ATOMS IN THE MSE RESIDUES WAS REDUCED TO
 0.75 FOR THE REDUCED SCATTERING POWER DUE TO PARTIAL S-MET
 INCORPORATION.
 3. ATOM RECORD CONTAINS RESIDUAL B FACTORS ONLY.
 4. ACT MODELED BASED ON CRYSTALLIZATION CONDITIONS.
;
_refine.ls_R_factor_obs                          0.200 
_refine.ls_R_factor_R_work                       0.199 
_refine.ls_R_factor_R_free                       0.233 
_refine.ls_percent_reflns_R_free                 5.100 
_refine.ls_number_reflns_R_free                  750 
_refine.B_iso_mean                               20.384 
_refine.aniso_B[1][1]                            0.830 
_refine.aniso_B[2][2]                            0.830 
_refine.aniso_B[3][3]                            -1.240 
_refine.aniso_B[1][2]                            0.410 
_refine.aniso_B[1][3]                            0.000 
_refine.aniso_B[2][3]                            0.000 
_refine.correlation_coeff_Fo_to_Fc               0.959 
_refine.correlation_coeff_Fo_to_Fc_free          0.948 
_refine.pdbx_overall_ESU_R                       0.099 
_refine.pdbx_overall_ESU_R_Free                  0.099 
_refine.overall_SU_ML                            0.067 
_refine.overall_SU_B                             3.885 
_refine.solvent_model_details                    MASK 
_refine.pdbx_solvent_vdw_probe_radii             1.200 
_refine.pdbx_solvent_ion_probe_radii             0.800 
_refine.pdbx_solvent_shrinkage_radii             0.800 
_refine.pdbx_method_to_determine_struct          MAD 
_refine.pdbx_stereochemistry_target_values       'MAXIMUM LIKELIHOOD' 
_refine.pdbx_ls_sigma_I                          ? 
_refine.ls_number_reflns_all                     ? 
_refine.ls_R_factor_all                          ? 
_refine.ls_redundancy_reflns_obs                 ? 
_refine.pdbx_data_cutoff_high_absF               ? 
_refine.pdbx_data_cutoff_low_absF                ? 
_refine.ls_number_parameters                     ? 
_refine.ls_number_restraints                     ? 
_refine.ls_R_factor_R_free_error                 ? 
_refine.ls_R_factor_R_free_error_details         ? 
_refine.pdbx_starting_model                      ? 
_refine.pdbx_stereochem_target_val_spec_case     ? 
_refine.solvent_model_param_bsol                 ? 
_refine.solvent_model_param_ksol                 ? 
_refine.occupancy_max                            ? 
_refine.occupancy_min                            ? 
_refine.pdbx_isotropic_thermal_model             ? 
_refine.B_iso_min                                ? 
_refine.B_iso_max                                ? 
_refine.overall_SU_R_Cruickshank_DPI             ? 
_refine.overall_SU_R_free                        ? 
_refine.pdbx_data_cutoff_high_rms_absF           ? 
_refine.ls_wR_factor_R_free                      ? 
_refine.ls_wR_factor_R_work                      ? 
_refine.overall_FOM_free_R_set                   ? 
_refine.overall_FOM_work_R_set                   ? 
_refine.pdbx_refine_id                           'X-RAY DIFFRACTION' 
_refine.pdbx_TLS_residual_ADP_flag               'LIKELY RESIDUAL' 
_refine.pdbx_diffrn_id                           1 
_refine.pdbx_overall_phase_error                 ? 
_refine.pdbx_overall_SU_R_free_Cruickshank_DPI   ? 
_refine.pdbx_overall_SU_R_Blow_DPI               ? 
_refine.pdbx_overall_SU_R_free_Blow_DPI          ? 
# 
_refine_hist.pdbx_refine_id                   'X-RAY DIFFRACTION' 
_refine_hist.cycle_id                         LAST 
_refine_hist.pdbx_number_atoms_protein        810 
_refine_hist.pdbx_number_atoms_nucleic_acid   0 
_refine_hist.pdbx_number_atoms_ligand         4 
_refine_hist.number_atoms_solvent             72 
_refine_hist.number_atoms_total               886 
_refine_hist.d_res_high                       1.640 
_refine_hist.d_res_low                        29.463 
# 
loop_
_refine_ls_restr.type 
_refine_ls_restr.number 
_refine_ls_restr.dev_ideal 
_refine_ls_restr.dev_ideal_target 
_refine_ls_restr.weight 
_refine_ls_restr.pdbx_refine_id 
_refine_ls_restr.pdbx_restraint_function 
r_bond_refined_d         874  0.018  0.022  ? 'X-RAY DIFFRACTION' ? 
r_bond_other_d           580  0.008  0.020  ? 'X-RAY DIFFRACTION' ? 
r_angle_refined_deg      1192 1.713  1.948  ? 'X-RAY DIFFRACTION' ? 
r_angle_other_deg        1428 0.985  3.000  ? 'X-RAY DIFFRACTION' ? 
r_dihedral_angle_1_deg   115  5.399  5.000  ? 'X-RAY DIFFRACTION' ? 
r_dihedral_angle_2_deg   41   31.013 24.634 ? 'X-RAY DIFFRACTION' ? 
r_dihedral_angle_3_deg   158  14.551 15.000 ? 'X-RAY DIFFRACTION' ? 
r_dihedral_angle_4_deg   4    29.394 15.000 ? 'X-RAY DIFFRACTION' ? 
r_chiral_restr           133  0.105  0.200  ? 'X-RAY DIFFRACTION' ? 
r_gen_planes_refined     982  0.007  0.020  ? 'X-RAY DIFFRACTION' ? 
r_gen_planes_other       176  0.001  0.020  ? 'X-RAY DIFFRACTION' ? 
r_nbd_refined            159  0.219  0.200  ? 'X-RAY DIFFRACTION' ? 
r_nbd_other              576  0.192  0.200  ? 'X-RAY DIFFRACTION' ? 
r_nbtor_refined          418  0.180  0.200  ? 'X-RAY DIFFRACTION' ? 
r_nbtor_other            471  0.088  0.200  ? 'X-RAY DIFFRACTION' ? 
r_xyhbond_nbd_refined    46   0.175  0.200  ? 'X-RAY DIFFRACTION' ? 
r_symmetry_vdw_refined   10   0.179  0.200  ? 'X-RAY DIFFRACTION' ? 
r_symmetry_vdw_other     22   0.303  0.200  ? 'X-RAY DIFFRACTION' ? 
r_symmetry_hbond_refined 9    0.132  0.200  ? 'X-RAY DIFFRACTION' ? 
r_mcbond_it              577  1.354  1.500  ? 'X-RAY DIFFRACTION' ? 
r_mcbond_other           211  0.328  1.500  ? 'X-RAY DIFFRACTION' ? 
r_mcangle_it             865  1.781  2.000  ? 'X-RAY DIFFRACTION' ? 
r_scbond_it              380  2.697  3.000  ? 'X-RAY DIFFRACTION' ? 
r_scangle_it             320  3.596  4.500  ? 'X-RAY DIFFRACTION' ? 
# 
_refine_ls_shell.d_res_high                       1.640 
_refine_ls_shell.d_res_low                        1.682 
_refine_ls_shell.pdbx_total_number_of_bins_used   20 
_refine_ls_shell.percent_reflns_obs               100.000 
_refine_ls_shell.number_reflns_R_work             971 
_refine_ls_shell.R_factor_all                     ? 
_refine_ls_shell.R_factor_R_work                  0.307 
_refine_ls_shell.R_factor_R_free                  0.334 
_refine_ls_shell.percent_reflns_R_free            ? 
_refine_ls_shell.number_reflns_R_free             76 
_refine_ls_shell.R_factor_R_free_error            ? 
_refine_ls_shell.number_reflns_all                1047 
_refine_ls_shell.number_reflns_obs                ? 
_refine_ls_shell.redundancy_reflns_obs            ? 
_refine_ls_shell.pdbx_refine_id                   'X-RAY DIFFRACTION' 
# 
_struct.entry_id                  3BN7 
_struct.title                     
'CRYSTAL STRUCTURE OF A DIMERIC FERREDOXIN-LIKE PROTEIN (CC_2267) FROM CAULOBACTER CRESCENTUS CB15 AT 1.64 A RESOLUTION' 
_struct.pdbx_model_details        ? 
_struct.pdbx_CASP_flag            ? 
_struct.pdbx_model_type_details   ? 
# 
_struct_keywords.text            
;DIMERIC FERREDOXIN-LIKE PROTEIN, STRESS RESPONSIVE A/B BARREL DOMAIN, STRUCTURAL GENOMICS, JOINT CENTER FOR STRUCTURAL GENOMICS, JCSG, PROTEIN STRUCTURE INITIATIVE, PSI-2, UNKNOWN FUNCTION
;
_struct_keywords.pdbx_keywords   'UNKNOWN FUNCTION' 
_struct_keywords.entry_id        3BN7 
# 
loop_
_struct_asym.id 
_struct_asym.pdbx_blank_PDB_chainid_flag 
_struct_asym.pdbx_modified 
_struct_asym.entity_id 
_struct_asym.details 
A N N 1 ? 
B N N 2 ? 
C N N 3 ? 
# 
_struct_ref.id                         1 
_struct_ref.db_name                    UNP 
_struct_ref.db_code                    Q9A628_CAUCR 
_struct_ref.pdbx_db_accession          Q9A628 
_struct_ref.entity_id                  1 
_struct_ref.pdbx_seq_one_letter_code   
;MLFHQVFFWLKNPGDKADRDKLIAGLKALKAIDVIQQLHVGVPAATEKRDVVDNSYDVSELMVFKSVEDQKRYRDHPLLQ
KFVADCSHLWSKVVVYDSMSV
;
_struct_ref.pdbx_align_begin           1 
_struct_ref.pdbx_db_isoform            ? 
# 
_struct_ref_seq.align_id                      1 
_struct_ref_seq.ref_id                        1 
_struct_ref_seq.pdbx_PDB_id_code              3BN7 
_struct_ref_seq.pdbx_strand_id                A 
_struct_ref_seq.seq_align_beg                 20 
_struct_ref_seq.pdbx_seq_align_beg_ins_code   ? 
_struct_ref_seq.seq_align_end                 120 
_struct_ref_seq.pdbx_seq_align_end_ins_code   ? 
_struct_ref_seq.pdbx_db_accession             Q9A628 
_struct_ref_seq.db_align_beg                  1 
_struct_ref_seq.pdbx_db_align_beg_ins_code    ? 
_struct_ref_seq.db_align_end                  101 
_struct_ref_seq.pdbx_db_align_end_ins_code    ? 
_struct_ref_seq.pdbx_auth_seq_align_beg       1 
_struct_ref_seq.pdbx_auth_seq_align_end       101 
# 
loop_
_struct_ref_seq_dif.align_id 
_struct_ref_seq_dif.pdbx_pdb_id_code 
_struct_ref_seq_dif.mon_id 
_struct_ref_seq_dif.pdbx_pdb_strand_id 
_struct_ref_seq_dif.seq_num 
_struct_ref_seq_dif.pdbx_pdb_ins_code 
_struct_ref_seq_dif.pdbx_seq_db_name 
_struct_ref_seq_dif.pdbx_seq_db_accession_code 
_struct_ref_seq_dif.db_mon_id 
_struct_ref_seq_dif.pdbx_seq_db_seq_num 
_struct_ref_seq_dif.details 
_struct_ref_seq_dif.pdbx_auth_seq_num 
_struct_ref_seq_dif.pdbx_ordinal 
1 3BN7 MSE A 1  ? UNP Q9A628 ? ? 'expression tag' -18 1  
1 3BN7 GLY A 2  ? UNP Q9A628 ? ? 'expression tag' -17 2  
1 3BN7 SER A 3  ? UNP Q9A628 ? ? 'expression tag' -16 3  
1 3BN7 ASP A 4  ? UNP Q9A628 ? ? 'expression tag' -15 4  
1 3BN7 LYS A 5  ? UNP Q9A628 ? ? 'expression tag' -14 5  
1 3BN7 ILE A 6  ? UNP Q9A628 ? ? 'expression tag' -13 6  
1 3BN7 HIS A 7  ? UNP Q9A628 ? ? 'expression tag' -12 7  
1 3BN7 HIS A 8  ? UNP Q9A628 ? ? 'expression tag' -11 8  
1 3BN7 HIS A 9  ? UNP Q9A628 ? ? 'expression tag' -10 9  
1 3BN7 HIS A 10 ? UNP Q9A628 ? ? 'expression tag' -9  10 
1 3BN7 HIS A 11 ? UNP Q9A628 ? ? 'expression tag' -8  11 
1 3BN7 HIS A 12 ? UNP Q9A628 ? ? 'expression tag' -7  12 
1 3BN7 GLU A 13 ? UNP Q9A628 ? ? 'expression tag' -6  13 
1 3BN7 ASN A 14 ? UNP Q9A628 ? ? 'expression tag' -5  14 
1 3BN7 LEU A 15 ? UNP Q9A628 ? ? 'expression tag' -4  15 
1 3BN7 TYR A 16 ? UNP Q9A628 ? ? 'expression tag' -3  16 
1 3BN7 PHE A 17 ? UNP Q9A628 ? ? 'expression tag' -2  17 
1 3BN7 GLN A 18 ? UNP Q9A628 ? ? 'expression tag' -1  18 
1 3BN7 GLY A 19 ? UNP Q9A628 ? ? 'expression tag' 0   19 
# 
_pdbx_struct_assembly.id                   1 
_pdbx_struct_assembly.details              software_defined_assembly 
_pdbx_struct_assembly.method_details       PISA 
_pdbx_struct_assembly.oligomeric_details   dimeric 
_pdbx_struct_assembly.oligomeric_count     2 
# 
_pdbx_struct_assembly_prop.biol_id   1 
_pdbx_struct_assembly_prop.type      'ABSA (A^2)' 
_pdbx_struct_assembly_prop.value     3020 
_pdbx_struct_assembly_prop.details   ? 
# 
_pdbx_struct_assembly_gen.assembly_id       1 
_pdbx_struct_assembly_gen.oper_expression   1,2 
_pdbx_struct_assembly_gen.asym_id_list      A,B,C 
# 
loop_
_pdbx_struct_oper_list.id 
_pdbx_struct_oper_list.type 
_pdbx_struct_oper_list.name 
_pdbx_struct_oper_list.symmetry_operation 
_pdbx_struct_oper_list.matrix[1][1] 
_pdbx_struct_oper_list.matrix[1][2] 
_pdbx_struct_oper_list.matrix[1][3] 
_pdbx_struct_oper_list.vector[1] 
_pdbx_struct_oper_list.matrix[2][1] 
_pdbx_struct_oper_list.matrix[2][2] 
_pdbx_struct_oper_list.matrix[2][3] 
_pdbx_struct_oper_list.vector[2] 
_pdbx_struct_oper_list.matrix[3][1] 
_pdbx_struct_oper_list.matrix[3][2] 
_pdbx_struct_oper_list.matrix[3][3] 
_pdbx_struct_oper_list.vector[3] 
1 'identity operation'         1_555  x,y,z            1.0000000000  0.0000000000 0.0000000000  0.0000000000   0.0000000000 1.0000000000 0.0000000000  0.0000000000 0.0000000000  0.0000000000  1.0000000000  0.0000000000 
2 'crystal symmetry operation' 10_665 -y+1,-x+1,-z+1/6 -0.6245485716 0.6882137842 -0.3691894758 -15.6902901042 0.6882137842 0.2615166087 -0.6767354362 9.2864141047 -0.3691894758 -0.6767354362 -0.6369680371 1.3545791329 
# 
_struct_biol.id        1 
_struct_biol.details   ? 
# 
loop_
_struct_conf.conf_type_id 
_struct_conf.id 
_struct_conf.pdbx_PDB_helix_id 
_struct_conf.beg_label_comp_id 
_struct_conf.beg_label_asym_id 
_struct_conf.beg_label_seq_id 
_struct_conf.pdbx_beg_PDB_ins_code 
_struct_conf.end_label_comp_id 
_struct_conf.end_label_asym_id 
_struct_conf.end_label_seq_id 
_struct_conf.pdbx_end_PDB_ins_code 
_struct_conf.beg_auth_comp_id 
_struct_conf.beg_auth_asym_id 
_struct_conf.beg_auth_seq_id 
_struct_conf.end_auth_comp_id 
_struct_conf.end_auth_asym_id 
_struct_conf.end_auth_seq_id 
_struct_conf.pdbx_PDB_helix_class 
_struct_conf.details 
_struct_conf.pdbx_PDB_helix_length 
HELX_P HELX_P1 1 ASP A 34 ? ALA A 47  ? ASP A 15 ALA A 28 1 ? 14 
HELX_P HELX_P2 2 LEU A 48 ? ILE A 51  ? LEU A 29 ILE A 32 5 ? 4  
HELX_P HELX_P3 3 SER A 85 ? ASP A 94  ? SER A 66 ASP A 75 1 ? 10 
HELX_P HELX_P4 4 HIS A 95 ? SER A 106 ? HIS A 76 SER A 87 1 ? 12 
# 
_struct_conf_type.id          HELX_P 
_struct_conf_type.criteria    ? 
_struct_conf_type.reference   ? 
# 
loop_
_struct_conn.id 
_struct_conn.conn_type_id 
_struct_conn.pdbx_leaving_atom_flag 
_struct_conn.pdbx_PDB_id 
_struct_conn.ptnr1_label_asym_id 
_struct_conn.ptnr1_label_comp_id 
_struct_conn.ptnr1_label_seq_id 
_struct_conn.ptnr1_label_atom_id 
_struct_conn.pdbx_ptnr1_label_alt_id 
_struct_conn.pdbx_ptnr1_PDB_ins_code 
_struct_conn.pdbx_ptnr1_standard_comp_id 
_struct_conn.ptnr1_symmetry 
_struct_conn.ptnr2_label_asym_id 
_struct_conn.ptnr2_label_comp_id 
_struct_conn.ptnr2_label_seq_id 
_struct_conn.ptnr2_label_atom_id 
_struct_conn.pdbx_ptnr2_label_alt_id 
_struct_conn.pdbx_ptnr2_PDB_ins_code 
_struct_conn.ptnr1_auth_asym_id 
_struct_conn.ptnr1_auth_comp_id 
_struct_conn.ptnr1_auth_seq_id 
_struct_conn.ptnr2_auth_asym_id 
_struct_conn.ptnr2_auth_comp_id 
_struct_conn.ptnr2_auth_seq_id 
_struct_conn.ptnr2_symmetry 
_struct_conn.pdbx_ptnr3_label_atom_id 
_struct_conn.pdbx_ptnr3_label_seq_id 
_struct_conn.pdbx_ptnr3_label_comp_id 
_struct_conn.pdbx_ptnr3_label_asym_id 
_struct_conn.pdbx_ptnr3_label_alt_id 
_struct_conn.pdbx_ptnr3_PDB_ins_code 
_struct_conn.details 
_struct_conn.pdbx_dist_value 
_struct_conn.pdbx_value_order 
_struct_conn.pdbx_role 
covale1 covale both ? A GLY 19  C ? ? ? 1_555 A MSE 20  N ? ? A GLY 0  A MSE 1   1_555 ? ? ? ? ? ? ? 1.327 ? ? 
covale2 covale both ? A MSE 20  C ? ? ? 1_555 A LEU 21  N ? ? A MSE 1  A LEU 2   1_555 ? ? ? ? ? ? ? 1.330 ? ? 
covale3 covale both ? A LEU 80  C ? ? ? 1_555 A MSE 81  N ? ? A LEU 61 A MSE 62  1_555 ? ? ? ? ? ? ? 1.330 ? ? 
covale4 covale both ? A MSE 81  C ? ? ? 1_555 A VAL 82  N ? ? A MSE 62 A VAL 63  1_555 ? ? ? ? ? ? ? 1.335 ? ? 
covale5 covale both ? A SER 117 C ? ? ? 1_555 A MSE 118 N ? ? A SER 98 A MSE 99  1_555 ? ? ? ? ? ? ? 1.327 ? ? 
covale6 covale both ? A MSE 118 C ? ? ? 1_555 A SER 119 N ? ? A MSE 99 A SER 100 1_555 ? ? ? ? ? ? ? 1.331 ? ? 
# 
_struct_conn_type.id          covale 
_struct_conn_type.criteria    ? 
_struct_conn_type.reference   ? 
# 
loop_
_pdbx_modification_feature.ordinal 
_pdbx_modification_feature.label_comp_id 
_pdbx_modification_feature.label_asym_id 
_pdbx_modification_feature.label_seq_id 
_pdbx_modification_feature.label_alt_id 
_pdbx_modification_feature.modified_residue_label_comp_id 
_pdbx_modification_feature.modified_residue_label_asym_id 
_pdbx_modification_feature.modified_residue_label_seq_id 
_pdbx_modification_feature.modified_residue_label_alt_id 
_pdbx_modification_feature.auth_comp_id 
_pdbx_modification_feature.auth_asym_id 
_pdbx_modification_feature.auth_seq_id 
_pdbx_modification_feature.PDB_ins_code 
_pdbx_modification_feature.symmetry 
_pdbx_modification_feature.modified_residue_auth_comp_id 
_pdbx_modification_feature.modified_residue_auth_asym_id 
_pdbx_modification_feature.modified_residue_auth_seq_id 
_pdbx_modification_feature.modified_residue_PDB_ins_code 
_pdbx_modification_feature.modified_residue_symmetry 
_pdbx_modification_feature.comp_id_linking_atom 
_pdbx_modification_feature.modified_residue_id_linking_atom 
_pdbx_modification_feature.modified_residue_id 
_pdbx_modification_feature.ref_pcm_id 
_pdbx_modification_feature.ref_comp_id 
_pdbx_modification_feature.type 
_pdbx_modification_feature.category 
1 MSE A 20  ? . . . . MSE A 1  ? 1_555 . . . . . . . MET 1 MSE Selenomethionine 'Named protein modification' 
2 MSE A 81  ? . . . . MSE A 62 ? 1_555 . . . . . . . MET 1 MSE Selenomethionine 'Named protein modification' 
3 MSE A 118 ? . . . . MSE A 99 ? 1_555 . . . . . . . MET 1 MSE Selenomethionine 'Named protein modification' 
# 
_struct_sheet.id               A 
_struct_sheet.type             ? 
_struct_sheet.number_strands   4 
_struct_sheet.details          ? 
# 
loop_
_struct_sheet_order.sheet_id 
_struct_sheet_order.range_id_1 
_struct_sheet_order.range_id_2 
_struct_sheet_order.offset 
_struct_sheet_order.sense 
A 1 2 ? anti-parallel 
A 2 3 ? anti-parallel 
A 3 4 ? anti-parallel 
# 
loop_
_struct_sheet_range.sheet_id 
_struct_sheet_range.id 
_struct_sheet_range.beg_label_comp_id 
_struct_sheet_range.beg_label_asym_id 
_struct_sheet_range.beg_label_seq_id 
_struct_sheet_range.pdbx_beg_PDB_ins_code 
_struct_sheet_range.end_label_comp_id 
_struct_sheet_range.end_label_asym_id 
_struct_sheet_range.end_label_seq_id 
_struct_sheet_range.pdbx_end_PDB_ins_code 
_struct_sheet_range.beg_auth_comp_id 
_struct_sheet_range.beg_auth_asym_id 
_struct_sheet_range.beg_auth_seq_id 
_struct_sheet_range.end_auth_comp_id 
_struct_sheet_range.end_auth_asym_id 
_struct_sheet_range.end_auth_seq_id 
A 1 GLN A 56  ? GLY A 60  ? GLN A 37 GLY A 41 
A 2 VAL A 77  ? PHE A 83  ? VAL A 58 PHE A 64 
A 3 LEU A 21  ? LEU A 29  ? LEU A 2  LEU A 10 
A 4 TRP A 109 ? MSE A 118 ? TRP A 90 MSE A 99 
# 
loop_
_pdbx_struct_sheet_hbond.sheet_id 
_pdbx_struct_sheet_hbond.range_id_1 
_pdbx_struct_sheet_hbond.range_id_2 
_pdbx_struct_sheet_hbond.range_1_label_atom_id 
_pdbx_struct_sheet_hbond.range_1_label_comp_id 
_pdbx_struct_sheet_hbond.range_1_label_asym_id 
_pdbx_struct_sheet_hbond.range_1_label_seq_id 
_pdbx_struct_sheet_hbond.range_1_PDB_ins_code 
_pdbx_struct_sheet_hbond.range_1_auth_atom_id 
_pdbx_struct_sheet_hbond.range_1_auth_comp_id 
_pdbx_struct_sheet_hbond.range_1_auth_asym_id 
_pdbx_struct_sheet_hbond.range_1_auth_seq_id 
_pdbx_struct_sheet_hbond.range_2_label_atom_id 
_pdbx_struct_sheet_hbond.range_2_label_comp_id 
_pdbx_struct_sheet_hbond.range_2_label_asym_id 
_pdbx_struct_sheet_hbond.range_2_label_seq_id 
_pdbx_struct_sheet_hbond.range_2_PDB_ins_code 
_pdbx_struct_sheet_hbond.range_2_auth_atom_id 
_pdbx_struct_sheet_hbond.range_2_auth_comp_id 
_pdbx_struct_sheet_hbond.range_2_auth_asym_id 
_pdbx_struct_sheet_hbond.range_2_auth_seq_id 
A 1 2 N HIS A 58 ? N HIS A 39 O LEU A 80  ? O LEU A 61 
A 2 3 O MSE A 81 ? O MSE A 62 N HIS A 23  ? N HIS A 4  
A 3 4 N PHE A 22 ? N PHE A 3  O SER A 117 ? O SER A 98 
# 
_struct_site.id                   AC1 
_struct_site.pdbx_evidence_code   Software 
_struct_site.pdbx_auth_asym_id    A 
_struct_site.pdbx_auth_comp_id    ACT 
_struct_site.pdbx_auth_seq_id     102 
_struct_site.pdbx_auth_ins_code   ? 
_struct_site.pdbx_num_residues    5 
_struct_site.details              'BINDING SITE FOR RESIDUE ACT A 102' 
# 
loop_
_struct_site_gen.id 
_struct_site_gen.site_id 
_struct_site_gen.pdbx_num_res 
_struct_site_gen.label_comp_id 
_struct_site_gen.label_asym_id 
_struct_site_gen.label_seq_id 
_struct_site_gen.pdbx_auth_ins_code 
_struct_site_gen.auth_comp_id 
_struct_site_gen.auth_asym_id 
_struct_site_gen.auth_seq_id 
_struct_site_gen.label_atom_id 
_struct_site_gen.label_alt_id 
_struct_site_gen.symmetry 
_struct_site_gen.details 
1 AC1 5 HIS A 23  ? HIS A 4  . ? 1_555 ? 
2 AC1 5 GLU A 79  ? GLU A 60 . ? 1_555 ? 
3 AC1 5 TYR A 92  ? TYR A 73 . ? 1_555 ? 
4 AC1 5 ARG A 93  ? ARG A 74 . ? 1_555 ? 
5 AC1 5 PHE A 101 ? PHE A 82 . ? 1_555 ? 
# 
_pdbx_entry_details.entry_id                   3BN7 
_pdbx_entry_details.compound_details           ? 
_pdbx_entry_details.source_details             ? 
_pdbx_entry_details.nonpolymer_details         ? 
_pdbx_entry_details.sequence_details           ? 
_pdbx_entry_details.has_ligand_of_interest     ? 
_pdbx_entry_details.has_protein_modification   Y 
# 
_pdbx_validate_close_contact.id               1 
_pdbx_validate_close_contact.PDB_model_num    1 
_pdbx_validate_close_contact.auth_atom_id_1   ND2 
_pdbx_validate_close_contact.auth_asym_id_1   A 
_pdbx_validate_close_contact.auth_comp_id_1   ASN 
_pdbx_validate_close_contact.auth_seq_id_1    12 
_pdbx_validate_close_contact.PDB_ins_code_1   ? 
_pdbx_validate_close_contact.label_alt_id_1   B 
_pdbx_validate_close_contact.auth_atom_id_2   O 
_pdbx_validate_close_contact.auth_asym_id_2   A 
_pdbx_validate_close_contact.auth_comp_id_2   HOH 
_pdbx_validate_close_contact.auth_seq_id_2    124 
_pdbx_validate_close_contact.PDB_ins_code_2   ? 
_pdbx_validate_close_contact.label_alt_id_2   ? 
_pdbx_validate_close_contact.dist             2.16 
# 
loop_
_pdbx_validate_torsion.id 
_pdbx_validate_torsion.PDB_model_num 
_pdbx_validate_torsion.auth_comp_id 
_pdbx_validate_torsion.auth_asym_id 
_pdbx_validate_torsion.auth_seq_id 
_pdbx_validate_torsion.PDB_ins_code 
_pdbx_validate_torsion.label_alt_id 
_pdbx_validate_torsion.phi 
_pdbx_validate_torsion.psi 
1 1 ASN A 12 ? ? -116.01 76.44 
2 1 ALA A 45 ? ? -77.55  37.13 
# 
_pdbx_SG_project.project_name          'PSI, Protein Structure Initiative' 
_pdbx_SG_project.full_name_of_center   'Joint Center for Structural Genomics' 
_pdbx_SG_project.id                    1 
_pdbx_SG_project.initial_of_center     JCSG 
# 
loop_
_pdbx_struct_mod_residue.id 
_pdbx_struct_mod_residue.label_asym_id 
_pdbx_struct_mod_residue.label_comp_id 
_pdbx_struct_mod_residue.label_seq_id 
_pdbx_struct_mod_residue.auth_asym_id 
_pdbx_struct_mod_residue.auth_comp_id 
_pdbx_struct_mod_residue.auth_seq_id 
_pdbx_struct_mod_residue.PDB_ins_code 
_pdbx_struct_mod_residue.parent_comp_id 
_pdbx_struct_mod_residue.details 
1 A MSE 20  A MSE 1  ? MET SELENOMETHIONINE 
2 A MSE 81  A MSE 62 ? MET SELENOMETHIONINE 
3 A MSE 118 A MSE 99 ? MET SELENOMETHIONINE 
# 
_pdbx_refine_tls.id               1 
_pdbx_refine_tls.details          ? 
_pdbx_refine_tls.method           refined 
_pdbx_refine_tls.origin_x         0.2005 
_pdbx_refine_tls.origin_y         0.0970 
_pdbx_refine_tls.origin_z         -0.2648 
_pdbx_refine_tls.T[1][1]          -0.0142 
_pdbx_refine_tls.T[2][2]          -0.0412 
_pdbx_refine_tls.T[3][3]          -0.0325 
_pdbx_refine_tls.T[1][2]          -0.0179 
_pdbx_refine_tls.T[1][3]          0.0231 
_pdbx_refine_tls.T[2][3]          0.0089 
_pdbx_refine_tls.L[1][1]          0.6691 
_pdbx_refine_tls.L[2][2]          0.9486 
_pdbx_refine_tls.L[3][3]          1.9420 
_pdbx_refine_tls.L[1][2]          -0.6576 
_pdbx_refine_tls.L[1][3]          -0.1844 
_pdbx_refine_tls.L[2][3]          0.1375 
_pdbx_refine_tls.S[1][1]          0.0219 
_pdbx_refine_tls.S[2][2]          0.0546 
_pdbx_refine_tls.S[3][3]          -0.0764 
_pdbx_refine_tls.S[1][2]          -0.0309 
_pdbx_refine_tls.S[1][3]          0.0772 
_pdbx_refine_tls.S[2][3]          -0.0561 
_pdbx_refine_tls.S[2][1]          0.0334 
_pdbx_refine_tls.S[3][1]          0.0009 
_pdbx_refine_tls.S[3][2]          0.1463 
_pdbx_refine_tls.pdbx_refine_id   'X-RAY DIFFRACTION' 
# 
_pdbx_refine_tls_group.id                  1 
_pdbx_refine_tls_group.refine_tls_id       1 
_pdbx_refine_tls_group.beg_label_asym_id   A 
_pdbx_refine_tls_group.beg_label_seq_id    19 
_pdbx_refine_tls_group.end_label_asym_id   A 
_pdbx_refine_tls_group.end_label_seq_id    120 
_pdbx_refine_tls_group.selection           ? 
_pdbx_refine_tls_group.beg_auth_asym_id    A 
_pdbx_refine_tls_group.beg_auth_seq_id     0 
_pdbx_refine_tls_group.end_auth_asym_id    A 
_pdbx_refine_tls_group.end_auth_seq_id     101 
_pdbx_refine_tls_group.pdbx_refine_id      'X-RAY DIFFRACTION' 
_pdbx_refine_tls_group.selection_details   ? 
# 
_phasing.method   MAD 
# 
_pdbx_database_remark.id     999 
_pdbx_database_remark.text   
;
SEQUENCE
THE CONSTRUCT WAS EXPRESSED WITH A PURIFICATION
TAG MGSDKIHHHHHHENLYFQG.
;
# 
loop_
_pdbx_unobs_or_zero_occ_residues.id 
_pdbx_unobs_or_zero_occ_residues.PDB_model_num 
_pdbx_unobs_or_zero_occ_residues.polymer_flag 
_pdbx_unobs_or_zero_occ_residues.occupancy_flag 
_pdbx_unobs_or_zero_occ_residues.auth_asym_id 
_pdbx_unobs_or_zero_occ_residues.auth_comp_id 
_pdbx_unobs_or_zero_occ_residues.auth_seq_id 
_pdbx_unobs_or_zero_occ_residues.PDB_ins_code 
_pdbx_unobs_or_zero_occ_residues.label_asym_id 
_pdbx_unobs_or_zero_occ_residues.label_comp_id 
_pdbx_unobs_or_zero_occ_residues.label_seq_id 
1  1 Y 1 A MSE -18 ? A MSE 1  
2  1 Y 1 A GLY -17 ? A GLY 2  
3  1 Y 1 A SER -16 ? A SER 3  
4  1 Y 1 A ASP -15 ? A ASP 4  
5  1 Y 1 A LYS -14 ? A LYS 5  
6  1 Y 1 A ILE -13 ? A ILE 6  
7  1 Y 1 A HIS -12 ? A HIS 7  
8  1 Y 1 A HIS -11 ? A HIS 8  
9  1 Y 1 A HIS -10 ? A HIS 9  
10 1 Y 1 A HIS -9  ? A HIS 10 
11 1 Y 1 A HIS -8  ? A HIS 11 
12 1 Y 1 A HIS -7  ? A HIS 12 
13 1 Y 1 A GLU -6  ? A GLU 13 
14 1 Y 1 A ASN -5  ? A ASN 14 
15 1 Y 1 A LEU -4  ? A LEU 15 
16 1 Y 1 A TYR -3  ? A TYR 16 
17 1 Y 1 A PHE -2  ? A PHE 17 
18 1 Y 1 A GLN -1  ? A GLN 18 
# 
loop_
_chem_comp_atom.comp_id 
_chem_comp_atom.atom_id 
_chem_comp_atom.type_symbol 
_chem_comp_atom.pdbx_aromatic_flag 
_chem_comp_atom.pdbx_stereo_config 
_chem_comp_atom.pdbx_ordinal 
ACT C    C  N N 1   
ACT O    O  N N 2   
ACT OXT  O  N N 3   
ACT CH3  C  N N 4   
ACT H1   H  N N 5   
ACT H2   H  N N 6   
ACT H3   H  N N 7   
ALA N    N  N N 8   
ALA CA   C  N S 9   
ALA C    C  N N 10  
ALA O    O  N N 11  
ALA CB   C  N N 12  
ALA OXT  O  N N 13  
ALA H    H  N N 14  
ALA H2   H  N N 15  
ALA HA   H  N N 16  
ALA HB1  H  N N 17  
ALA HB2  H  N N 18  
ALA HB3  H  N N 19  
ALA HXT  H  N N 20  
ARG N    N  N N 21  
ARG CA   C  N S 22  
ARG C    C  N N 23  
ARG O    O  N N 24  
ARG CB   C  N N 25  
ARG CG   C  N N 26  
ARG CD   C  N N 27  
ARG NE   N  N N 28  
ARG CZ   C  N N 29  
ARG NH1  N  N N 30  
ARG NH2  N  N N 31  
ARG OXT  O  N N 32  
ARG H    H  N N 33  
ARG H2   H  N N 34  
ARG HA   H  N N 35  
ARG HB2  H  N N 36  
ARG HB3  H  N N 37  
ARG HG2  H  N N 38  
ARG HG3  H  N N 39  
ARG HD2  H  N N 40  
ARG HD3  H  N N 41  
ARG HE   H  N N 42  
ARG HH11 H  N N 43  
ARG HH12 H  N N 44  
ARG HH21 H  N N 45  
ARG HH22 H  N N 46  
ARG HXT  H  N N 47  
ASN N    N  N N 48  
ASN CA   C  N S 49  
ASN C    C  N N 50  
ASN O    O  N N 51  
ASN CB   C  N N 52  
ASN CG   C  N N 53  
ASN OD1  O  N N 54  
ASN ND2  N  N N 55  
ASN OXT  O  N N 56  
ASN H    H  N N 57  
ASN H2   H  N N 58  
ASN HA   H  N N 59  
ASN HB2  H  N N 60  
ASN HB3  H  N N 61  
ASN HD21 H  N N 62  
ASN HD22 H  N N 63  
ASN HXT  H  N N 64  
ASP N    N  N N 65  
ASP CA   C  N S 66  
ASP C    C  N N 67  
ASP O    O  N N 68  
ASP CB   C  N N 69  
ASP CG   C  N N 70  
ASP OD1  O  N N 71  
ASP OD2  O  N N 72  
ASP OXT  O  N N 73  
ASP H    H  N N 74  
ASP H2   H  N N 75  
ASP HA   H  N N 76  
ASP HB2  H  N N 77  
ASP HB3  H  N N 78  
ASP HD2  H  N N 79  
ASP HXT  H  N N 80  
CYS N    N  N N 81  
CYS CA   C  N R 82  
CYS C    C  N N 83  
CYS O    O  N N 84  
CYS CB   C  N N 85  
CYS SG   S  N N 86  
CYS OXT  O  N N 87  
CYS H    H  N N 88  
CYS H2   H  N N 89  
CYS HA   H  N N 90  
CYS HB2  H  N N 91  
CYS HB3  H  N N 92  
CYS HG   H  N N 93  
CYS HXT  H  N N 94  
GLN N    N  N N 95  
GLN CA   C  N S 96  
GLN C    C  N N 97  
GLN O    O  N N 98  
GLN CB   C  N N 99  
GLN CG   C  N N 100 
GLN CD   C  N N 101 
GLN OE1  O  N N 102 
GLN NE2  N  N N 103 
GLN OXT  O  N N 104 
GLN H    H  N N 105 
GLN H2   H  N N 106 
GLN HA   H  N N 107 
GLN HB2  H  N N 108 
GLN HB3  H  N N 109 
GLN HG2  H  N N 110 
GLN HG3  H  N N 111 
GLN HE21 H  N N 112 
GLN HE22 H  N N 113 
GLN HXT  H  N N 114 
GLU N    N  N N 115 
GLU CA   C  N S 116 
GLU C    C  N N 117 
GLU O    O  N N 118 
GLU CB   C  N N 119 
GLU CG   C  N N 120 
GLU CD   C  N N 121 
GLU OE1  O  N N 122 
GLU OE2  O  N N 123 
GLU OXT  O  N N 124 
GLU H    H  N N 125 
GLU H2   H  N N 126 
GLU HA   H  N N 127 
GLU HB2  H  N N 128 
GLU HB3  H  N N 129 
GLU HG2  H  N N 130 
GLU HG3  H  N N 131 
GLU HE2  H  N N 132 
GLU HXT  H  N N 133 
GLY N    N  N N 134 
GLY CA   C  N N 135 
GLY C    C  N N 136 
GLY O    O  N N 137 
GLY OXT  O  N N 138 
GLY H    H  N N 139 
GLY H2   H  N N 140 
GLY HA2  H  N N 141 
GLY HA3  H  N N 142 
GLY HXT  H  N N 143 
HIS N    N  N N 144 
HIS CA   C  N S 145 
HIS C    C  N N 146 
HIS O    O  N N 147 
HIS CB   C  N N 148 
HIS CG   C  Y N 149 
HIS ND1  N  Y N 150 
HIS CD2  C  Y N 151 
HIS CE1  C  Y N 152 
HIS NE2  N  Y N 153 
HIS OXT  O  N N 154 
HIS H    H  N N 155 
HIS H2   H  N N 156 
HIS HA   H  N N 157 
HIS HB2  H  N N 158 
HIS HB3  H  N N 159 
HIS HD1  H  N N 160 
HIS HD2  H  N N 161 
HIS HE1  H  N N 162 
HIS HE2  H  N N 163 
HIS HXT  H  N N 164 
HOH O    O  N N 165 
HOH H1   H  N N 166 
HOH H2   H  N N 167 
ILE N    N  N N 168 
ILE CA   C  N S 169 
ILE C    C  N N 170 
ILE O    O  N N 171 
ILE CB   C  N S 172 
ILE CG1  C  N N 173 
ILE CG2  C  N N 174 
ILE CD1  C  N N 175 
ILE OXT  O  N N 176 
ILE H    H  N N 177 
ILE H2   H  N N 178 
ILE HA   H  N N 179 
ILE HB   H  N N 180 
ILE HG12 H  N N 181 
ILE HG13 H  N N 182 
ILE HG21 H  N N 183 
ILE HG22 H  N N 184 
ILE HG23 H  N N 185 
ILE HD11 H  N N 186 
ILE HD12 H  N N 187 
ILE HD13 H  N N 188 
ILE HXT  H  N N 189 
LEU N    N  N N 190 
LEU CA   C  N S 191 
LEU C    C  N N 192 
LEU O    O  N N 193 
LEU CB   C  N N 194 
LEU CG   C  N N 195 
LEU CD1  C  N N 196 
LEU CD2  C  N N 197 
LEU OXT  O  N N 198 
LEU H    H  N N 199 
LEU H2   H  N N 200 
LEU HA   H  N N 201 
LEU HB2  H  N N 202 
LEU HB3  H  N N 203 
LEU HG   H  N N 204 
LEU HD11 H  N N 205 
LEU HD12 H  N N 206 
LEU HD13 H  N N 207 
LEU HD21 H  N N 208 
LEU HD22 H  N N 209 
LEU HD23 H  N N 210 
LEU HXT  H  N N 211 
LYS N    N  N N 212 
LYS CA   C  N S 213 
LYS C    C  N N 214 
LYS O    O  N N 215 
LYS CB   C  N N 216 
LYS CG   C  N N 217 
LYS CD   C  N N 218 
LYS CE   C  N N 219 
LYS NZ   N  N N 220 
LYS OXT  O  N N 221 
LYS H    H  N N 222 
LYS H2   H  N N 223 
LYS HA   H  N N 224 
LYS HB2  H  N N 225 
LYS HB3  H  N N 226 
LYS HG2  H  N N 227 
LYS HG3  H  N N 228 
LYS HD2  H  N N 229 
LYS HD3  H  N N 230 
LYS HE2  H  N N 231 
LYS HE3  H  N N 232 
LYS HZ1  H  N N 233 
LYS HZ2  H  N N 234 
LYS HZ3  H  N N 235 
LYS HXT  H  N N 236 
MSE N    N  N N 237 
MSE CA   C  N S 238 
MSE C    C  N N 239 
MSE O    O  N N 240 
MSE OXT  O  N N 241 
MSE CB   C  N N 242 
MSE CG   C  N N 243 
MSE SE   SE N N 244 
MSE CE   C  N N 245 
MSE H    H  N N 246 
MSE H2   H  N N 247 
MSE HA   H  N N 248 
MSE HXT  H  N N 249 
MSE HB2  H  N N 250 
MSE HB3  H  N N 251 
MSE HG2  H  N N 252 
MSE HG3  H  N N 253 
MSE HE1  H  N N 254 
MSE HE2  H  N N 255 
MSE HE3  H  N N 256 
PHE N    N  N N 257 
PHE CA   C  N S 258 
PHE C    C  N N 259 
PHE O    O  N N 260 
PHE CB   C  N N 261 
PHE CG   C  Y N 262 
PHE CD1  C  Y N 263 
PHE CD2  C  Y N 264 
PHE CE1  C  Y N 265 
PHE CE2  C  Y N 266 
PHE CZ   C  Y N 267 
PHE OXT  O  N N 268 
PHE H    H  N N 269 
PHE H2   H  N N 270 
PHE HA   H  N N 271 
PHE HB2  H  N N 272 
PHE HB3  H  N N 273 
PHE HD1  H  N N 274 
PHE HD2  H  N N 275 
PHE HE1  H  N N 276 
PHE HE2  H  N N 277 
PHE HZ   H  N N 278 
PHE HXT  H  N N 279 
PRO N    N  N N 280 
PRO CA   C  N S 281 
PRO C    C  N N 282 
PRO O    O  N N 283 
PRO CB   C  N N 284 
PRO CG   C  N N 285 
PRO CD   C  N N 286 
PRO OXT  O  N N 287 
PRO H    H  N N 288 
PRO HA   H  N N 289 
PRO HB2  H  N N 290 
PRO HB3  H  N N 291 
PRO HG2  H  N N 292 
PRO HG3  H  N N 293 
PRO HD2  H  N N 294 
PRO HD3  H  N N 295 
PRO HXT  H  N N 296 
SER N    N  N N 297 
SER CA   C  N S 298 
SER C    C  N N 299 
SER O    O  N N 300 
SER CB   C  N N 301 
SER OG   O  N N 302 
SER OXT  O  N N 303 
SER H    H  N N 304 
SER H2   H  N N 305 
SER HA   H  N N 306 
SER HB2  H  N N 307 
SER HB3  H  N N 308 
SER HG   H  N N 309 
SER HXT  H  N N 310 
THR N    N  N N 311 
THR CA   C  N S 312 
THR C    C  N N 313 
THR O    O  N N 314 
THR CB   C  N R 315 
THR OG1  O  N N 316 
THR CG2  C  N N 317 
THR OXT  O  N N 318 
THR H    H  N N 319 
THR H2   H  N N 320 
THR HA   H  N N 321 
THR HB   H  N N 322 
THR HG1  H  N N 323 
THR HG21 H  N N 324 
THR HG22 H  N N 325 
THR HG23 H  N N 326 
THR HXT  H  N N 327 
TRP N    N  N N 328 
TRP CA   C  N S 329 
TRP C    C  N N 330 
TRP O    O  N N 331 
TRP CB   C  N N 332 
TRP CG   C  Y N 333 
TRP CD1  C  Y N 334 
TRP CD2  C  Y N 335 
TRP NE1  N  Y N 336 
TRP CE2  C  Y N 337 
TRP CE3  C  Y N 338 
TRP CZ2  C  Y N 339 
TRP CZ3  C  Y N 340 
TRP CH2  C  Y N 341 
TRP OXT  O  N N 342 
TRP H    H  N N 343 
TRP H2   H  N N 344 
TRP HA   H  N N 345 
TRP HB2  H  N N 346 
TRP HB3  H  N N 347 
TRP HD1  H  N N 348 
TRP HE1  H  N N 349 
TRP HE3  H  N N 350 
TRP HZ2  H  N N 351 
TRP HZ3  H  N N 352 
TRP HH2  H  N N 353 
TRP HXT  H  N N 354 
TYR N    N  N N 355 
TYR CA   C  N S 356 
TYR C    C  N N 357 
TYR O    O  N N 358 
TYR CB   C  N N 359 
TYR CG   C  Y N 360 
TYR CD1  C  Y N 361 
TYR CD2  C  Y N 362 
TYR CE1  C  Y N 363 
TYR CE2  C  Y N 364 
TYR CZ   C  Y N 365 
TYR OH   O  N N 366 
TYR OXT  O  N N 367 
TYR H    H  N N 368 
TYR H2   H  N N 369 
TYR HA   H  N N 370 
TYR HB2  H  N N 371 
TYR HB3  H  N N 372 
TYR HD1  H  N N 373 
TYR HD2  H  N N 374 
TYR HE1  H  N N 375 
TYR HE2  H  N N 376 
TYR HH   H  N N 377 
TYR HXT  H  N N 378 
VAL N    N  N N 379 
VAL CA   C  N S 380 
VAL C    C  N N 381 
VAL O    O  N N 382 
VAL CB   C  N N 383 
VAL CG1  C  N N 384 
VAL CG2  C  N N 385 
VAL OXT  O  N N 386 
VAL H    H  N N 387 
VAL H2   H  N N 388 
VAL HA   H  N N 389 
VAL HB   H  N N 390 
VAL HG11 H  N N 391 
VAL HG12 H  N N 392 
VAL HG13 H  N N 393 
VAL HG21 H  N N 394 
VAL HG22 H  N N 395 
VAL HG23 H  N N 396 
VAL HXT  H  N N 397 
# 
loop_
_chem_comp_bond.comp_id 
_chem_comp_bond.atom_id_1 
_chem_comp_bond.atom_id_2 
_chem_comp_bond.value_order 
_chem_comp_bond.pdbx_aromatic_flag 
_chem_comp_bond.pdbx_stereo_config 
_chem_comp_bond.pdbx_ordinal 
ACT C   O    doub N N 1   
ACT C   OXT  sing N N 2   
ACT C   CH3  sing N N 3   
ACT CH3 H1   sing N N 4   
ACT CH3 H2   sing N N 5   
ACT CH3 H3   sing N N 6   
ALA N   CA   sing N N 7   
ALA N   H    sing N N 8   
ALA N   H2   sing N N 9   
ALA CA  C    sing N N 10  
ALA CA  CB   sing N N 11  
ALA CA  HA   sing N N 12  
ALA C   O    doub N N 13  
ALA C   OXT  sing N N 14  
ALA CB  HB1  sing N N 15  
ALA CB  HB2  sing N N 16  
ALA CB  HB3  sing N N 17  
ALA OXT HXT  sing N N 18  
ARG N   CA   sing N N 19  
ARG N   H    sing N N 20  
ARG N   H2   sing N N 21  
ARG CA  C    sing N N 22  
ARG CA  CB   sing N N 23  
ARG CA  HA   sing N N 24  
ARG C   O    doub N N 25  
ARG C   OXT  sing N N 26  
ARG CB  CG   sing N N 27  
ARG CB  HB2  sing N N 28  
ARG CB  HB3  sing N N 29  
ARG CG  CD   sing N N 30  
ARG CG  HG2  sing N N 31  
ARG CG  HG3  sing N N 32  
ARG CD  NE   sing N N 33  
ARG CD  HD2  sing N N 34  
ARG CD  HD3  sing N N 35  
ARG NE  CZ   sing N N 36  
ARG NE  HE   sing N N 37  
ARG CZ  NH1  sing N N 38  
ARG CZ  NH2  doub N N 39  
ARG NH1 HH11 sing N N 40  
ARG NH1 HH12 sing N N 41  
ARG NH2 HH21 sing N N 42  
ARG NH2 HH22 sing N N 43  
ARG OXT HXT  sing N N 44  
ASN N   CA   sing N N 45  
ASN N   H    sing N N 46  
ASN N   H2   sing N N 47  
ASN CA  C    sing N N 48  
ASN CA  CB   sing N N 49  
ASN CA  HA   sing N N 50  
ASN C   O    doub N N 51  
ASN C   OXT  sing N N 52  
ASN CB  CG   sing N N 53  
ASN CB  HB2  sing N N 54  
ASN CB  HB3  sing N N 55  
ASN CG  OD1  doub N N 56  
ASN CG  ND2  sing N N 57  
ASN ND2 HD21 sing N N 58  
ASN ND2 HD22 sing N N 59  
ASN OXT HXT  sing N N 60  
ASP N   CA   sing N N 61  
ASP N   H    sing N N 62  
ASP N   H2   sing N N 63  
ASP CA  C    sing N N 64  
ASP CA  CB   sing N N 65  
ASP CA  HA   sing N N 66  
ASP C   O    doub N N 67  
ASP C   OXT  sing N N 68  
ASP CB  CG   sing N N 69  
ASP CB  HB2  sing N N 70  
ASP CB  HB3  sing N N 71  
ASP CG  OD1  doub N N 72  
ASP CG  OD2  sing N N 73  
ASP OD2 HD2  sing N N 74  
ASP OXT HXT  sing N N 75  
CYS N   CA   sing N N 76  
CYS N   H    sing N N 77  
CYS N   H2   sing N N 78  
CYS CA  C    sing N N 79  
CYS CA  CB   sing N N 80  
CYS CA  HA   sing N N 81  
CYS C   O    doub N N 82  
CYS C   OXT  sing N N 83  
CYS CB  SG   sing N N 84  
CYS CB  HB2  sing N N 85  
CYS CB  HB3  sing N N 86  
CYS SG  HG   sing N N 87  
CYS OXT HXT  sing N N 88  
GLN N   CA   sing N N 89  
GLN N   H    sing N N 90  
GLN N   H2   sing N N 91  
GLN CA  C    sing N N 92  
GLN CA  CB   sing N N 93  
GLN CA  HA   sing N N 94  
GLN C   O    doub N N 95  
GLN C   OXT  sing N N 96  
GLN CB  CG   sing N N 97  
GLN CB  HB2  sing N N 98  
GLN CB  HB3  sing N N 99  
GLN CG  CD   sing N N 100 
GLN CG  HG2  sing N N 101 
GLN CG  HG3  sing N N 102 
GLN CD  OE1  doub N N 103 
GLN CD  NE2  sing N N 104 
GLN NE2 HE21 sing N N 105 
GLN NE2 HE22 sing N N 106 
GLN OXT HXT  sing N N 107 
GLU N   CA   sing N N 108 
GLU N   H    sing N N 109 
GLU N   H2   sing N N 110 
GLU CA  C    sing N N 111 
GLU CA  CB   sing N N 112 
GLU CA  HA   sing N N 113 
GLU C   O    doub N N 114 
GLU C   OXT  sing N N 115 
GLU CB  CG   sing N N 116 
GLU CB  HB2  sing N N 117 
GLU CB  HB3  sing N N 118 
GLU CG  CD   sing N N 119 
GLU CG  HG2  sing N N 120 
GLU CG  HG3  sing N N 121 
GLU CD  OE1  doub N N 122 
GLU CD  OE2  sing N N 123 
GLU OE2 HE2  sing N N 124 
GLU OXT HXT  sing N N 125 
GLY N   CA   sing N N 126 
GLY N   H    sing N N 127 
GLY N   H2   sing N N 128 
GLY CA  C    sing N N 129 
GLY CA  HA2  sing N N 130 
GLY CA  HA3  sing N N 131 
GLY C   O    doub N N 132 
GLY C   OXT  sing N N 133 
GLY OXT HXT  sing N N 134 
HIS N   CA   sing N N 135 
HIS N   H    sing N N 136 
HIS N   H2   sing N N 137 
HIS CA  C    sing N N 138 
HIS CA  CB   sing N N 139 
HIS CA  HA   sing N N 140 
HIS C   O    doub N N 141 
HIS C   OXT  sing N N 142 
HIS CB  CG   sing N N 143 
HIS CB  HB2  sing N N 144 
HIS CB  HB3  sing N N 145 
HIS CG  ND1  sing Y N 146 
HIS CG  CD2  doub Y N 147 
HIS ND1 CE1  doub Y N 148 
HIS ND1 HD1  sing N N 149 
HIS CD2 NE2  sing Y N 150 
HIS CD2 HD2  sing N N 151 
HIS CE1 NE2  sing Y N 152 
HIS CE1 HE1  sing N N 153 
HIS NE2 HE2  sing N N 154 
HIS OXT HXT  sing N N 155 
HOH O   H1   sing N N 156 
HOH O   H2   sing N N 157 
ILE N   CA   sing N N 158 
ILE N   H    sing N N 159 
ILE N   H2   sing N N 160 
ILE CA  C    sing N N 161 
ILE CA  CB   sing N N 162 
ILE CA  HA   sing N N 163 
ILE C   O    doub N N 164 
ILE C   OXT  sing N N 165 
ILE CB  CG1  sing N N 166 
ILE CB  CG2  sing N N 167 
ILE CB  HB   sing N N 168 
ILE CG1 CD1  sing N N 169 
ILE CG1 HG12 sing N N 170 
ILE CG1 HG13 sing N N 171 
ILE CG2 HG21 sing N N 172 
ILE CG2 HG22 sing N N 173 
ILE CG2 HG23 sing N N 174 
ILE CD1 HD11 sing N N 175 
ILE CD1 HD12 sing N N 176 
ILE CD1 HD13 sing N N 177 
ILE OXT HXT  sing N N 178 
LEU N   CA   sing N N 179 
LEU N   H    sing N N 180 
LEU N   H2   sing N N 181 
LEU CA  C    sing N N 182 
LEU CA  CB   sing N N 183 
LEU CA  HA   sing N N 184 
LEU C   O    doub N N 185 
LEU C   OXT  sing N N 186 
LEU CB  CG   sing N N 187 
LEU CB  HB2  sing N N 188 
LEU CB  HB3  sing N N 189 
LEU CG  CD1  sing N N 190 
LEU CG  CD2  sing N N 191 
LEU CG  HG   sing N N 192 
LEU CD1 HD11 sing N N 193 
LEU CD1 HD12 sing N N 194 
LEU CD1 HD13 sing N N 195 
LEU CD2 HD21 sing N N 196 
LEU CD2 HD22 sing N N 197 
LEU CD2 HD23 sing N N 198 
LEU OXT HXT  sing N N 199 
LYS N   CA   sing N N 200 
LYS N   H    sing N N 201 
LYS N   H2   sing N N 202 
LYS CA  C    sing N N 203 
LYS CA  CB   sing N N 204 
LYS CA  HA   sing N N 205 
LYS C   O    doub N N 206 
LYS C   OXT  sing N N 207 
LYS CB  CG   sing N N 208 
LYS CB  HB2  sing N N 209 
LYS CB  HB3  sing N N 210 
LYS CG  CD   sing N N 211 
LYS CG  HG2  sing N N 212 
LYS CG  HG3  sing N N 213 
LYS CD  CE   sing N N 214 
LYS CD  HD2  sing N N 215 
LYS CD  HD3  sing N N 216 
LYS CE  NZ   sing N N 217 
LYS CE  HE2  sing N N 218 
LYS CE  HE3  sing N N 219 
LYS NZ  HZ1  sing N N 220 
LYS NZ  HZ2  sing N N 221 
LYS NZ  HZ3  sing N N 222 
LYS OXT HXT  sing N N 223 
MSE N   CA   sing N N 224 
MSE N   H    sing N N 225 
MSE N   H2   sing N N 226 
MSE CA  C    sing N N 227 
MSE CA  CB   sing N N 228 
MSE CA  HA   sing N N 229 
MSE C   O    doub N N 230 
MSE C   OXT  sing N N 231 
MSE OXT HXT  sing N N 232 
MSE CB  CG   sing N N 233 
MSE CB  HB2  sing N N 234 
MSE CB  HB3  sing N N 235 
MSE CG  SE   sing N N 236 
MSE CG  HG2  sing N N 237 
MSE CG  HG3  sing N N 238 
MSE SE  CE   sing N N 239 
MSE CE  HE1  sing N N 240 
MSE CE  HE2  sing N N 241 
MSE CE  HE3  sing N N 242 
PHE N   CA   sing N N 243 
PHE N   H    sing N N 244 
PHE N   H2   sing N N 245 
PHE CA  C    sing N N 246 
PHE CA  CB   sing N N 247 
PHE CA  HA   sing N N 248 
PHE C   O    doub N N 249 
PHE C   OXT  sing N N 250 
PHE CB  CG   sing N N 251 
PHE CB  HB2  sing N N 252 
PHE CB  HB3  sing N N 253 
PHE CG  CD1  doub Y N 254 
PHE CG  CD2  sing Y N 255 
PHE CD1 CE1  sing Y N 256 
PHE CD1 HD1  sing N N 257 
PHE CD2 CE2  doub Y N 258 
PHE CD2 HD2  sing N N 259 
PHE CE1 CZ   doub Y N 260 
PHE CE1 HE1  sing N N 261 
PHE CE2 CZ   sing Y N 262 
PHE CE2 HE2  sing N N 263 
PHE CZ  HZ   sing N N 264 
PHE OXT HXT  sing N N 265 
PRO N   CA   sing N N 266 
PRO N   CD   sing N N 267 
PRO N   H    sing N N 268 
PRO CA  C    sing N N 269 
PRO CA  CB   sing N N 270 
PRO CA  HA   sing N N 271 
PRO C   O    doub N N 272 
PRO C   OXT  sing N N 273 
PRO CB  CG   sing N N 274 
PRO CB  HB2  sing N N 275 
PRO CB  HB3  sing N N 276 
PRO CG  CD   sing N N 277 
PRO CG  HG2  sing N N 278 
PRO CG  HG3  sing N N 279 
PRO CD  HD2  sing N N 280 
PRO CD  HD3  sing N N 281 
PRO OXT HXT  sing N N 282 
SER N   CA   sing N N 283 
SER N   H    sing N N 284 
SER N   H2   sing N N 285 
SER CA  C    sing N N 286 
SER CA  CB   sing N N 287 
SER CA  HA   sing N N 288 
SER C   O    doub N N 289 
SER C   OXT  sing N N 290 
SER CB  OG   sing N N 291 
SER CB  HB2  sing N N 292 
SER CB  HB3  sing N N 293 
SER OG  HG   sing N N 294 
SER OXT HXT  sing N N 295 
THR N   CA   sing N N 296 
THR N   H    sing N N 297 
THR N   H2   sing N N 298 
THR CA  C    sing N N 299 
THR CA  CB   sing N N 300 
THR CA  HA   sing N N 301 
THR C   O    doub N N 302 
THR C   OXT  sing N N 303 
THR CB  OG1  sing N N 304 
THR CB  CG2  sing N N 305 
THR CB  HB   sing N N 306 
THR OG1 HG1  sing N N 307 
THR CG2 HG21 sing N N 308 
THR CG2 HG22 sing N N 309 
THR CG2 HG23 sing N N 310 
THR OXT HXT  sing N N 311 
TRP N   CA   sing N N 312 
TRP N   H    sing N N 313 
TRP N   H2   sing N N 314 
TRP CA  C    sing N N 315 
TRP CA  CB   sing N N 316 
TRP CA  HA   sing N N 317 
TRP C   O    doub N N 318 
TRP C   OXT  sing N N 319 
TRP CB  CG   sing N N 320 
TRP CB  HB2  sing N N 321 
TRP CB  HB3  sing N N 322 
TRP CG  CD1  doub Y N 323 
TRP CG  CD2  sing Y N 324 
TRP CD1 NE1  sing Y N 325 
TRP CD1 HD1  sing N N 326 
TRP CD2 CE2  doub Y N 327 
TRP CD2 CE3  sing Y N 328 
TRP NE1 CE2  sing Y N 329 
TRP NE1 HE1  sing N N 330 
TRP CE2 CZ2  sing Y N 331 
TRP CE3 CZ3  doub Y N 332 
TRP CE3 HE3  sing N N 333 
TRP CZ2 CH2  doub Y N 334 
TRP CZ2 HZ2  sing N N 335 
TRP CZ3 CH2  sing Y N 336 
TRP CZ3 HZ3  sing N N 337 
TRP CH2 HH2  sing N N 338 
TRP OXT HXT  sing N N 339 
TYR N   CA   sing N N 340 
TYR N   H    sing N N 341 
TYR N   H2   sing N N 342 
TYR CA  C    sing N N 343 
TYR CA  CB   sing N N 344 
TYR CA  HA   sing N N 345 
TYR C   O    doub N N 346 
TYR C   OXT  sing N N 347 
TYR CB  CG   sing N N 348 
TYR CB  HB2  sing N N 349 
TYR CB  HB3  sing N N 350 
TYR CG  CD1  doub Y N 351 
TYR CG  CD2  sing Y N 352 
TYR CD1 CE1  sing Y N 353 
TYR CD1 HD1  sing N N 354 
TYR CD2 CE2  doub Y N 355 
TYR CD2 HD2  sing N N 356 
TYR CE1 CZ   doub Y N 357 
TYR CE1 HE1  sing N N 358 
TYR CE2 CZ   sing Y N 359 
TYR CE2 HE2  sing N N 360 
TYR CZ  OH   sing N N 361 
TYR OH  HH   sing N N 362 
TYR OXT HXT  sing N N 363 
VAL N   CA   sing N N 364 
VAL N   H    sing N N 365 
VAL N   H2   sing N N 366 
VAL CA  C    sing N N 367 
VAL CA  CB   sing N N 368 
VAL CA  HA   sing N N 369 
VAL C   O    doub N N 370 
VAL C   OXT  sing N N 371 
VAL CB  CG1  sing N N 372 
VAL CB  CG2  sing N N 373 
VAL CB  HB   sing N N 374 
VAL CG1 HG11 sing N N 375 
VAL CG1 HG12 sing N N 376 
VAL CG1 HG13 sing N N 377 
VAL CG2 HG21 sing N N 378 
VAL CG2 HG22 sing N N 379 
VAL CG2 HG23 sing N N 380 
VAL OXT HXT  sing N N 381 
# 
_atom_sites.entry_id                    3BN7 
_atom_sites.fract_transf_matrix[1][1]   0.00864818 
_atom_sites.fract_transf_matrix[1][2]   -0.00878051 
_atom_sites.fract_transf_matrix[1][3]   0.02070603 
_atom_sites.fract_transf_matrix[2][1]   0.01908834 
_atom_sites.fract_transf_matrix[2][2]   0.01035678 
_atom_sites.fract_transf_matrix[2][3]   0.01043981 
_atom_sites.fract_transf_matrix[3][1]   -0.00363744 
_atom_sites.fract_transf_matrix[3][2]   0.00362370 
_atom_sites.fract_transf_matrix[3][3]   0.00305588 
_atom_sites.fract_transf_vector[1]      0.535221 
_atom_sites.fract_transf_vector[2]      0.653968 
_atom_sites.fract_transf_vector[3]      0.035896 
# 
loop_
_atom_type.symbol 
C  
N  
O  
S  
SE 
# 
loop_
_atom_site.group_PDB 
_atom_site.id 
_atom_site.type_symbol 
_atom_site.label_atom_id 
_atom_site.label_alt_id 
_atom_site.label_comp_id 
_atom_site.label_asym_id 
_atom_site.label_entity_id 
_atom_site.label_seq_id 
_atom_site.pdbx_PDB_ins_code 
_atom_site.Cartn_x 
_atom_site.Cartn_y 
_atom_site.Cartn_z 
_atom_site.occupancy 
_atom_site.B_iso_or_equiv 
_atom_site.pdbx_formal_charge 
_atom_site.auth_seq_id 
_atom_site.auth_comp_id 
_atom_site.auth_asym_id 
_atom_site.auth_atom_id 
_atom_site.pdbx_PDB_model_num 
ATOM   1   N  N   . GLY A 1 19  ? -11.531 3.619   17.366  1.00 38.66 ? 0   GLY A N   1 
ATOM   2   C  CA  . GLY A 1 19  ? -11.427 3.471   15.884  1.00 37.21 ? 0   GLY A CA  1 
ATOM   3   C  C   . GLY A 1 19  ? -10.174 2.720   15.435  1.00 36.68 ? 0   GLY A C   1 
ATOM   4   O  O   . GLY A 1 19  ? -9.188  2.602   16.180  1.00 38.75 ? 0   GLY A O   1 
HETATM 5   N  N   . MSE A 1 20  ? -10.208 2.225   14.204  1.00 33.36 ? 1   MSE A N   1 
HETATM 6   C  CA  A MSE A 1 20  ? -9.110  1.509   13.584  0.50 32.42 ? 1   MSE A CA  1 
HETATM 7   C  CA  B MSE A 1 20  ? -9.031  1.554   13.679  0.50 33.17 ? 1   MSE A CA  1 
HETATM 8   C  C   . MSE A 1 20  ? -8.298  2.447   12.700  1.00 29.76 ? 1   MSE A C   1 
HETATM 9   O  O   . MSE A 1 20  ? -8.784  3.517   12.343  1.00 28.65 ? 1   MSE A O   1 
HETATM 10  C  CB  A MSE A 1 20  ? -9.691  0.424   12.704  0.50 32.11 ? 1   MSE A CB  1 
HETATM 11  C  CB  B MSE A 1 20  ? -9.410  0.225   13.079  0.50 32.88 ? 1   MSE A CB  1 
HETATM 12  C  CG  A MSE A 1 20  ? -10.785 -0.402  13.351  0.50 34.26 ? 1   MSE A CG  1 
HETATM 13  C  CG  B MSE A 1 20  ? -9.734  -0.785  14.173  0.50 35.73 ? 1   MSE A CG  1 
HETATM 14  SE SE  A MSE A 1 20  ? -10.805 -2.071  12.397  0.38 38.28 ? 1   MSE A SE  1 
HETATM 15  SE SE  B MSE A 1 20  ? -10.648 -2.286  13.451  0.37 41.79 ? 1   MSE A SE  1 
HETATM 16  C  CE  A MSE A 1 20  ? -9.223  -2.871  13.281  0.50 32.28 ? 1   MSE A CE  1 
HETATM 17  C  CE  B MSE A 1 20  ? -11.823 -1.374  12.119  0.50 41.72 ? 1   MSE A CE  1 
ATOM   18  N  N   . LEU A 1 21  ? -7.102  2.008   12.321  1.00 24.97 ? 2   LEU A N   1 
ATOM   19  C  CA  . LEU A 1 21  ? -6.231  2.793   11.497  1.00 24.12 ? 2   LEU A CA  1 
ATOM   20  C  C   . LEU A 1 21  ? -6.207  2.206   10.098  1.00 23.12 ? 2   LEU A C   1 
ATOM   21  O  O   . LEU A 1 21  ? -5.928  1.025   9.938   1.00 22.12 ? 2   LEU A O   1 
ATOM   22  C  CB  . LEU A 1 21  ? -4.814  2.825   12.023  1.00 24.81 ? 2   LEU A CB  1 
ATOM   23  C  CG  . LEU A 1 21  ? -4.015  3.995   11.402  1.00 30.40 ? 2   LEU A CG  1 
ATOM   24  C  CD1 . LEU A 1 21  ? -3.040  4.573   12.437  1.00 35.88 ? 2   LEU A CD1 1 
ATOM   25  C  CD2 . LEU A 1 21  ? -3.295  3.654   10.043  1.00 34.25 ? 2   LEU A CD2 1 
ATOM   26  N  N   . PHE A 1 22  ? -6.529  3.057   9.120   1.00 20.86 ? 3   PHE A N   1 
ATOM   27  C  CA  . PHE A 1 22  ? -6.531  2.763   7.677   1.00 21.80 ? 3   PHE A CA  1 
ATOM   28  C  C   . PHE A 1 22  ? -5.310  3.418   6.993   1.00 21.86 ? 3   PHE A C   1 
ATOM   29  O  O   . PHE A 1 22  ? -5.186  4.634   6.912   1.00 23.67 ? 3   PHE A O   1 
ATOM   30  C  CB  . PHE A 1 22  ? -7.846  3.231   7.061   1.00 23.02 ? 3   PHE A CB  1 
ATOM   31  C  CG  . PHE A 1 22  ? -9.016  2.451   7.522   1.00 23.76 ? 3   PHE A CG  1 
ATOM   32  C  CD1 . PHE A 1 22  ? -9.505  2.600   8.836   1.00 28.20 ? 3   PHE A CD1 1 
ATOM   33  C  CD2 . PHE A 1 22  ? -9.643  1.564   6.670   1.00 25.71 ? 3   PHE A CD2 1 
ATOM   34  C  CE1 . PHE A 1 22  ? -10.595 1.833   9.262   1.00 28.03 ? 3   PHE A CE1 1 
ATOM   35  C  CE2 . PHE A 1 22  ? -10.693 0.793   7.087   1.00 26.11 ? 3   PHE A CE2 1 
ATOM   36  C  CZ  . PHE A 1 22  ? -11.187 0.938   8.380   1.00 27.12 ? 3   PHE A CZ  1 
ATOM   37  N  N   . HIS A 1 23  ? -4.388  2.563   6.557   1.00 21.82 ? 4   HIS A N   1 
ATOM   38  C  CA  . HIS A 1 23  ? -3.138  2.922   5.968   1.00 20.82 ? 4   HIS A CA  1 
ATOM   39  C  C   . HIS A 1 23  ? -3.297  2.679   4.471   1.00 20.36 ? 4   HIS A C   1 
ATOM   40  O  O   . HIS A 1 23  ? -3.389  1.541   4.033   1.00 20.11 ? 4   HIS A O   1 
ATOM   41  C  CB  . HIS A 1 23  ? -2.001  2.077   6.602   1.00 21.28 ? 4   HIS A CB  1 
ATOM   42  C  CG  . HIS A 1 23  ? -0.659  2.222   5.943   1.00 23.45 ? 4   HIS A CG  1 
ATOM   43  N  ND1 . HIS A 1 23  ? 0.054   3.401   5.898   1.00 19.67 ? 4   HIS A ND1 1 
ATOM   44  C  CD2 . HIS A 1 23  ? 0.104   1.309   5.292   1.00 21.20 ? 4   HIS A CD2 1 
ATOM   45  C  CE1 . HIS A 1 23  ? 1.208   3.192   5.289   1.00 24.44 ? 4   HIS A CE1 1 
ATOM   46  N  NE2 . HIS A 1 23  ? 1.249   1.936   4.881   1.00 23.65 ? 4   HIS A NE2 1 
ATOM   47  N  N   . GLN A 1 24  ? -3.360  3.773   3.724   1.00 20.73 ? 5   GLN A N   1 
ATOM   48  C  CA  . GLN A 1 24  ? -3.651  3.765   2.294   1.00 21.99 ? 5   GLN A CA  1 
ATOM   49  C  C   . GLN A 1 24  ? -2.435  4.302   1.554   1.00 21.12 ? 5   GLN A C   1 
ATOM   50  O  O   . GLN A 1 24  ? -1.959  5.376   1.861   1.00 20.88 ? 5   GLN A O   1 
ATOM   51  C  CB  . GLN A 1 24  ? -4.863  4.649   2.032   1.00 23.37 ? 5   GLN A CB  1 
ATOM   52  C  CG  . GLN A 1 24  ? -6.104  4.075   2.745   1.00 25.30 ? 5   GLN A CG  1 
ATOM   53  C  CD  . GLN A 1 24  ? -7.160  5.135   3.188   1.00 27.58 ? 5   GLN A CD  1 
ATOM   54  O  OE1 . GLN A 1 24  ? -8.200  5.221   2.503   1.00 38.17 ? 5   GLN A OE1 1 
ATOM   55  N  NE2 . GLN A 1 24  ? -6.837  6.030   4.230   1.00 33.32 ? 5   GLN A NE2 1 
ATOM   56  N  N   . VAL A 1 25  ? -1.939  3.567   0.563   1.00 20.95 ? 6   VAL A N   1 
ATOM   57  C  CA  . VAL A 1 25  ? -0.779  3.989   -0.195  1.00 19.82 ? 6   VAL A CA  1 
ATOM   58  C  C   . VAL A 1 25  ? -1.096  3.829   -1.688  1.00 20.26 ? 6   VAL A C   1 
ATOM   59  O  O   . VAL A 1 25  ? -1.747  2.814   -2.066  1.00 19.81 ? 6   VAL A O   1 
ATOM   60  C  CB  . VAL A 1 25  ? 0.462   3.151   0.116   1.00 21.45 ? 6   VAL A CB  1 
ATOM   61  C  CG1 . VAL A 1 25  ? 1.717   3.751   -0.590  1.00 20.32 ? 6   VAL A CG1 1 
ATOM   62  C  CG2 . VAL A 1 25  ? 0.661   3.035   1.640   1.00 20.60 ? 6   VAL A CG2 1 
ATOM   63  N  N   . PHE A 1 26  ? -0.662  4.802   -2.481  1.00 20.92 ? 7   PHE A N   1 
ATOM   64  C  CA  . PHE A 1 26  ? -0.801  4.737   -3.949  1.00 20.45 ? 7   PHE A CA  1 
ATOM   65  C  C   . PHE A 1 26  ? 0.604   4.843   -4.497  1.00 20.13 ? 7   PHE A C   1 
ATOM   66  O  O   . PHE A 1 26  ? 1.371   5.693   -4.056  1.00 21.36 ? 7   PHE A O   1 
ATOM   67  C  CB  . PHE A 1 26  ? -1.698  5.878   -4.414  1.00 21.41 ? 7   PHE A CB  1 
ATOM   68  C  CG  . PHE A 1 26  ? -3.116  5.753   -3.846  1.00 19.15 ? 7   PHE A CG  1 
ATOM   69  C  CD1 . PHE A 1 26  ? -4.024  4.899   -4.440  1.00 19.99 ? 7   PHE A CD1 1 
ATOM   70  C  CD2 . PHE A 1 26  ? -3.498  6.367   -2.651  1.00 22.12 ? 7   PHE A CD2 1 
ATOM   71  C  CE1 . PHE A 1 26  ? -5.311  4.766   -3.915  1.00 20.87 ? 7   PHE A CE1 1 
ATOM   72  C  CE2 . PHE A 1 26  ? -4.768  6.230   -2.135  1.00 21.49 ? 7   PHE A CE2 1 
ATOM   73  C  CZ  . PHE A 1 26  ? -5.667  5.441   -2.748  1.00 22.28 ? 7   PHE A CZ  1 
ATOM   74  N  N   . PHE A 1 27  ? 0.923   3.978   -5.454  1.00 20.65 ? 8   PHE A N   1 
ATOM   75  C  CA  . PHE A 1 27  ? 2.254   3.892   -6.063  1.00 21.67 ? 8   PHE A CA  1 
ATOM   76  C  C   . PHE A 1 27  ? 2.149   4.192   -7.555  1.00 21.31 ? 8   PHE A C   1 
ATOM   77  O  O   . PHE A 1 27  ? 1.262   3.642   -8.263  1.00 20.16 ? 8   PHE A O   1 
ATOM   78  C  CB  . PHE A 1 27  ? 2.834   2.475   -5.958  1.00 22.29 ? 8   PHE A CB  1 
ATOM   79  C  CG  . PHE A 1 27  ? 3.060   1.960   -4.560  1.00 21.82 ? 8   PHE A CG  1 
ATOM   80  C  CD1 . PHE A 1 27  ? 2.020   1.348   -3.845  1.00 22.01 ? 8   PHE A CD1 1 
ATOM   81  C  CD2 . PHE A 1 27  ? 4.329   1.969   -4.002  1.00 21.92 ? 8   PHE A CD2 1 
ATOM   82  C  CE1 . PHE A 1 27  ? 2.214   0.826   -2.582  1.00 21.91 ? 8   PHE A CE1 1 
ATOM   83  C  CE2 . PHE A 1 27  ? 4.528   1.417   -2.707  1.00 23.63 ? 8   PHE A CE2 1 
ATOM   84  C  CZ  . PHE A 1 27  ? 3.423   0.837   -2.026  1.00 22.11 ? 8   PHE A CZ  1 
ATOM   85  N  N   . TRP A 1 28  ? 3.086   5.010   -8.031  1.00 21.80 ? 9   TRP A N   1 
ATOM   86  C  CA  . TRP A 1 28  ? 3.255   5.277   -9.444  1.00 22.38 ? 9   TRP A CA  1 
ATOM   87  C  C   . TRP A 1 28  ? 4.574   4.601   -9.845  1.00 22.75 ? 9   TRP A C   1 
ATOM   88  O  O   . TRP A 1 28  ? 5.622   4.875   -9.235  1.00 23.72 ? 9   TRP A O   1 
ATOM   89  C  CB  . TRP A 1 28  ? 3.326   6.782   -9.704  1.00 22.43 ? 9   TRP A CB  1 
ATOM   90  C  CG  . TRP A 1 28  ? 2.033   7.503   -9.626  1.00 21.60 ? 9   TRP A CG  1 
ATOM   91  C  CD1 . TRP A 1 28  ? 1.300   7.954   -10.699 1.00 21.52 ? 9   TRP A CD1 1 
ATOM   92  C  CD2 . TRP A 1 28  ? 1.282   7.870   -8.447  1.00 21.39 ? 9   TRP A CD2 1 
ATOM   93  N  NE1 . TRP A 1 28  ? 0.183   8.605   -10.258 1.00 22.13 ? 9   TRP A NE1 1 
ATOM   94  C  CE2 . TRP A 1 28  ? 0.125   8.558   -8.890  1.00 21.94 ? 9   TRP A CE2 1 
ATOM   95  C  CE3 . TRP A 1 28  ? 1.488   7.731   -7.042  1.00 21.05 ? 9   TRP A CE3 1 
ATOM   96  C  CZ2 . TRP A 1 28  ? -0.830  9.089   -7.998  1.00 22.28 ? 9   TRP A CZ2 1 
ATOM   97  C  CZ3 . TRP A 1 28  ? 0.498   8.217   -6.151  1.00 22.15 ? 9   TRP A CZ3 1 
ATOM   98  C  CH2 . TRP A 1 28  ? -0.639  8.883   -6.638  1.00 21.55 ? 9   TRP A CH2 1 
ATOM   99  N  N   . LEU A 1 29  ? 4.510   3.722   -10.836 1.00 22.14 ? 10  LEU A N   1 
ATOM   100 C  CA  . LEU A 1 29  ? 5.656   2.941   -11.277 1.00 23.59 ? 10  LEU A CA  1 
ATOM   101 C  C   . LEU A 1 29  ? 6.569   3.832   -12.071 1.00 23.68 ? 10  LEU A C   1 
ATOM   102 O  O   . LEU A 1 29  ? 6.083   4.741   -12.760 1.00 23.76 ? 10  LEU A O   1 
ATOM   103 C  CB  . LEU A 1 29  ? 5.224   1.745   -12.147 1.00 23.85 ? 10  LEU A CB  1 
ATOM   104 C  CG  . LEU A 1 29  ? 4.572   0.530   -11.445 1.00 24.65 ? 10  LEU A CG  1 
ATOM   105 C  CD1 . LEU A 1 29  ? 4.030   -0.408  -12.502 1.00 27.83 ? 10  LEU A CD1 1 
ATOM   106 C  CD2 . LEU A 1 29  ? 5.513   -0.193  -10.464 1.00 26.34 ? 10  LEU A CD2 1 
ATOM   107 N  N   . LYS A 1 30  ? 7.882   3.562   -12.012 1.00 25.08 ? 11  LYS A N   1 
ATOM   108 C  CA  . LYS A 1 30  ? 8.867   4.205   -12.900 1.00 26.07 ? 11  LYS A CA  1 
ATOM   109 C  C   . LYS A 1 30  ? 8.552   3.904   -14.359 1.00 25.32 ? 11  LYS A C   1 
ATOM   110 O  O   . LYS A 1 30  ? 8.774   4.751   -15.227 1.00 25.79 ? 11  LYS A O   1 
ATOM   111 C  CB  . LYS A 1 30  ? 10.303  3.769   -12.584 1.00 26.56 ? 11  LYS A CB  1 
ATOM   112 C  CG  . LYS A 1 30  ? 10.801  4.221   -11.242 1.00 28.95 ? 11  LYS A CG  1 
ATOM   113 C  CD  . LYS A 1 30  ? 12.288  4.078   -11.123 1.00 29.47 ? 11  LYS A CD  1 
ATOM   114 C  CE  . LYS A 1 30  ? 12.747  4.400   -9.685  1.00 31.90 ? 11  LYS A CE  1 
ATOM   115 N  NZ  . LYS A 1 30  ? 14.229  4.224   -9.571  1.00 35.63 ? 11  LYS A NZ  1 
ATOM   116 N  N   . ASN A 1 31  ? 8.046   2.701   -14.603 1.00 24.68 ? 12  ASN A N   1 
ATOM   117 C  CA  A ASN A 1 31  ? 7.658   2.214   -15.909 0.50 24.94 ? 12  ASN A CA  1 
ATOM   118 C  CA  B ASN A 1 31  ? 7.641   2.290   -15.931 0.50 25.77 ? 12  ASN A CA  1 
ATOM   119 C  C   . ASN A 1 31  ? 6.157   1.972   -15.895 1.00 26.19 ? 12  ASN A C   1 
ATOM   120 O  O   . ASN A 1 31  ? 5.748   0.853   -15.764 1.00 23.78 ? 12  ASN A O   1 
ATOM   121 C  CB  A ASN A 1 31  ? 8.341   0.860   -16.188 0.50 24.32 ? 12  ASN A CB  1 
ATOM   122 C  CB  B ASN A 1 31  ? 8.468   1.104   -16.424 0.50 25.71 ? 12  ASN A CB  1 
ATOM   123 C  CG  A ASN A 1 31  ? 9.836   0.955   -16.313 0.50 23.44 ? 12  ASN A CG  1 
ATOM   124 C  CG  B ASN A 1 31  ? 8.336   0.881   -17.930 0.50 28.48 ? 12  ASN A CG  1 
ATOM   125 O  OD1 A ASN A 1 31  ? 10.334  1.871   -16.936 0.50 21.10 ? 12  ASN A OD1 1 
ATOM   126 O  OD1 B ASN A 1 31  ? 7.806   1.725   -18.672 0.50 31.82 ? 12  ASN A OD1 1 
ATOM   127 N  ND2 A ASN A 1 31  ? 10.563  -0.033  -15.761 0.50 21.02 ? 12  ASN A ND2 1 
ATOM   128 N  ND2 B ASN A 1 31  ? 8.843   -0.256  -18.392 0.50 29.06 ? 12  ASN A ND2 1 
ATOM   129 N  N   . PRO A 1 32  ? 5.326   3.027   -15.974 1.00 27.53 ? 13  PRO A N   1 
ATOM   130 C  CA  . PRO A 1 32  ? 3.907   2.774   -15.865 1.00 27.41 ? 13  PRO A CA  1 
ATOM   131 C  C   . PRO A 1 32  ? 3.411   1.830   -16.956 1.00 27.85 ? 13  PRO A C   1 
ATOM   132 O  O   . PRO A 1 32  ? 3.931   1.849   -18.077 1.00 27.32 ? 13  PRO A O   1 
ATOM   133 C  CB  . PRO A 1 32  ? 3.280   4.165   -16.075 1.00 28.42 ? 13  PRO A CB  1 
ATOM   134 C  CG  . PRO A 1 32  ? 4.358   5.116   -15.815 1.00 29.09 ? 13  PRO A CG  1 
ATOM   135 C  CD  . PRO A 1 32  ? 5.628   4.457   -16.166 1.00 29.47 ? 13  PRO A CD  1 
ATOM   136 N  N   . GLY A 1 33  ? 2.430   1.003   -16.612 1.00 27.70 ? 14  GLY A N   1 
ATOM   137 C  CA  . GLY A 1 33  ? 1.917   0.065   -17.625 1.00 28.29 ? 14  GLY A CA  1 
ATOM   138 C  C   . GLY A 1 33  ? 2.823   -1.147  -17.863 1.00 27.22 ? 14  GLY A C   1 
ATOM   139 O  O   . GLY A 1 33  ? 2.446   -2.040  -18.638 1.00 26.53 ? 14  GLY A O   1 
ATOM   140 N  N   . ASP A 1 34  ? 3.981   -1.214  -17.181 1.00 24.77 ? 15  ASP A N   1 
ATOM   141 C  CA  . ASP A 1 34  ? 4.832   -2.397  -17.292 1.00 22.65 ? 15  ASP A CA  1 
ATOM   142 C  C   . ASP A 1 34  ? 4.288   -3.481  -16.375 1.00 21.46 ? 15  ASP A C   1 
ATOM   143 O  O   . ASP A 1 34  ? 4.436   -3.414  -15.148 1.00 19.74 ? 15  ASP A O   1 
ATOM   144 C  CB  . ASP A 1 34  ? 6.271   -2.099  -16.931 1.00 21.89 ? 15  ASP A CB  1 
ATOM   145 C  CG  . ASP A 1 34  ? 7.169   -3.231  -17.286 1.00 22.76 ? 15  ASP A CG  1 
ATOM   146 O  OD1 . ASP A 1 34  ? 7.233   -4.193  -16.501 1.00 22.55 ? 15  ASP A OD1 1 
ATOM   147 O  OD2 . ASP A 1 34  ? 7.807   -3.206  -18.379 1.00 23.50 ? 15  ASP A OD2 1 
ATOM   148 N  N   . LYS A 1 35  ? 3.626   -4.465  -16.975 1.00 20.56 ? 16  LYS A N   1 
ATOM   149 C  CA  . LYS A 1 35  ? 2.978   -5.506  -16.224 1.00 21.32 ? 16  LYS A CA  1 
ATOM   150 C  C   . LYS A 1 35  ? 3.918   -6.299  -15.300 1.00 20.06 ? 16  LYS A C   1 
ATOM   151 O  O   . LYS A 1 35  ? 3.572   -6.580  -14.168 1.00 21.63 ? 16  LYS A O   1 
ATOM   152 C  CB  . LYS A 1 35  ? 2.257   -6.456  -17.159 1.00 21.56 ? 16  LYS A CB  1 
ATOM   153 C  CG  . LYS A 1 35  ? 1.555   -7.614  -16.502 1.00 22.96 ? 16  LYS A CG  1 
ATOM   154 C  CD  . LYS A 1 35  ? 0.655   -8.318  -17.481 1.00 25.21 ? 16  LYS A CD  1 
ATOM   155 C  CE  . LYS A 1 35  ? 0.152   -9.622  -16.947 1.00 29.42 ? 16  LYS A CE  1 
ATOM   156 N  NZ  . LYS A 1 35  ? -0.745  -9.408  -15.830 1.00 31.04 ? 16  LYS A NZ  1 
ATOM   157 N  N   . ALA A 1 36  ? 5.096   -6.653  -15.802 1.00 20.49 ? 17  ALA A N   1 
ATOM   158 C  CA  . ALA A 1 36  ? 6.092   -7.326  -14.964 1.00 19.96 ? 17  ALA A CA  1 
ATOM   159 C  C   . ALA A 1 36  ? 6.435   -6.577  -13.686 1.00 20.27 ? 17  ALA A C   1 
ATOM   160 O  O   . ALA A 1 36  ? 6.445   -7.160  -12.638 1.00 20.85 ? 17  ALA A O   1 
ATOM   161 C  CB  . ALA A 1 36  ? 7.355   -7.627  -15.770 1.00 20.58 ? 17  ALA A CB  1 
ATOM   162 N  N   . ASP A 1 37  ? 6.708   -5.283  -13.774 1.00 20.31 ? 18  ASP A N   1 
ATOM   163 C  CA  . ASP A 1 37  ? 6.992   -4.466  -12.609 1.00 21.03 ? 18  ASP A CA  1 
ATOM   164 C  C   . ASP A 1 37  ? 5.778   -4.332  -11.704 1.00 20.40 ? 18  ASP A C   1 
ATOM   165 O  O   . ASP A 1 37  ? 5.901   -4.397  -10.495 1.00 20.98 ? 18  ASP A O   1 
ATOM   166 C  CB  . ASP A 1 37  ? 7.432   -3.076  -12.992 1.00 20.46 ? 18  ASP A CB  1 
ATOM   167 C  CG  . ASP A 1 37  ? 8.804   -3.035  -13.644 1.00 23.73 ? 18  ASP A CG  1 
ATOM   168 O  OD1 . ASP A 1 37  ? 9.475   -4.102  -13.698 1.00 22.43 ? 18  ASP A OD1 1 
ATOM   169 O  OD2 . ASP A 1 37  ? 9.184   -1.911  -14.077 1.00 24.30 ? 18  ASP A OD2 1 
ATOM   170 N  N   . ARG A 1 38  ? 4.613   -4.116  -12.303 1.00 19.83 ? 19  ARG A N   1 
ATOM   171 C  CA  . ARG A 1 38  ? 3.377   -4.040  -11.545 1.00 20.88 ? 19  ARG A CA  1 
ATOM   172 C  C   . ARG A 1 38  ? 3.155   -5.321  -10.768 1.00 20.63 ? 19  ARG A C   1 
ATOM   173 O  O   . ARG A 1 38  ? 2.819   -5.276  -9.589  1.00 21.67 ? 19  ARG A O   1 
ATOM   174 C  CB  . ARG A 1 38  ? 2.222   -3.833  -12.491 1.00 20.82 ? 19  ARG A CB  1 
ATOM   175 C  CG  . ARG A 1 38  ? 0.925   -3.461  -11.751 1.00 22.11 ? 19  ARG A CG  1 
ATOM   176 C  CD  . ARG A 1 38  ? -0.178  -3.036  -12.654 1.00 23.82 ? 19  ARG A CD  1 
ATOM   177 N  NE  . ARG A 1 38  ? -0.521  -4.057  -13.599 1.00 27.46 ? 19  ARG A NE  1 
ATOM   178 C  CZ  . ARG A 1 38  ? -0.501  -3.902  -14.945 1.00 26.07 ? 19  ARG A CZ  1 
ATOM   179 N  NH1 . ARG A 1 38  ? -0.214  -2.747  -15.524 1.00 25.95 ? 19  ARG A NH1 1 
ATOM   180 N  NH2 . ARG A 1 38  ? -0.838  -4.928  -15.691 1.00 26.18 ? 19  ARG A NH2 1 
ATOM   181 N  N   . ASP A 1 39  ? 3.243   -6.451  -11.458 1.00 20.58 ? 20  ASP A N   1 
ATOM   182 C  CA  . ASP A 1 39  ? 3.038   -7.742  -10.772 1.00 21.22 ? 20  ASP A CA  1 
ATOM   183 C  C   . ASP A 1 39  ? 4.038   -7.971  -9.642  1.00 21.05 ? 20  ASP A C   1 
ATOM   184 O  O   . ASP A 1 39  ? 3.693   -8.543  -8.596  1.00 20.80 ? 20  ASP A O   1 
ATOM   185 C  CB  . ASP A 1 39  ? 3.086   -8.911  -11.758 1.00 21.59 ? 20  ASP A CB  1 
ATOM   186 C  CG  . ASP A 1 39  ? 1.896   -8.939  -12.697 1.00 24.22 ? 20  ASP A CG  1 
ATOM   187 O  OD1 . ASP A 1 39  ? 0.879   -8.255  -12.446 1.00 28.18 ? 20  ASP A OD1 1 
ATOM   188 O  OD2 . ASP A 1 39  ? 2.019   -9.671  -13.705 1.00 29.48 ? 20  ASP A OD2 1 
ATOM   189 N  N   . LYS A 1 40  ? 5.272   -7.554  -9.856  1.00 21.04 ? 21  LYS A N   1 
ATOM   190 C  CA  . LYS A 1 40  ? 6.314   -7.692  -8.831  1.00 22.37 ? 21  LYS A CA  1 
ATOM   191 C  C   . LYS A 1 40  ? 5.959   -6.861  -7.586  1.00 22.01 ? 21  LYS A C   1 
ATOM   192 O  O   . LYS A 1 40  ? 6.101   -7.334  -6.434  1.00 21.40 ? 21  LYS A O   1 
ATOM   193 C  CB  . LYS A 1 40  ? 7.658   -7.206  -9.376  1.00 21.89 ? 21  LYS A CB  1 
ATOM   194 C  CG  . LYS A 1 40  ? 8.781   -7.438  -8.414  1.00 23.52 ? 21  LYS A CG  1 
ATOM   195 C  CD  . LYS A 1 40  ? 10.158  -6.995  -8.959  1.00 26.72 ? 21  LYS A CD  1 
ATOM   196 N  N   . LEU A 1 41  ? 5.523   -5.630  -7.821  1.00 21.16 ? 22  LEU A N   1 
ATOM   197 C  CA  . LEU A 1 41  ? 5.092   -4.767  -6.746  1.00 21.80 ? 22  LEU A CA  1 
ATOM   198 C  C   . LEU A 1 41  ? 3.885   -5.332  -5.962  1.00 20.80 ? 22  LEU A C   1 
ATOM   199 O  O   . LEU A 1 41  ? 3.902   -5.399  -4.749  1.00 20.28 ? 22  LEU A O   1 
ATOM   200 C  CB  . LEU A 1 41  ? 4.850   -3.355  -7.261  1.00 22.71 ? 22  LEU A CB  1 
ATOM   201 C  CG  . LEU A 1 41  ? 4.413   -2.298  -6.260  1.00 21.91 ? 22  LEU A CG  1 
ATOM   202 C  CD1 . LEU A 1 41  ? 5.336   -2.197  -5.013  1.00 25.09 ? 22  LEU A CD1 1 
ATOM   203 C  CD2 . LEU A 1 41  ? 4.203   -0.935  -6.967  1.00 22.94 ? 22  LEU A CD2 1 
ATOM   204 N  N   . ILE A 1 42  ? 2.888   -5.836  -6.671  1.00 19.07 ? 23  ILE A N   1 
ATOM   205 C  CA  . ILE A 1 42  ? 1.714   -6.430  -6.096  1.00 19.55 ? 23  ILE A CA  1 
ATOM   206 C  C   . ILE A 1 42  ? 2.111   -7.628  -5.248  1.00 19.71 ? 23  ILE A C   1 
ATOM   207 O  O   . ILE A 1 42  ? 1.687   -7.769  -4.113  1.00 20.11 ? 23  ILE A O   1 
ATOM   208 C  CB  . ILE A 1 42  ? 0.714   -6.831  -7.222  1.00 19.16 ? 23  ILE A CB  1 
ATOM   209 C  CG1 . ILE A 1 42  ? 0.126   -5.565  -7.859  1.00 19.98 ? 23  ILE A CG1 1 
ATOM   210 C  CG2 . ILE A 1 42  ? -0.430  -7.799  -6.711  1.00 20.82 ? 23  ILE A CG2 1 
ATOM   211 C  CD1 . ILE A 1 42  ? -0.612  -5.857  -9.147  1.00 19.40 ? 23  ILE A CD1 1 
ATOM   212 N  N   . ALA A 1 43  ? 2.958   -8.485  -5.810  1.00 18.92 ? 24  ALA A N   1 
ATOM   213 C  CA  . ALA A 1 43  ? 3.354   -9.692  -5.128  1.00 20.07 ? 24  ALA A CA  1 
ATOM   214 C  C   . ALA A 1 43  ? 4.121   -9.337  -3.860  1.00 20.26 ? 24  ALA A C   1 
ATOM   215 O  O   . ALA A 1 43  ? 3.971   -9.990  -2.815  1.00 22.28 ? 24  ALA A O   1 
ATOM   216 C  CB  . ALA A 1 43  ? 4.207   -10.532 -6.085  1.00 19.10 ? 24  ALA A CB  1 
ATOM   217 N  N   . GLY A 1 44  ? 4.975   -8.326  -3.952  1.00 20.11 ? 25  GLY A N   1 
ATOM   218 C  CA  . GLY A 1 44  ? 5.753   -7.887  -2.800  1.00 20.28 ? 25  GLY A CA  1 
ATOM   219 C  C   . GLY A 1 44  ? 4.887   -7.336  -1.656  1.00 18.91 ? 25  GLY A C   1 
ATOM   220 O  O   . GLY A 1 44  ? 5.125   -7.644  -0.469  1.00 20.48 ? 25  GLY A O   1 
ATOM   221 N  N   . LEU A 1 45  ? 3.867   -6.563  -2.022  1.00 18.83 ? 26  LEU A N   1 
ATOM   222 C  CA  . LEU A 1 45  ? 2.889   -6.059  -1.074  1.00 18.11 ? 26  LEU A CA  1 
ATOM   223 C  C   . LEU A 1 45  ? 2.095   -7.193  -0.405  1.00 18.34 ? 26  LEU A C   1 
ATOM   224 O  O   . LEU A 1 45  ? 1.993   -7.242  0.807   1.00 18.30 ? 26  LEU A O   1 
ATOM   225 C  CB  . LEU A 1 45  ? 1.924   -5.085  -1.743  1.00 18.62 ? 26  LEU A CB  1 
ATOM   226 C  CG  . LEU A 1 45  ? 2.630   -3.753  -2.048  1.00 18.48 ? 26  LEU A CG  1 
ATOM   227 C  CD1 . LEU A 1 45  ? 1.759   -2.963  -3.089  1.00 19.71 ? 26  LEU A CD1 1 
ATOM   228 C  CD2 . LEU A 1 45  ? 2.831   -2.971  -0.720  1.00 19.54 ? 26  LEU A CD2 1 
ATOM   229 N  N   . LYS A 1 46  ? 1.557   -8.106  -1.200  1.00 19.23 ? 27  LYS A N   1 
ATOM   230 C  CA  . LYS A 1 46  ? 0.783   -9.212  -0.677  1.00 19.68 ? 27  LYS A CA  1 
ATOM   231 C  C   . LYS A 1 46  ? 1.548   -10.063 0.304   1.00 20.01 ? 27  LYS A C   1 
ATOM   232 O  O   . LYS A 1 46  ? 0.966   -10.550 1.274   1.00 18.74 ? 27  LYS A O   1 
ATOM   233 C  CB  . LYS A 1 46  ? 0.196   -10.050 -1.803  1.00 20.17 ? 27  LYS A CB  1 
ATOM   234 C  CG  . LYS A 1 46  ? -0.858  -9.360  -2.640  1.00 20.54 ? 27  LYS A CG  1 
ATOM   235 C  CD  . LYS A 1 46  ? -1.446  -10.275 -3.642  1.00 23.26 ? 27  LYS A CD  1 
ATOM   236 C  CE  . LYS A 1 46  ? -2.645  -9.692  -4.309  1.00 26.64 ? 27  LYS A CE  1 
ATOM   237 N  NZ  . LYS A 1 46  ? -3.439  -10.731 -5.042  1.00 29.55 ? 27  LYS A NZ  1 
ATOM   238 N  N   . ALA A 1 47  ? 2.848   -10.239 0.082   1.00 17.55 ? 28  ALA A N   1 
ATOM   239 C  CA  . ALA A 1 47  ? 3.663   -11.066 0.967   1.00 18.56 ? 28  ALA A CA  1 
ATOM   240 C  C   . ALA A 1 47  ? 3.874   -10.452 2.334   1.00 18.46 ? 28  ALA A C   1 
ATOM   241 O  O   . ALA A 1 47  ? 4.343   -11.131 3.263   1.00 18.29 ? 28  ALA A O   1 
ATOM   242 C  CB  . ALA A 1 47  ? 5.008   -11.363 0.341   1.00 18.44 ? 28  ALA A CB  1 
ATOM   243 N  N   . LEU A 1 48  ? 3.523   -9.178  2.509   1.00 17.89 ? 29  LEU A N   1 
ATOM   244 C  CA  . LEU A 1 48  ? 3.601   -8.567  3.826   1.00 18.63 ? 29  LEU A CA  1 
ATOM   245 C  C   . LEU A 1 48  ? 2.579   -9.155  4.833   1.00 18.34 ? 29  LEU A C   1 
ATOM   246 O  O   . LEU A 1 48  ? 2.663   -8.838  6.023   1.00 19.62 ? 29  LEU A O   1 
ATOM   247 C  CB  . LEU A 1 48  ? 3.450   -7.026  3.736   1.00 19.15 ? 29  LEU A CB  1 
ATOM   248 C  CG  . LEU A 1 48  ? 4.609   -6.331  2.997   1.00 19.73 ? 29  LEU A CG  1 
ATOM   249 C  CD1 . LEU A 1 48  ? 4.314   -4.868  2.615   1.00 19.81 ? 29  LEU A CD1 1 
ATOM   250 C  CD2 . LEU A 1 48  ? 5.962   -6.390  3.765   1.00 20.40 ? 29  LEU A CD2 1 
ATOM   251 N  N   . LYS A 1 49  ? 1.652   -10.016 4.354   1.00 18.68 ? 30  LYS A N   1 
ATOM   252 C  CA  . LYS A 1 49  ? 0.705   -10.761 5.209   1.00 18.91 ? 30  LYS A CA  1 
ATOM   253 C  C   . LYS A 1 49  ? 1.445   -11.560 6.310   1.00 19.02 ? 30  LYS A C   1 
ATOM   254 O  O   . LYS A 1 49  ? 0.821   -11.991 7.284   1.00 20.81 ? 30  LYS A O   1 
ATOM   255 C  CB  . LYS A 1 49  ? -0.159  -11.692 4.372   1.00 18.54 ? 30  LYS A CB  1 
ATOM   256 C  CG  . LYS A 1 49  ? 0.611   -12.773 3.686   1.00 19.86 ? 30  LYS A CG  1 
ATOM   257 C  CD  . LYS A 1 49  ? -0.262  -13.531 2.730   1.00 20.05 ? 30  LYS A CD  1 
ATOM   258 C  CE  . LYS A 1 49  ? 0.443   -14.762 2.143   1.00 21.91 ? 30  LYS A CE  1 
ATOM   259 N  NZ  . LYS A 1 49  ? -0.295  -15.296 0.926   1.00 21.68 ? 30  LYS A NZ  1 
ATOM   260 N  N   . ALA A 1 50  ? 2.758   -11.780 6.126   1.00 19.17 ? 31  ALA A N   1 
ATOM   261 C  CA  . ALA A 1 50  ? 3.607   -12.377 7.151   1.00 19.47 ? 31  ALA A CA  1 
ATOM   262 C  C   . ALA A 1 50  ? 3.686   -11.579 8.433   1.00 20.53 ? 31  ALA A C   1 
ATOM   263 O  O   . ALA A 1 50  ? 4.040   -12.123 9.472   1.00 21.35 ? 31  ALA A O   1 
ATOM   264 C  CB  . ALA A 1 50  ? 5.021   -12.610 6.584   1.00 19.76 ? 31  ALA A CB  1 
ATOM   265 N  N   . ILE A 1 51  ? 3.441   -10.274 8.351   1.00 19.83 ? 32  ILE A N   1 
ATOM   266 C  CA  . ILE A 1 51  ? 3.485   -9.383  9.525   1.00 20.16 ? 32  ILE A CA  1 
ATOM   267 C  C   . ILE A 1 51  ? 2.180   -9.481  10.308  1.00 21.41 ? 32  ILE A C   1 
ATOM   268 O  O   . ILE A 1 51  ? 1.125   -9.045  9.821   1.00 20.84 ? 32  ILE A O   1 
ATOM   269 C  CB  . ILE A 1 51  ? 3.785   -7.920  9.075   1.00 20.04 ? 32  ILE A CB  1 
ATOM   270 C  CG1 . ILE A 1 51  ? 5.193   -7.849  8.426   1.00 20.71 ? 32  ILE A CG1 1 
ATOM   271 C  CG2 . ILE A 1 51  ? 3.704   -6.978  10.269  1.00 20.59 ? 32  ILE A CG2 1 
ATOM   272 C  CD1 . ILE A 1 51  ? 5.501   -6.526  7.719   1.00 20.78 ? 32  ILE A CD1 1 
ATOM   273 N  N   . ASP A 1 52  ? 2.216   -10.034 11.520  1.00 23.19 ? 33  ASP A N   1 
ATOM   274 C  CA  A ASP A 1 52  ? 0.956   -10.330 12.246  0.50 23.76 ? 33  ASP A CA  1 
ATOM   275 C  CA  B ASP A 1 52  ? 0.965   -10.326 12.250  0.50 24.37 ? 33  ASP A CA  1 
ATOM   276 C  C   . ASP A 1 52  ? 0.173   -9.112  12.763  1.00 23.30 ? 33  ASP A C   1 
ATOM   277 O  O   . ASP A 1 52  ? -1.007  -9.231  13.069  1.00 25.06 ? 33  ASP A O   1 
ATOM   278 C  CB  A ASP A 1 52  ? 1.186   -11.308 13.392  0.50 24.87 ? 33  ASP A CB  1 
ATOM   279 C  CB  B ASP A 1 52  ? 1.216   -11.323 13.383  0.50 25.42 ? 33  ASP A CB  1 
ATOM   280 C  CG  A ASP A 1 52  ? 1.889   -10.679 14.547  0.50 25.64 ? 33  ASP A CG  1 
ATOM   281 C  CG  B ASP A 1 52  ? 1.054   -12.780 12.936  0.50 27.68 ? 33  ASP A CG  1 
ATOM   282 O  OD1 A ASP A 1 52  ? 2.838   -9.920  14.292  0.50 27.97 ? 33  ASP A OD1 1 
ATOM   283 O  OD1 B ASP A 1 52  ? 0.881   -13.069 11.726  0.50 33.12 ? 33  ASP A OD1 1 
ATOM   284 O  OD2 A ASP A 1 52  ? 1.506   -10.956 15.712  0.50 32.54 ? 33  ASP A OD2 1 
ATOM   285 O  OD2 B ASP A 1 52  ? 1.086   -13.646 13.826  0.50 30.61 ? 33  ASP A OD2 1 
ATOM   286 N  N   . VAL A 1 53  ? 0.785   -7.938  12.852  1.00 22.80 ? 34  VAL A N   1 
ATOM   287 C  CA  . VAL A 1 53  ? -0.017  -6.753  13.260  1.00 21.82 ? 34  VAL A CA  1 
ATOM   288 C  C   . VAL A 1 53  ? -0.990  -6.228  12.161  1.00 22.16 ? 34  VAL A C   1 
ATOM   289 O  O   . VAL A 1 53  ? -1.894  -5.425  12.443  1.00 22.36 ? 34  VAL A O   1 
ATOM   290 C  CB  . VAL A 1 53  ? 0.831   -5.576  13.780  1.00 22.29 ? 34  VAL A CB  1 
ATOM   291 C  CG1 . VAL A 1 53  ? 1.496   -5.942  15.110  1.00 24.16 ? 34  VAL A CG1 1 
ATOM   292 C  CG2 . VAL A 1 53  ? 1.845   -5.062  12.718  1.00 22.45 ? 34  VAL A CG2 1 
ATOM   293 N  N   . ILE A 1 54  ? -0.788  -6.657  10.916  1.00 20.59 ? 35  ILE A N   1 
ATOM   294 C  CA  . ILE A 1 54  ? -1.736  -6.300  9.842   1.00 20.42 ? 35  ILE A CA  1 
ATOM   295 C  C   . ILE A 1 54  ? -3.067  -7.067  9.983   1.00 19.78 ? 35  ILE A C   1 
ATOM   296 O  O   . ILE A 1 54  ? -3.133  -8.307  9.943   1.00 19.83 ? 35  ILE A O   1 
ATOM   297 C  CB  . ILE A 1 54  ? -1.150  -6.544  8.393   1.00 19.24 ? 35  ILE A CB  1 
ATOM   298 C  CG1 . ILE A 1 54  ? 0.160   -5.770  8.144   1.00 19.73 ? 35  ILE A CG1 1 
ATOM   299 C  CG2 . ILE A 1 54  ? -2.256  -6.188  7.338   1.00 20.14 ? 35  ILE A CG2 1 
ATOM   300 C  CD1 . ILE A 1 54  ? 0.943   -6.283  7.010   1.00 20.00 ? 35  ILE A CD1 1 
ATOM   301 N  N   . GLN A 1 55  ? -4.156  -6.336  10.173  1.00 19.13 ? 36  GLN A N   1 
ATOM   302 C  CA  . GLN A 1 55  ? -5.457  -6.943  10.328  1.00 18.67 ? 36  GLN A CA  1 
ATOM   303 C  C   . GLN A 1 55  ? -6.141  -7.255  9.021   1.00 18.85 ? 36  GLN A C   1 
ATOM   304 O  O   . GLN A 1 55  ? -6.854  -8.222  8.905   1.00 19.86 ? 36  GLN A O   1 
ATOM   305 C  CB  . GLN A 1 55  ? -6.370  -6.030  11.151  1.00 19.55 ? 36  GLN A CB  1 
ATOM   306 C  CG  . GLN A 1 55  ? -5.860  -5.726  12.520  1.00 21.11 ? 36  GLN A CG  1 
ATOM   307 C  CD  . GLN A 1 55  ? -5.764  -6.929  13.403  1.00 25.13 ? 36  GLN A CD  1 
ATOM   308 O  OE1 . GLN A 1 55  ? -6.643  -7.774  13.409  1.00 30.49 ? 36  GLN A OE1 1 
ATOM   309 N  NE2 . GLN A 1 55  ? -4.707  -6.992  14.193  1.00 28.94 ? 36  GLN A NE2 1 
ATOM   310 N  N   . GLN A 1 56  ? -5.942  -6.374  8.044   1.00 18.77 ? 37  GLN A N   1 
ATOM   311 C  CA  . GLN A 1 56  ? -6.379  -6.632  6.661   1.00 20.63 ? 37  GLN A CA  1 
ATOM   312 C  C   . GLN A 1 56  ? -5.376  -6.047  5.689   1.00 20.80 ? 37  GLN A C   1 
ATOM   313 O  O   . GLN A 1 56  ? -4.657  -5.090  6.012   1.00 21.16 ? 37  GLN A O   1 
ATOM   314 C  CB  . GLN A 1 56  ? -7.716  -5.965  6.345   1.00 22.59 ? 37  GLN A CB  1 
ATOM   315 C  CG  . GLN A 1 56  ? -8.841  -6.274  7.236   1.00 24.51 ? 37  GLN A CG  1 
ATOM   316 C  CD  . GLN A 1 56  ? -10.099 -5.495  6.817   1.00 25.57 ? 37  GLN A CD  1 
ATOM   317 O  OE1 . GLN A 1 56  ? -10.238 -5.020  5.652   1.00 29.36 ? 37  GLN A OE1 1 
ATOM   318 N  NE2 . GLN A 1 56  ? -10.992 -5.303  7.773   1.00 33.55 ? 37  GLN A NE2 1 
ATOM   319 N  N   . LEU A 1 57  ? -5.270  -6.676  4.533   1.00 19.85 ? 38  LEU A N   1 
ATOM   320 C  CA  . LEU A 1 57  ? -4.259  -6.275  3.537   1.00 19.39 ? 38  LEU A CA  1 
ATOM   321 C  C   . LEU A 1 57  ? -4.944  -6.410  2.187   1.00 20.49 ? 38  LEU A C   1 
ATOM   322 O  O   . LEU A 1 57  ? -5.264  -7.511  1.795   1.00 20.63 ? 38  LEU A O   1 
ATOM   323 C  CB  . LEU A 1 57  ? -3.056  -7.241  3.640   1.00 20.06 ? 38  LEU A CB  1 
ATOM   324 C  CG  . LEU A 1 57  ? -1.708  -6.808  3.071   1.00 22.44 ? 38  LEU A CG  1 
ATOM   325 C  CD1 . LEU A 1 57  ? -0.649  -7.861  3.258   1.00 24.27 ? 38  LEU A CD1 1 
ATOM   326 C  CD2 . LEU A 1 57  ? -1.814  -6.445  1.614   1.00 25.49 ? 38  LEU A CD2 1 
ATOM   327 N  N   . HIS A 1 58  ? -5.157  -5.293  1.492   1.00 18.67 ? 39  HIS A N   1 
ATOM   328 C  CA  . HIS A 1 58  ? -5.796  -5.250  0.176   1.00 19.13 ? 39  HIS A CA  1 
ATOM   329 C  C   . HIS A 1 58  ? -4.881  -4.566  -0.782  1.00 20.50 ? 39  HIS A C   1 
ATOM   330 O  O   . HIS A 1 58  ? -4.375  -3.494  -0.485  1.00 21.93 ? 39  HIS A O   1 
ATOM   331 C  CB  . HIS A 1 58  ? -7.150  -4.501  0.230   1.00 20.48 ? 39  HIS A CB  1 
ATOM   332 C  CG  . HIS A 1 58  ? -8.107  -5.087  1.242   1.00 21.93 ? 39  HIS A CG  1 
ATOM   333 N  ND1 . HIS A 1 58  ? -8.865  -6.204  0.992   1.00 25.25 ? 39  HIS A ND1 1 
ATOM   334 C  CD2 . HIS A 1 58  ? -8.419  -4.696  2.501   1.00 25.13 ? 39  HIS A CD2 1 
ATOM   335 C  CE1 . HIS A 1 58  ? -9.588  -6.491  2.065   1.00 24.32 ? 39  HIS A CE1 1 
ATOM   336 N  NE2 . HIS A 1 58  ? -9.369  -5.564  2.976   1.00 26.18 ? 39  HIS A NE2 1 
ATOM   337 N  N   . VAL A 1 59  ? -4.715  -5.141  -1.969  1.00 20.46 ? 40  VAL A N   1 
ATOM   338 C  CA  . VAL A 1 59  ? -3.873  -4.515  -2.998  1.00 20.13 ? 40  VAL A CA  1 
ATOM   339 C  C   . VAL A 1 59  ? -4.763  -4.372  -4.221  1.00 20.88 ? 40  VAL A C   1 
ATOM   340 O  O   . VAL A 1 59  ? -5.617  -5.220  -4.449  1.00 21.43 ? 40  VAL A O   1 
ATOM   341 C  CB  . VAL A 1 59  ? -2.631  -5.355  -3.310  1.00 21.42 ? 40  VAL A CB  1 
ATOM   342 C  CG1 . VAL A 1 59  ? -1.724  -4.638  -4.373  1.00 23.37 ? 40  VAL A CG1 1 
ATOM   343 C  CG2 . VAL A 1 59  ? -1.894  -5.633  -2.000  1.00 20.96 ? 40  VAL A CG2 1 
ATOM   344 N  N   . GLY A 1 60  ? -4.624  -3.284  -4.986  1.00 21.58 ? 41  GLY A N   1 
ATOM   345 C  CA  . GLY A 1 60  ? -5.497  -3.054  -6.108  1.00 21.09 ? 41  GLY A CA  1 
ATOM   346 C  C   . GLY A 1 60  ? -4.824  -2.234  -7.207  1.00 20.36 ? 41  GLY A C   1 
ATOM   347 O  O   . GLY A 1 60  ? -3.643  -1.936  -7.116  1.00 20.27 ? 41  GLY A O   1 
ATOM   348 N  N   . VAL A 1 61  ? -5.583  -1.956  -8.252  1.00 19.43 ? 42  VAL A N   1 
ATOM   349 C  CA  . VAL A 1 61  ? -5.207  -1.117  -9.373  1.00 19.48 ? 42  VAL A CA  1 
ATOM   350 C  C   . VAL A 1 61  ? -6.356  -0.226  -9.679  1.00 20.29 ? 42  VAL A C   1 
ATOM   351 O  O   . VAL A 1 61  ? -7.478  -0.479  -9.235  1.00 20.16 ? 42  VAL A O   1 
ATOM   352 C  CB  . VAL A 1 61  ? -4.886  -1.988  -10.649 1.00 20.70 ? 42  VAL A CB  1 
ATOM   353 C  CG1 . VAL A 1 61  ? -3.724  -2.927  -10.377 1.00 19.08 ? 42  VAL A CG1 1 
ATOM   354 C  CG2 . VAL A 1 61  ? -6.116  -2.801  -11.073 1.00 20.26 ? 42  VAL A CG2 1 
ATOM   355 N  N   . PRO A 1 62  ? -6.137  0.835   -10.470 1.00 20.31 ? 43  PRO A N   1 
ATOM   356 C  CA  . PRO A 1 62  ? -7.325  1.665   -10.758 1.00 20.71 ? 43  PRO A CA  1 
ATOM   357 C  C   . PRO A 1 62  ? -8.523  0.902   -11.331 1.00 22.24 ? 43  PRO A C   1 
ATOM   358 O  O   . PRO A 1 62  ? -8.372  0.068   -12.196 1.00 21.28 ? 43  PRO A O   1 
ATOM   359 C  CB  . PRO A 1 62  ? -6.821  2.653   -11.787 1.00 21.28 ? 43  PRO A CB  1 
ATOM   360 C  CG  . PRO A 1 62  ? -5.330  2.807   -11.396 1.00 21.70 ? 43  PRO A CG  1 
ATOM   361 C  CD  . PRO A 1 62  ? -4.902  1.412   -11.050 1.00 19.75 ? 43  PRO A CD  1 
ATOM   362 N  N   . ALA A 1 63  ? -9.715  1.160   -10.806 1.00 22.51 ? 44  ALA A N   1 
ATOM   363 C  CA  . ALA A 1 63  ? -10.944 0.600   -11.372 1.00 24.18 ? 44  ALA A CA  1 
ATOM   364 C  C   . ALA A 1 63  ? -11.300 1.291   -12.679 1.00 25.85 ? 44  ALA A C   1 
ATOM   365 O  O   . ALA A 1 63  ? -10.915 2.429   -12.911 1.00 25.92 ? 44  ALA A O   1 
ATOM   366 C  CB  . ALA A 1 63  ? -12.124 0.755   -10.375 1.00 24.33 ? 44  ALA A CB  1 
ATOM   367 N  N   . ALA A 1 64  ? -12.087 0.619   -13.506 1.00 30.24 ? 45  ALA A N   1 
ATOM   368 C  CA  . ALA A 1 64  ? -12.677 1.250   -14.703 1.00 34.79 ? 45  ALA A CA  1 
ATOM   369 C  C   . ALA A 1 64  ? -13.890 2.153   -14.368 1.00 36.64 ? 45  ALA A C   1 
ATOM   370 O  O   . ALA A 1 64  ? -14.869 2.175   -15.122 1.00 38.97 ? 45  ALA A O   1 
ATOM   371 C  CB  . ALA A 1 64  ? -13.119 0.189   -15.663 1.00 34.52 ? 45  ALA A CB  1 
ATOM   372 N  N   . THR A 1 65  ? -13.884 2.885   -13.253 1.00 39.07 ? 46  THR A N   1 
ATOM   373 C  CA  . THR A 1 65  ? -15.047 3.715   -12.930 1.00 39.38 ? 46  THR A CA  1 
ATOM   374 C  C   . THR A 1 65  ? -15.079 4.836   -13.938 1.00 41.43 ? 46  THR A C   1 
ATOM   375 O  O   . THR A 1 65  ? -14.082 5.035   -14.693 1.00 42.43 ? 46  THR A O   1 
ATOM   376 C  CB  . THR A 1 65  ? -15.029 4.270   -11.452 1.00 39.90 ? 46  THR A CB  1 
ATOM   377 O  OG1 . THR A 1 65  ? -13.887 5.134   -11.243 1.00 39.69 ? 46  THR A OG1 1 
ATOM   378 C  CG2 . THR A 1 65  ? -15.033 3.124   -10.475 1.00 38.92 ? 46  THR A CG2 1 
ATOM   379 N  N   . GLU A 1 66  ? -16.218 5.541   -13.998 1.00 42.62 ? 47  GLU A N   1 
ATOM   380 C  CA  . GLU A 1 66  ? -16.323 6.752   -14.826 1.00 42.93 ? 47  GLU A CA  1 
ATOM   381 C  C   . GLU A 1 66  ? -15.181 7.675   -14.418 1.00 43.36 ? 47  GLU A C   1 
ATOM   382 O  O   . GLU A 1 66  ? -14.943 7.911   -13.201 1.00 44.19 ? 47  GLU A O   1 
ATOM   383 C  CB  . GLU A 1 66  ? -17.673 7.463   -14.636 1.00 43.45 ? 47  GLU A CB  1 
ATOM   384 N  N   . LYS A 1 67  ? -14.434 8.147   -15.412 1.00 43.29 ? 48  LYS A N   1 
ATOM   385 C  CA  . LYS A 1 67  ? -13.302 9.026   -15.127 1.00 43.06 ? 48  LYS A CA  1 
ATOM   386 C  C   . LYS A 1 67  ? -13.849 10.418  -14.924 1.00 42.25 ? 48  LYS A C   1 
ATOM   387 O  O   . LYS A 1 67  ? -14.111 11.137  -15.882 1.00 43.24 ? 48  LYS A O   1 
ATOM   388 C  CB  . LYS A 1 67  ? -12.249 9.000   -16.240 1.00 43.28 ? 48  LYS A CB  1 
ATOM   389 C  CG  . LYS A 1 67  ? -11.126 10.048  -16.102 1.00 42.79 ? 48  LYS A CG  1 
ATOM   390 C  CD  . LYS A 1 67  ? -10.410 10.008  -14.757 1.00 42.13 ? 48  LYS A CD  1 
ATOM   391 C  CE  . LYS A 1 67  ? -9.244  11.025  -14.688 1.00 41.00 ? 48  LYS A CE  1 
ATOM   392 N  NZ  . LYS A 1 67  ? -9.525  12.238  -13.850 1.00 38.00 ? 48  LYS A NZ  1 
ATOM   393 N  N   . ARG A 1 68  ? -14.047 10.781  -13.673 1.00 40.86 ? 49  ARG A N   1 
ATOM   394 C  CA  . ARG A 1 68  ? -14.480 12.120  -13.342 1.00 39.83 ? 49  ARG A CA  1 
ATOM   395 C  C   . ARG A 1 68  ? -13.258 12.943  -13.002 1.00 39.18 ? 49  ARG A C   1 
ATOM   396 O  O   . ARG A 1 68  ? -12.200 12.404  -12.677 1.00 38.77 ? 49  ARG A O   1 
ATOM   397 C  CB  . ARG A 1 68  ? -15.424 12.100  -12.149 1.00 40.11 ? 49  ARG A CB  1 
ATOM   398 C  CG  . ARG A 1 68  ? -16.615 11.186  -12.320 1.00 40.09 ? 49  ARG A CG  1 
ATOM   399 C  CD  . ARG A 1 68  ? -17.542 11.286  -11.114 1.00 40.10 ? 49  ARG A CD  1 
ATOM   400 N  NE  . ARG A 1 68  ? -17.036 10.591  -9.924  1.00 39.59 ? 49  ARG A NE  1 
ATOM   401 C  CZ  . ARG A 1 68  ? -16.921 11.121  -8.704  1.00 39.54 ? 49  ARG A CZ  1 
ATOM   402 N  NH1 . ARG A 1 68  ? -17.256 12.380  -8.441  1.00 40.58 ? 49  ARG A NH1 1 
ATOM   403 N  NH2 . ARG A 1 68  ? -16.474 10.371  -7.707  1.00 39.46 ? 49  ARG A NH2 1 
ATOM   404 N  N   . ASP A 1 69  ? -13.419 14.257  -13.058 1.00 38.24 ? 50  ASP A N   1 
ATOM   405 C  CA  . ASP A 1 69  ? -12.312 15.160  -12.823 1.00 37.69 ? 50  ASP A CA  1 
ATOM   406 C  C   . ASP A 1 69  ? -11.685 14.933  -11.463 1.00 35.27 ? 50  ASP A C   1 
ATOM   407 O  O   . ASP A 1 69  ? -10.460 15.002  -11.350 1.00 35.76 ? 50  ASP A O   1 
ATOM   408 C  CB  . ASP A 1 69  ? -12.766 16.616  -12.946 1.00 38.55 ? 50  ASP A CB  1 
ATOM   409 C  CG  . ASP A 1 69  ? -13.113 16.998  -14.375 1.00 41.56 ? 50  ASP A CG  1 
ATOM   410 O  OD1 . ASP A 1 69  ? -12.633 16.314  -15.325 1.00 44.42 ? 50  ASP A OD1 1 
ATOM   411 O  OD2 . ASP A 1 69  ? -13.870 17.984  -14.538 1.00 44.39 ? 50  ASP A OD2 1 
ATOM   412 N  N   . VAL A 1 70  ? -12.511 14.656  -10.444 1.00 32.43 ? 51  VAL A N   1 
ATOM   413 C  CA  . VAL A 1 70  ? -12.003 14.448  -9.069  1.00 30.07 ? 51  VAL A CA  1 
ATOM   414 C  C   . VAL A 1 70  ? -11.308 13.084  -8.840  1.00 28.74 ? 51  VAL A C   1 
ATOM   415 O  O   . VAL A 1 70  ? -10.601 12.907  -7.823  1.00 26.20 ? 51  VAL A O   1 
ATOM   416 C  CB  . VAL A 1 70  ? -13.114 14.644  -7.975  1.00 30.77 ? 51  VAL A CB  1 
ATOM   417 C  CG1 . VAL A 1 70  ? -13.679 16.064  -8.017  1.00 32.06 ? 51  VAL A CG1 1 
ATOM   418 C  CG2 . VAL A 1 70  ? -14.231 13.572  -8.078  1.00 29.93 ? 51  VAL A CG2 1 
ATOM   419 N  N   . VAL A 1 71  ? -11.480 12.150  -9.788  1.00 27.30 ? 52  VAL A N   1 
ATOM   420 C  CA  . VAL A 1 71  ? -10.883 10.784  -9.667  1.00 26.21 ? 52  VAL A CA  1 
ATOM   421 C  C   . VAL A 1 71  ? -9.490  10.743  -10.238 1.00 25.60 ? 52  VAL A C   1 
ATOM   422 O  O   . VAL A 1 71  ? -9.269  11.095  -11.417 1.00 25.95 ? 52  VAL A O   1 
ATOM   423 C  CB  . VAL A 1 71  ? -11.703 9.663   -10.369 1.00 25.90 ? 52  VAL A CB  1 
ATOM   424 C  CG1 . VAL A 1 71  ? -10.958 8.272   -10.283 1.00 24.78 ? 52  VAL A CG1 1 
ATOM   425 C  CG2 . VAL A 1 71  ? -13.124 9.556   -9.802  1.00 24.44 ? 52  VAL A CG2 1 
ATOM   426 N  N   . ASP A 1 72  ? -8.529  10.360  -9.412  1.00 23.23 ? 53  ASP A N   1 
ATOM   427 C  CA  . ASP A 1 72  ? -7.145  10.163  -9.893  1.00 22.63 ? 53  ASP A CA  1 
ATOM   428 C  C   . ASP A 1 72  ? -7.050  8.681   -10.209 1.00 22.66 ? 53  ASP A C   1 
ATOM   429 O  O   . ASP A 1 72  ? -7.201  7.853   -9.305  1.00 23.14 ? 53  ASP A O   1 
ATOM   430 C  CB  . ASP A 1 72  ? -6.131  10.576  -8.831  1.00 22.94 ? 53  ASP A CB  1 
ATOM   431 C  CG  . ASP A 1 72  ? -4.715  10.509  -9.314  1.00 24.89 ? 53  ASP A CG  1 
ATOM   432 O  OD1 . ASP A 1 72  ? -4.489  9.953   -10.407 1.00 25.51 ? 53  ASP A OD1 1 
ATOM   433 O  OD2 . ASP A 1 72  ? -3.804  11.028  -8.603  1.00 25.38 ? 53  ASP A OD2 1 
ATOM   434 N  N   . ASN A 1 73  ? -6.905  8.362   -11.496 1.00 23.11 ? 54  ASN A N   1 
ATOM   435 C  CA  . ASN A 1 73  ? -6.674  6.981   -11.939 1.00 23.02 ? 54  ASN A CA  1 
ATOM   436 C  C   . ASN A 1 73  ? -5.254  6.779   -12.466 1.00 22.13 ? 54  ASN A C   1 
ATOM   437 O  O   . ASN A 1 73  ? -4.957  5.791   -13.114 1.00 22.36 ? 54  ASN A O   1 
ATOM   438 C  CB  . ASN A 1 73  ? -7.716  6.508   -12.978 1.00 22.96 ? 54  ASN A CB  1 
ATOM   439 C  CG  . ASN A 1 73  ? -7.608  7.239   -14.280 1.00 26.13 ? 54  ASN A CG  1 
ATOM   440 O  OD1 . ASN A 1 73  ? -6.981  8.317   -14.361 1.00 25.84 ? 54  ASN A OD1 1 
ATOM   441 N  ND2 . ASN A 1 73  ? -8.201  6.666   -15.331 1.00 27.23 ? 54  ASN A ND2 1 
ATOM   442 N  N   . SER A 1 74  ? -4.347  7.666   -12.095 1.00 22.25 ? 55  SER A N   1 
ATOM   443 C  CA  . SER A 1 74  ? -3.012  7.655   -12.693 1.00 22.45 ? 55  SER A CA  1 
ATOM   444 C  C   . SER A 1 74  ? -1.978  6.799   -12.001 1.00 22.84 ? 55  SER A C   1 
ATOM   445 O  O   . SER A 1 74  ? -0.964  6.469   -12.579 1.00 23.28 ? 55  SER A O   1 
ATOM   446 C  CB  . SER A 1 74  ? -2.513  9.064   -12.808 1.00 22.78 ? 55  SER A CB  1 
ATOM   447 O  OG  . SER A 1 74  ? -2.166  9.635   -11.582 1.00 21.55 ? 55  SER A OG  1 
ATOM   448 N  N   . TYR A 1 75  ? -2.241  6.415   -10.757 1.00 22.11 ? 56  TYR A N   1 
ATOM   449 C  CA  . TYR A 1 75  ? -1.394  5.488   -10.040 1.00 21.20 ? 56  TYR A CA  1 
ATOM   450 C  C   . TYR A 1 75  ? -1.517  4.105   -10.677 1.00 21.16 ? 56  TYR A C   1 
ATOM   451 O  O   . TYR A 1 75  ? -2.421  3.857   -11.500 1.00 22.20 ? 56  TYR A O   1 
ATOM   452 C  CB  . TYR A 1 75  ? -1.750  5.486   -8.533  1.00 21.78 ? 56  TYR A CB  1 
ATOM   453 C  CG  . TYR A 1 75  ? -3.153  4.953   -8.268  1.00 20.99 ? 56  TYR A CG  1 
ATOM   454 C  CD1 . TYR A 1 75  ? -4.227  5.837   -8.272  1.00 19.77 ? 56  TYR A CD1 1 
ATOM   455 C  CD2 . TYR A 1 75  ? -3.402  3.583   -8.007  1.00 21.24 ? 56  TYR A CD2 1 
ATOM   456 C  CE1 . TYR A 1 75  ? -5.527  5.401   -8.126  1.00 21.57 ? 56  TYR A CE1 1 
ATOM   457 C  CE2 . TYR A 1 75  ? -4.738  3.122   -7.838  1.00 20.83 ? 56  TYR A CE2 1 
ATOM   458 C  CZ  . TYR A 1 75  ? -5.765  4.062   -7.853  1.00 20.21 ? 56  TYR A CZ  1 
ATOM   459 O  OH  . TYR A 1 75  ? -7.072  3.689   -7.655  1.00 22.84 ? 56  TYR A OH  1 
ATOM   460 N  N   . ASP A 1 76  ? -0.537  3.248   -10.397 1.00 21.17 ? 57  ASP A N   1 
ATOM   461 C  CA  . ASP A 1 76  ? -0.487  1.924   -10.929 1.00 20.31 ? 57  ASP A CA  1 
ATOM   462 C  C   . ASP A 1 76  ? -0.970  0.841   -9.932  1.00 19.20 ? 57  ASP A C   1 
ATOM   463 O  O   . ASP A 1 76  ? -1.603  -0.120  -10.329 1.00 20.47 ? 57  ASP A O   1 
ATOM   464 C  CB  . ASP A 1 76  ? 0.935   1.588   -11.344 1.00 22.55 ? 57  ASP A CB  1 
ATOM   465 C  CG  . ASP A 1 76  ? 1.413   2.492   -12.496 1.00 23.43 ? 57  ASP A CG  1 
ATOM   466 O  OD1 . ASP A 1 76  ? 0.932   2.227   -13.616 1.00 30.27 ? 57  ASP A OD1 1 
ATOM   467 O  OD2 . ASP A 1 76  ? 2.153   3.448   -12.288 1.00 24.71 ? 57  ASP A OD2 1 
ATOM   468 N  N   . VAL A 1 77  ? -0.606  1.008   -8.662  1.00 19.27 ? 58  VAL A N   1 
ATOM   469 C  CA  . VAL A 1 77  ? -0.947  0.036   -7.612  1.00 20.07 ? 58  VAL A CA  1 
ATOM   470 C  C   . VAL A 1 77  ? -1.379  0.780   -6.363  1.00 20.87 ? 58  VAL A C   1 
ATOM   471 O  O   . VAL A 1 77  ? -0.768  1.765   -5.997  1.00 22.21 ? 58  VAL A O   1 
ATOM   472 C  CB  . VAL A 1 77  ? 0.239   -0.895  -7.296  1.00 19.89 ? 58  VAL A CB  1 
ATOM   473 C  CG1 . VAL A 1 77  ? -0.053  -1.845  -6.083  1.00 19.96 ? 58  VAL A CG1 1 
ATOM   474 C  CG2 . VAL A 1 77  ? 0.663   -1.736  -8.550  1.00 19.76 ? 58  VAL A CG2 1 
ATOM   475 N  N   . SER A 1 78  ? -2.437  0.285   -5.737  1.00 21.52 ? 59  SER A N   1 
ATOM   476 C  CA  . SER A 1 78  ? -2.933  0.784   -4.448  1.00 20.40 ? 59  SER A CA  1 
ATOM   477 C  C   . SER A 1 78  ? -2.817  -0.284  -3.368  1.00 21.66 ? 59  SER A C   1 
ATOM   478 O  O   . SER A 1 78  ? -2.832  -1.478  -3.676  1.00 20.96 ? 59  SER A O   1 
ATOM   479 C  CB  . SER A 1 78  ? -4.381  1.192   -4.597  1.00 22.29 ? 59  SER A CB  1 
ATOM   480 O  OG  . SER A 1 78  ? -5.170  0.108   -4.963  1.00 23.81 ? 59  SER A OG  1 
ATOM   481 N  N   . GLU A 1 79  ? -2.707  0.138   -2.108  1.00 20.78 ? 60  GLU A N   1 
ATOM   482 C  CA  . GLU A 1 79  ? -2.526  -0.765  -0.954  1.00 20.70 ? 60  GLU A CA  1 
ATOM   483 C  C   . GLU A 1 79  ? -3.432  -0.185  0.131   1.00 20.43 ? 60  GLU A C   1 
ATOM   484 O  O   . GLU A 1 79  ? -3.431  1.029   0.339   1.00 21.32 ? 60  GLU A O   1 
ATOM   485 C  CB  . GLU A 1 79  ? -1.078  -0.649  -0.504  1.00 22.44 ? 60  GLU A CB  1 
ATOM   486 C  CG  . GLU A 1 79  ? -0.709  -1.249  0.810   1.00 25.74 ? 60  GLU A CG  1 
ATOM   487 C  CD  . GLU A 1 79  ? 0.535   -0.682  1.374   1.00 24.79 ? 60  GLU A CD  1 
ATOM   488 O  OE1 . GLU A 1 79  ? 1.391   -0.155  0.628   1.00 22.86 ? 60  GLU A OE1 1 
ATOM   489 O  OE2 . GLU A 1 79  ? 0.705   -0.803  2.603   1.00 28.50 ? 60  GLU A OE2 1 
ATOM   490 N  N   . LEU A 1 80  ? -4.144  -1.065  0.813   1.00 19.22 ? 61  LEU A N   1 
ATOM   491 C  CA  . LEU A 1 80  ? -4.895  -0.659  1.996   1.00 20.88 ? 61  LEU A CA  1 
ATOM   492 C  C   . LEU A 1 80  ? -4.586  -1.677  3.077   1.00 20.94 ? 61  LEU A C   1 
ATOM   493 O  O   . LEU A 1 80  ? -4.830  -2.900  2.861   1.00 21.58 ? 61  LEU A O   1 
ATOM   494 C  CB  . LEU A 1 80  ? -6.391  -0.650  1.706   1.00 21.56 ? 61  LEU A CB  1 
ATOM   495 C  CG  . LEU A 1 80  ? -7.299  -0.488  2.937   1.00 23.27 ? 61  LEU A CG  1 
ATOM   496 C  CD1 . LEU A 1 80  ? -7.052  0.862   3.659   1.00 24.14 ? 61  LEU A CD1 1 
ATOM   497 C  CD2 . LEU A 1 80  ? -8.811  -0.713  2.523   1.00 24.77 ? 61  LEU A CD2 1 
HETATM 498 N  N   . MSE A 1 81  ? -3.998  -1.209  4.175   1.00 20.34 ? 62  MSE A N   1 
HETATM 499 C  CA  A MSE A 1 81  ? -3.866  -1.999  5.371   0.50 19.69 ? 62  MSE A CA  1 
HETATM 500 C  CA  B MSE A 1 81  ? -3.940  -2.038  5.382   0.50 21.72 ? 62  MSE A CA  1 
HETATM 501 C  C   . MSE A 1 81  ? -4.651  -1.403  6.533   1.00 21.51 ? 62  MSE A C   1 
HETATM 502 O  O   . MSE A 1 81  ? -4.723  -0.191  6.662   1.00 22.21 ? 62  MSE A O   1 
HETATM 503 C  CB  A MSE A 1 81  ? -2.407  -2.098  5.756   0.50 19.19 ? 62  MSE A CB  1 
HETATM 504 C  CB  B MSE A 1 81  ? -2.550  -2.526  5.870   0.50 22.06 ? 62  MSE A CB  1 
HETATM 505 C  CG  A MSE A 1 81  ? -1.577  -2.836  4.732   0.50 16.10 ? 62  MSE A CG  1 
HETATM 506 C  CG  B MSE A 1 81  ? -1.316  -1.748  5.578   0.50 24.44 ? 62  MSE A CG  1 
HETATM 507 SE SE  A MSE A 1 81  ? 0.228   -2.793  5.479   0.38 19.77 ? 62  MSE A SE  1 
HETATM 508 SE SE  B MSE A 1 81  ? 0.118   -3.030  5.085   0.37 24.89 ? 62  MSE A SE  1 
HETATM 509 C  CE  A MSE A 1 81  ? 1.059   -3.894  4.037   0.50 15.22 ? 62  MSE A CE  1 
HETATM 510 C  CE  B MSE A 1 81  ? -1.154  -3.910  3.842   0.50 13.72 ? 62  MSE A CE  1 
ATOM   511 N  N   . VAL A 1 82  ? -5.183  -2.283  7.384   1.00 19.60 ? 63  VAL A N   1 
ATOM   512 C  CA  . VAL A 1 82  ? -5.882  -1.906  8.578   1.00 19.75 ? 63  VAL A CA  1 
ATOM   513 C  C   . VAL A 1 82  ? -5.119  -2.420  9.784   1.00 20.23 ? 63  VAL A C   1 
ATOM   514 O  O   . VAL A 1 82  ? -4.686  -3.556  9.825   1.00 20.67 ? 63  VAL A O   1 
ATOM   515 C  CB  . VAL A 1 82  ? -7.300  -2.455  8.560   1.00 19.39 ? 63  VAL A CB  1 
ATOM   516 C  CG1 . VAL A 1 82  ? -8.055  -2.008  9.786   1.00 21.57 ? 63  VAL A CG1 1 
ATOM   517 C  CG2 . VAL A 1 82  ? -8.019  -2.000  7.241   1.00 22.61 ? 63  VAL A CG2 1 
ATOM   518 N  N   . PHE A 1 83  ? -4.962  -1.523  10.764  1.00 21.61 ? 64  PHE A N   1 
ATOM   519 C  CA  . PHE A 1 83  ? -4.280  -1.763  12.026  1.00 20.54 ? 64  PHE A CA  1 
ATOM   520 C  C   . PHE A 1 83  ? -5.232  -1.462  13.147  1.00 22.96 ? 64  PHE A C   1 
ATOM   521 O  O   . PHE A 1 83  ? -6.186  -0.703  12.979  1.00 22.38 ? 64  PHE A O   1 
ATOM   522 C  CB  . PHE A 1 83  ? -3.039  -0.881  12.176  1.00 20.75 ? 64  PHE A CB  1 
ATOM   523 C  CG  . PHE A 1 83  ? -1.994  -1.147  11.139  1.00 18.22 ? 64  PHE A CG  1 
ATOM   524 C  CD1 . PHE A 1 83  ? -1.151  -2.250  11.218  1.00 18.73 ? 64  PHE A CD1 1 
ATOM   525 C  CD2 . PHE A 1 83  ? -1.890  -0.334  10.032  1.00 19.85 ? 64  PHE A CD2 1 
ATOM   526 C  CE1 . PHE A 1 83  ? -0.216  -2.523  10.224  1.00 19.56 ? 64  PHE A CE1 1 
ATOM   527 C  CE2 . PHE A 1 83  ? -0.964  -0.595  9.048   1.00 21.87 ? 64  PHE A CE2 1 
ATOM   528 C  CZ  . PHE A 1 83  ? -0.138  -1.709  9.132   1.00 20.40 ? 64  PHE A CZ  1 
ATOM   529 N  N   . LYS A 1 84  ? -4.999  -2.083  14.295  1.00 25.26 ? 65  LYS A N   1 
ATOM   530 C  CA  . LYS A 1 84  ? -5.843  -1.813  15.467  1.00 28.18 ? 65  LYS A CA  1 
ATOM   531 C  C   . LYS A 1 84  ? -5.535  -0.472  16.114  1.00 29.22 ? 65  LYS A C   1 
ATOM   532 O  O   . LYS A 1 84  ? -6.377  0.083   16.847  1.00 29.26 ? 65  LYS A O   1 
ATOM   533 C  CB  . LYS A 1 84  ? -5.648  -2.903  16.529  1.00 28.12 ? 65  LYS A CB  1 
ATOM   534 C  CG  . LYS A 1 84  ? -6.380  -4.170  16.215  1.00 30.30 ? 65  LYS A CG  1 
ATOM   535 C  CD  . LYS A 1 84  ? -6.195  -5.232  17.284  1.00 31.70 ? 65  LYS A CD  1 
ATOM   536 C  CE  . LYS A 1 84  ? -7.062  -6.446  16.945  1.00 35.35 ? 65  LYS A CE  1 
ATOM   537 N  NZ  . LYS A 1 84  ? -6.800  -7.592  17.850  1.00 38.64 ? 65  LYS A NZ  1 
ATOM   538 N  N   . SER A 1 85  ? -4.311  0.006   15.910  1.00 30.05 ? 66  SER A N   1 
ATOM   539 C  CA  . SER A 1 85  ? -3.788  1.150   16.620  1.00 31.96 ? 66  SER A CA  1 
ATOM   540 C  C   . SER A 1 85  ? -2.573  1.740   15.933  1.00 32.92 ? 66  SER A C   1 
ATOM   541 O  O   . SER A 1 85  ? -1.926  1.093   15.102  1.00 30.97 ? 66  SER A O   1 
ATOM   542 C  CB  . SER A 1 85  ? -3.379  0.730   18.016  1.00 31.93 ? 66  SER A CB  1 
ATOM   543 O  OG  . SER A 1 85  ? -2.323  -0.215  17.975  1.00 34.01 ? 66  SER A OG  1 
ATOM   544 N  N   . VAL A 1 86  ? -2.264  2.981   16.321  1.00 33.57 ? 67  VAL A N   1 
ATOM   545 C  CA  . VAL A 1 86  ? -1.092  3.696   15.849  1.00 34.02 ? 67  VAL A CA  1 
ATOM   546 C  C   . VAL A 1 86  ? 0.195   2.934   16.281  1.00 33.99 ? 67  VAL A C   1 
ATOM   547 O  O   . VAL A 1 86  ? 1.175   2.875   15.522  1.00 34.62 ? 67  VAL A O   1 
ATOM   548 C  CB  . VAL A 1 86  ? -1.128  5.209   16.325  1.00 34.10 ? 67  VAL A CB  1 
ATOM   549 C  CG1 . VAL A 1 86  ? 0.286   5.802   16.445  1.00 36.01 ? 67  VAL A CG1 1 
ATOM   550 C  CG2 . VAL A 1 86  ? -2.012  6.055   15.357  1.00 34.49 ? 67  VAL A CG2 1 
ATOM   551 N  N   . GLU A 1 87  ? 0.172   2.328   17.466  1.00 34.03 ? 68  GLU A N   1 
ATOM   552 C  CA  . GLU A 1 87  ? 1.312   1.547   17.968  1.00 34.68 ? 68  GLU A CA  1 
ATOM   553 C  C   . GLU A 1 87  ? 1.585   0.296   17.131  1.00 33.73 ? 68  GLU A C   1 
ATOM   554 O  O   . GLU A 1 87  ? 2.746   -0.065  16.914  1.00 33.52 ? 68  GLU A O   1 
ATOM   555 C  CB  . GLU A 1 87  ? 1.088   1.119   19.406  1.00 35.43 ? 68  GLU A CB  1 
ATOM   556 C  CG  . GLU A 1 87  ? 0.668   2.287   20.335  1.00 39.69 ? 68  GLU A CG  1 
ATOM   557 C  CD  . GLU A 1 87  ? -0.853  2.459   20.422  1.00 43.27 ? 68  GLU A CD  1 
ATOM   558 O  OE1 . GLU A 1 87  ? -1.467  1.773   21.275  1.00 46.05 ? 68  GLU A OE1 1 
ATOM   559 O  OE2 . GLU A 1 87  ? -1.422  3.280   19.647  1.00 42.76 ? 68  GLU A OE2 1 
ATOM   560 N  N   . ASP A 1 88  ? 0.512   -0.380  16.719  1.00 32.17 ? 69  ASP A N   1 
ATOM   561 C  CA  . ASP A 1 88  ? 0.613   -1.516  15.777  1.00 30.73 ? 69  ASP A CA  1 
ATOM   562 C  C   . ASP A 1 88  ? 1.108   -1.094  14.407  1.00 29.57 ? 69  ASP A C   1 
ATOM   563 O  O   . ASP A 1 88  ? 1.908   -1.813  13.789  1.00 28.45 ? 69  ASP A O   1 
ATOM   564 C  CB  . ASP A 1 88  ? -0.705  -2.260  15.680  1.00 30.74 ? 69  ASP A CB  1 
ATOM   565 C  CG  . ASP A 1 88  ? -0.844  -3.315  16.745  1.00 31.70 ? 69  ASP A CG  1 
ATOM   566 O  OD1 . ASP A 1 88  ? 0.094   -3.474  17.567  1.00 33.67 ? 69  ASP A OD1 1 
ATOM   567 O  OD2 . ASP A 1 88  ? -1.871  -4.025  16.759  1.00 31.44 ? 69  ASP A OD2 1 
ATOM   568 N  N   . GLN A 1 89  ? 0.658   0.046   13.902  1.00 29.00 ? 70  GLN A N   1 
ATOM   569 C  CA  A GLN A 1 89  ? 1.190   0.550   12.667  0.50 29.23 ? 70  GLN A CA  1 
ATOM   570 C  CA  B GLN A 1 89  ? 1.215   0.559   12.623  0.50 29.41 ? 70  GLN A CA  1 
ATOM   571 C  C   . GLN A 1 89  ? 2.690   0.858   12.803  1.00 28.96 ? 70  GLN A C   1 
ATOM   572 O  O   . GLN A 1 89  ? 3.461   0.623   11.879  1.00 29.31 ? 70  GLN A O   1 
ATOM   573 C  CB  A GLN A 1 89  ? 0.408   1.780   12.235  0.50 29.38 ? 70  GLN A CB  1 
ATOM   574 C  CB  B GLN A 1 89  ? 0.520   1.820   12.027  0.50 29.58 ? 70  GLN A CB  1 
ATOM   575 C  CG  A GLN A 1 89  ? 1.076   2.553   11.121  0.50 28.94 ? 70  GLN A CG  1 
ATOM   576 C  CG  B GLN A 1 89  ? 0.678   2.009   10.430  0.50 30.10 ? 70  GLN A CG  1 
ATOM   577 C  CD  A GLN A 1 89  ? 0.095   3.232   10.206  0.50 30.67 ? 70  GLN A CD  1 
ATOM   578 C  CD  B GLN A 1 89  ? 1.813   2.997   9.890   0.50 32.02 ? 70  GLN A CD  1 
ATOM   579 O  OE1 A GLN A 1 89  ? 0.471   3.772   9.185   0.50 30.33 ? 70  GLN A OE1 1 
ATOM   580 O  OE1 B GLN A 1 89  ? 2.288   2.873   8.708   0.50 28.57 ? 70  GLN A OE1 1 
ATOM   581 N  NE2 A GLN A 1 89  ? -1.167  3.208   10.573  0.50 29.50 ? 70  GLN A NE2 1 
ATOM   582 N  NE2 B GLN A 1 89  ? 2.207   3.972   10.721  0.50 32.76 ? 70  GLN A NE2 1 
ATOM   583 N  N   . LYS A 1 90  ? 3.084   1.385   13.963  1.00 29.63 ? 71  LYS A N   1 
ATOM   584 C  CA  . LYS A 1 90  ? 4.481   1.677   14.229  1.00 29.47 ? 71  LYS A CA  1 
ATOM   585 C  C   . LYS A 1 90  ? 5.318   0.398   14.174  1.00 29.48 ? 71  LYS A C   1 
ATOM   586 O  O   . LYS A 1 90  ? 6.408   0.407   13.620  1.00 30.09 ? 71  LYS A O   1 
ATOM   587 C  CB  . LYS A 1 90  ? 4.647   2.369   15.600  1.00 29.71 ? 71  LYS A CB  1 
ATOM   588 N  N   . ARG A 1 91  ? 4.793   -0.685  14.736  1.00 28.75 ? 72  ARG A N   1 
ATOM   589 C  CA  . ARG A 1 91  ? 5.438   -1.993  14.714  1.00 29.92 ? 72  ARG A CA  1 
ATOM   590 C  C   . ARG A 1 91  ? 5.586   -2.525  13.284  1.00 28.38 ? 72  ARG A C   1 
ATOM   591 O  O   . ARG A 1 91  ? 6.590   -3.149  12.938  1.00 27.09 ? 72  ARG A O   1 
ATOM   592 C  CB  . ARG A 1 91  ? 4.620   -3.003  15.529  1.00 30.17 ? 72  ARG A CB  1 
ATOM   593 C  CG  . ARG A 1 91  ? 4.634   -2.784  17.023  1.00 33.84 ? 72  ARG A CG  1 
ATOM   594 C  CD  . ARG A 1 91  ? 3.639   -3.700  17.737  1.00 35.61 ? 72  ARG A CD  1 
ATOM   595 N  NE  . ARG A 1 91  ? 3.714   -3.595  19.201  1.00 40.93 ? 72  ARG A NE  1 
ATOM   596 C  CZ  . ARG A 1 91  ? 2.852   -2.969  20.013  1.00 42.69 ? 72  ARG A CZ  1 
ATOM   597 N  NH1 . ARG A 1 91  ? 1.788   -2.318  19.554  1.00 43.63 ? 72  ARG A NH1 1 
ATOM   598 N  NH2 . ARG A 1 91  ? 3.064   -2.989  21.323  1.00 43.78 ? 72  ARG A NH2 1 
ATOM   599 N  N   . TYR A 1 92  ? 4.567   -2.306  12.462  1.00 27.34 ? 73  TYR A N   1 
ATOM   600 C  CA  . TYR A 1 92  ? 4.675   -2.631  11.045  1.00 26.30 ? 73  TYR A CA  1 
ATOM   601 C  C   . TYR A 1 92  ? 5.810   -1.841  10.383  1.00 26.52 ? 73  TYR A C   1 
ATOM   602 O  O   . TYR A 1 92  ? 6.655   -2.396  9.668   1.00 26.19 ? 73  TYR A O   1 
ATOM   603 C  CB  . TYR A 1 92  ? 3.347   -2.317  10.372  1.00 26.43 ? 73  TYR A CB  1 
ATOM   604 C  CG  . TYR A 1 92  ? 3.378   -2.207  8.894   1.00 25.26 ? 73  TYR A CG  1 
ATOM   605 C  CD1 . TYR A 1 92  ? 3.461   -3.340  8.118   1.00 26.15 ? 73  TYR A CD1 1 
ATOM   606 C  CD2 . TYR A 1 92  ? 3.354   -0.963  8.232   1.00 25.21 ? 73  TYR A CD2 1 
ATOM   607 C  CE1 . TYR A 1 92  ? 3.451   -3.262  6.765   1.00 24.16 ? 73  TYR A CE1 1 
ATOM   608 C  CE2 . TYR A 1 92  ? 3.362   -0.892  6.871   1.00 24.85 ? 73  TYR A CE2 1 
ATOM   609 C  CZ  . TYR A 1 92  ? 3.441   -2.058  6.130   1.00 24.21 ? 73  TYR A CZ  1 
ATOM   610 O  OH  . TYR A 1 92  ? 3.457   -2.056  4.751   1.00 25.73 ? 73  TYR A OH  1 
ATOM   611 N  N   . ARG A 1 93  ? 5.795   -0.532  10.616  1.00 27.95 ? 74  ARG A N   1 
ATOM   612 C  CA  . ARG A 1 93  ? 6.766   0.403   10.067  1.00 29.42 ? 74  ARG A CA  1 
ATOM   613 C  C   . ARG A 1 93  ? 8.209   -0.025  10.347  1.00 29.38 ? 74  ARG A C   1 
ATOM   614 O  O   . ARG A 1 93  ? 9.093   0.145   9.509   1.00 30.29 ? 74  ARG A O   1 
ATOM   615 C  CB  . ARG A 1 93  ? 6.559   1.774   10.723  1.00 31.07 ? 74  ARG A CB  1 
ATOM   616 C  CG  . ARG A 1 93  ? 6.961   2.915   9.849   1.00 35.56 ? 74  ARG A CG  1 
ATOM   617 C  CD  . ARG A 1 93  ? 5.907   3.154   8.790   1.00 40.44 ? 74  ARG A CD  1 
ATOM   618 N  NE  . ARG A 1 93  ? 6.521   3.114   7.474   1.00 42.98 ? 74  ARG A NE  1 
ATOM   619 C  CZ  . ARG A 1 93  ? 5.893   2.793   6.349   1.00 44.59 ? 74  ARG A CZ  1 
ATOM   620 N  NH1 . ARG A 1 93  ? 4.589   2.502   6.330   1.00 44.04 ? 74  ARG A NH1 1 
ATOM   621 N  NH2 . ARG A 1 93  ? 6.592   2.787   5.219   1.00 45.93 ? 74  ARG A NH2 1 
ATOM   622 N  N   . ASP A 1 94  ? 8.420   -0.581  11.533  1.00 29.33 ? 75  ASP A N   1 
ATOM   623 C  CA  . ASP A 1 94  ? 9.746   -0.991  12.012  1.00 29.50 ? 75  ASP A CA  1 
ATOM   624 C  C   . ASP A 1 94  ? 10.029  -2.480  11.756  1.00 28.90 ? 75  ASP A C   1 
ATOM   625 O  O   . ASP A 1 94  ? 11.058  -2.987  12.186  1.00 28.39 ? 75  ASP A O   1 
ATOM   626 C  CB  . ASP A 1 94  ? 9.874   -0.730  13.515  1.00 30.31 ? 75  ASP A CB  1 
ATOM   627 C  CG  . ASP A 1 94  ? 9.769   0.752   13.880  1.00 31.52 ? 75  ASP A CG  1 
ATOM   628 O  OD1 . ASP A 1 94  ? 9.923   1.627   12.983  1.00 35.59 ? 75  ASP A OD1 1 
ATOM   629 O  OD2 . ASP A 1 94  ? 9.525   1.020   15.079  1.00 33.12 ? 75  ASP A OD2 1 
ATOM   630 N  N   . HIS A 1 95  ? 9.114   -3.171  11.080  1.00 26.86 ? 76  HIS A N   1 
ATOM   631 C  CA  . HIS A 1 95  ? 9.234   -4.607  10.906  1.00 26.32 ? 76  HIS A CA  1 
ATOM   632 C  C   . HIS A 1 95  ? 10.287  -4.907  9.830   1.00 25.99 ? 76  HIS A C   1 
ATOM   633 O  O   . HIS A 1 95  ? 10.298  -4.256  8.794   1.00 25.49 ? 76  HIS A O   1 
ATOM   634 C  CB  . HIS A 1 95  ? 7.873   -5.226  10.524  1.00 26.21 ? 76  HIS A CB  1 
ATOM   635 C  CG  . HIS A 1 95  ? 7.820   -6.699  10.748  1.00 25.37 ? 76  HIS A CG  1 
ATOM   636 N  ND1 . HIS A 1 95  ? 8.489   -7.603  9.946   1.00 26.37 ? 76  HIS A ND1 1 
ATOM   637 C  CD2 . HIS A 1 95  ? 7.219   -7.428  11.718  1.00 26.06 ? 76  HIS A CD2 1 
ATOM   638 C  CE1 . HIS A 1 95  ? 8.274   -8.824  10.398  1.00 24.94 ? 76  HIS A CE1 1 
ATOM   639 N  NE2 . HIS A 1 95  ? 7.500   -8.743  11.470  1.00 24.49 ? 76  HIS A NE2 1 
ATOM   640 N  N   . PRO A 1 96  ? 11.194  -5.888  10.080  1.00 25.64 ? 77  PRO A N   1 
ATOM   641 C  CA  . PRO A 1 96  ? 12.231  -6.205  9.091   1.00 25.20 ? 77  PRO A CA  1 
ATOM   642 C  C   . PRO A 1 96  ? 11.687  -6.583  7.734   1.00 24.32 ? 77  PRO A C   1 
ATOM   643 O  O   . PRO A 1 96  ? 12.327  -6.307  6.725   1.00 23.74 ? 77  PRO A O   1 
ATOM   644 C  CB  . PRO A 1 96  ? 13.017  -7.373  9.732   1.00 26.11 ? 77  PRO A CB  1 
ATOM   645 C  CG  . PRO A 1 96  ? 12.248  -7.790  10.912  1.00 27.68 ? 77  PRO A CG  1 
ATOM   646 C  CD  . PRO A 1 96  ? 11.287  -6.721  11.290  1.00 26.22 ? 77  PRO A CD  1 
ATOM   647 N  N   . LEU A 1 97  ? 10.494  -7.184  7.715   1.00 23.65 ? 78  LEU A N   1 
ATOM   648 C  CA  . LEU A 1 97  ? 9.910   -7.665  6.456   1.00 23.23 ? 78  LEU A CA  1 
ATOM   649 C  C   . LEU A 1 97  ? 9.420   -6.517  5.594   1.00 23.18 ? 78  LEU A C   1 
ATOM   650 O  O   . LEU A 1 97  ? 9.456   -6.581  4.355   1.00 22.67 ? 78  LEU A O   1 
ATOM   651 C  CB  . LEU A 1 97  ? 8.817   -8.671  6.733   1.00 24.08 ? 78  LEU A CB  1 
ATOM   652 C  CG  . LEU A 1 97  ? 9.285   -10.051 7.182   1.00 26.11 ? 78  LEU A CG  1 
ATOM   653 C  CD1 . LEU A 1 97  ? 8.096   -10.989 7.398   1.00 28.78 ? 78  LEU A CD1 1 
ATOM   654 C  CD2 . LEU A 1 97  ? 10.260  -10.680 6.193   1.00 26.05 ? 78  LEU A CD2 1 
ATOM   655 N  N   . LEU A 1 98  ? 8.975   -5.448  6.227   1.00 22.57 ? 79  LEU A N   1 
ATOM   656 C  CA  . LEU A 1 98  ? 8.686   -4.250  5.481   1.00 24.29 ? 79  LEU A CA  1 
ATOM   657 C  C   . LEU A 1 98  ? 9.988   -3.621  4.933   1.00 24.83 ? 79  LEU A C   1 
ATOM   658 O  O   . LEU A 1 98  ? 10.056  -3.177  3.791   1.00 24.99 ? 79  LEU A O   1 
ATOM   659 C  CB  . LEU A 1 98  ? 7.902   -3.265  6.347   1.00 24.75 ? 79  LEU A CB  1 
ATOM   660 C  CG  . LEU A 1 98  ? 7.716   -1.909  5.651   1.00 26.41 ? 79  LEU A CG  1 
ATOM   661 C  CD1 . LEU A 1 98  ? 6.762   -2.068  4.443   1.00 26.30 ? 79  LEU A CD1 1 
ATOM   662 C  CD2 . LEU A 1 98  ? 7.231   -0.932  6.637   1.00 30.07 ? 79  LEU A CD2 1 
ATOM   663 N  N   . GLN A 1 99  ? 11.047  -3.595  5.748   1.00 26.97 ? 80  GLN A N   1 
ATOM   664 C  CA  . GLN A 1 99  ? 12.318  -3.042  5.245   1.00 28.47 ? 80  GLN A CA  1 
ATOM   665 C  C   . GLN A 1 99  ? 12.850  -3.852  4.059   1.00 28.94 ? 80  GLN A C   1 
ATOM   666 O  O   . GLN A 1 99  ? 13.383  -3.287  3.107   1.00 29.82 ? 80  GLN A O   1 
ATOM   667 C  CB  . GLN A 1 99  ? 13.369  -2.973  6.365   1.00 29.82 ? 80  GLN A CB  1 
ATOM   668 C  CG  . GLN A 1 99  ? 12.886  -2.443  7.739   1.00 32.77 ? 80  GLN A CG  1 
ATOM   669 C  CD  . GLN A 1 99  ? 11.855  -1.354  7.666   1.00 38.59 ? 80  GLN A CD  1 
ATOM   670 O  OE1 . GLN A 1 99  ? 11.969  -0.410  6.854   1.00 46.45 ? 80  GLN A OE1 1 
ATOM   671 N  NE2 . GLN A 1 99  ? 10.805  -1.488  8.480   1.00 38.84 ? 80  GLN A NE2 1 
ATOM   672 N  N   . LYS A 1 100 ? 12.680  -5.171  4.103   1.00 27.83 ? 81  LYS A N   1 
ATOM   673 C  CA  . LYS A 1 100 ? 13.073  -6.021  2.999   1.00 28.25 ? 81  LYS A CA  1 
ATOM   674 C  C   . LYS A 1 100 ? 12.250  -5.686  1.751   1.00 26.68 ? 81  LYS A C   1 
ATOM   675 O  O   . LYS A 1 100 ? 12.791  -5.617  0.674   1.00 27.08 ? 81  LYS A O   1 
ATOM   676 C  CB  . LYS A 1 100 ? 12.928  -7.499  3.355   1.00 28.58 ? 81  LYS A CB  1 
ATOM   677 C  CG  . LYS A 1 100 ? 13.564  -8.420  2.327   1.00 32.30 ? 81  LYS A CG  1 
ATOM   678 N  N   . PHE A 1 101 ? 10.945  -5.490  1.907   1.00 26.08 ? 82  PHE A N   1 
ATOM   679 C  CA  . PHE A 1 101 ? 10.105  -5.124  0.777   1.00 25.65 ? 82  PHE A CA  1 
ATOM   680 C  C   . PHE A 1 101 ? 10.568  -3.814  0.147   1.00 27.04 ? 82  PHE A C   1 
ATOM   681 O  O   . PHE A 1 101 ? 10.605  -3.696  -1.068  1.00 27.46 ? 82  PHE A O   1 
ATOM   682 C  CB  . PHE A 1 101 ? 8.632   -5.007  1.185   1.00 25.36 ? 82  PHE A CB  1 
ATOM   683 C  CG  . PHE A 1 101 ? 7.806   -4.222  0.212   1.00 22.85 ? 82  PHE A CG  1 
ATOM   684 C  CD1 . PHE A 1 101 ? 7.317   -4.808  -0.934  1.00 24.27 ? 82  PHE A CD1 1 
ATOM   685 C  CD2 . PHE A 1 101 ? 7.473   -2.912  0.477   1.00 25.29 ? 82  PHE A CD2 1 
ATOM   686 C  CE1 . PHE A 1 101 ? 6.600   -4.076  -1.826  1.00 23.13 ? 82  PHE A CE1 1 
ATOM   687 C  CE2 . PHE A 1 101 ? 6.704   -2.175  -0.415  1.00 28.40 ? 82  PHE A CE2 1 
ATOM   688 C  CZ  . PHE A 1 101 ? 6.265   -2.763  -1.561  1.00 24.39 ? 82  PHE A CZ  1 
ATOM   689 N  N   . VAL A 1 102 ? 10.877  -2.820  0.963   1.00 27.96 ? 83  VAL A N   1 
ATOM   690 C  CA  . VAL A 1 102 ? 11.311  -1.549  0.396   1.00 29.10 ? 83  VAL A CA  1 
ATOM   691 C  C   . VAL A 1 102 ? 12.647  -1.737  -0.326  1.00 30.61 ? 83  VAL A C   1 
ATOM   692 O  O   . VAL A 1 102 ? 12.864  -1.206  -1.424  1.00 30.85 ? 83  VAL A O   1 
ATOM   693 C  CB  . VAL A 1 102 ? 11.386  -0.430  1.479   1.00 29.18 ? 83  VAL A CB  1 
ATOM   694 C  CG1 . VAL A 1 102 ? 11.880  0.879   0.856   1.00 30.18 ? 83  VAL A CG1 1 
ATOM   695 C  CG2 . VAL A 1 102 ? 10.021  -0.227  2.135   1.00 30.38 ? 83  VAL A CG2 1 
ATOM   696 N  N   . ALA A 1 103 ? 13.547  -2.512  0.270   1.00 31.29 ? 84  ALA A N   1 
ATOM   697 C  CA  . ALA A 1 103 ? 14.836  -2.807  -0.368  1.00 31.56 ? 84  ALA A CA  1 
ATOM   698 C  C   . ALA A 1 103 ? 14.635  -3.553  -1.684  1.00 32.24 ? 84  ALA A C   1 
ATOM   699 O  O   . ALA A 1 103 ? 15.269  -3.239  -2.690  1.00 32.69 ? 84  ALA A O   1 
ATOM   700 C  CB  . ALA A 1 103 ? 15.732  -3.648  0.593   1.00 32.33 ? 84  ALA A CB  1 
ATOM   701 N  N   . ASP A 1 104 ? 13.773  -4.564  -1.664  1.00 32.96 ? 85  ASP A N   1 
ATOM   702 C  CA  . ASP A 1 104 ? 13.497  -5.376  -2.841  1.00 33.44 ? 85  ASP A CA  1 
ATOM   703 C  C   . ASP A 1 104 ? 12.811  -4.558  -3.934  1.00 32.71 ? 85  ASP A C   1 
ATOM   704 O  O   . ASP A 1 104 ? 13.183  -4.673  -5.097  1.00 32.76 ? 85  ASP A O   1 
ATOM   705 C  CB  . ASP A 1 104 ? 12.578  -6.583  -2.490  1.00 34.82 ? 85  ASP A CB  1 
ATOM   706 C  CG  . ASP A 1 104 ? 13.253  -7.625  -1.577  1.00 37.85 ? 85  ASP A CG  1 
ATOM   707 O  OD1 . ASP A 1 104 ? 14.483  -7.539  -1.350  1.00 37.95 ? 85  ASP A OD1 1 
ATOM   708 O  OD2 . ASP A 1 104 ? 12.504  -8.514  -1.055  1.00 41.05 ? 85  ASP A OD2 1 
ATOM   709 N  N   . CYS A 1 105 ? 11.808  -3.749  -3.568  1.00 30.89 ? 86  CYS A N   1 
ATOM   710 C  CA  . CYS A 1 105 ? 10.868  -3.204  -4.539  1.00 29.88 ? 86  CYS A CA  1 
ATOM   711 C  C   . CYS A 1 105 ? 10.884  -1.702  -4.787  1.00 28.07 ? 86  CYS A C   1 
ATOM   712 O  O   . CYS A 1 105 ? 10.225  -1.254  -5.717  1.00 26.63 ? 86  CYS A O   1 
ATOM   713 C  CB  . CYS A 1 105 ? 9.431   -3.575  -4.155  1.00 29.54 ? 86  CYS A CB  1 
ATOM   714 S  SG  . CYS A 1 105 ? 9.085   -5.316  -4.289  1.00 34.37 ? 86  CYS A SG  1 
ATOM   715 N  N   . SER A 1 106 ? 11.591  -0.910  -3.989  1.00 26.69 ? 87  SER A N   1 
ATOM   716 C  CA  . SER A 1 106 ? 11.481  0.542   -4.156  1.00 27.84 ? 87  SER A CA  1 
ATOM   717 C  C   . SER A 1 106 ? 11.993  1.082   -5.493  1.00 27.64 ? 87  SER A C   1 
ATOM   718 O  O   . SER A 1 106 ? 11.549  2.141   -5.955  1.00 27.91 ? 87  SER A O   1 
ATOM   719 C  CB  . SER A 1 106 ? 12.104  1.293   -2.996  1.00 28.09 ? 87  SER A CB  1 
ATOM   720 O  OG  . SER A 1 106 ? 13.480  1.068   -2.957  1.00 29.84 ? 87  SER A OG  1 
ATOM   721 N  N   . HIS A 1 107 ? 12.882  0.338   -6.146  1.00 28.37 ? 88  HIS A N   1 
ATOM   722 C  CA  . HIS A 1 107 ? 13.319  0.723   -7.486  1.00 28.67 ? 88  HIS A CA  1 
ATOM   723 C  C   . HIS A 1 107 ? 12.177  0.713   -8.535  1.00 28.19 ? 88  HIS A C   1 
ATOM   724 O  O   . HIS A 1 107 ? 12.309  1.311   -9.616  1.00 28.89 ? 88  HIS A O   1 
ATOM   725 C  CB  . HIS A 1 107 ? 14.480  -0.180  -7.937  1.00 29.05 ? 88  HIS A CB  1 
ATOM   726 C  CG  . HIS A 1 107 ? 14.051  -1.569  -8.289  1.00 29.63 ? 88  HIS A CG  1 
ATOM   727 N  ND1 . HIS A 1 107 ? 13.910  -2.568  -7.348  1.00 30.66 ? 88  HIS A ND1 1 
ATOM   728 C  CD2 . HIS A 1 107 ? 13.728  -2.123  -9.485  1.00 30.34 ? 88  HIS A CD2 1 
ATOM   729 C  CE1 . HIS A 1 107 ? 13.508  -3.675  -7.953  1.00 31.13 ? 88  HIS A CE1 1 
ATOM   730 N  NE2 . HIS A 1 107 ? 13.392  -3.432  -9.248  1.00 30.80 ? 88  HIS A NE2 1 
ATOM   731 N  N   . LEU A 1 108 ? 11.076  0.033   -8.225  1.00 27.52 ? 89  LEU A N   1 
ATOM   732 C  CA  . LEU A 1 108 ? 9.961   -0.076  -9.143  1.00 26.91 ? 89  LEU A CA  1 
ATOM   733 C  C   . LEU A 1 108 ? 9.139   1.208   -9.235  1.00 27.14 ? 89  LEU A C   1 
ATOM   734 O  O   . LEU A 1 108 ? 8.450   1.419   -10.229 1.00 26.79 ? 89  LEU A O   1 
ATOM   735 C  CB  . LEU A 1 108 ? 9.032   -1.218  -8.728  1.00 26.92 ? 89  LEU A CB  1 
ATOM   736 C  CG  . LEU A 1 108 ? 9.699   -2.583  -8.732  1.00 28.02 ? 89  LEU A CG  1 
ATOM   737 C  CD1 . LEU A 1 108 ? 8.833   -3.617  -8.004  1.00 27.21 ? 89  LEU A CD1 1 
ATOM   738 C  CD2 . LEU A 1 108 ? 10.014  -2.993  -10.194 1.00 28.68 ? 89  LEU A CD2 1 
ATOM   739 N  N   . TRP A 1 109 ? 9.127   2.015   -8.179  1.00 26.51 ? 90  TRP A N   1 
ATOM   740 C  CA  . TRP A 1 109 ? 8.213   3.173   -8.152  1.00 26.44 ? 90  TRP A CA  1 
ATOM   741 C  C   . TRP A 1 109 ? 8.954   4.491   -8.179  1.00 26.64 ? 90  TRP A C   1 
ATOM   742 O  O   . TRP A 1 109 ? 10.069  4.585   -7.676  1.00 26.40 ? 90  TRP A O   1 
ATOM   743 C  CB  . TRP A 1 109 ? 7.274   3.107   -6.954  1.00 26.16 ? 90  TRP A CB  1 
ATOM   744 C  CG  . TRP A 1 109 ? 7.896   3.252   -5.559  1.00 26.11 ? 90  TRP A CG  1 
ATOM   745 C  CD1 . TRP A 1 109 ? 8.356   4.395   -4.990  1.00 27.77 ? 90  TRP A CD1 1 
ATOM   746 C  CD2 . TRP A 1 109 ? 8.010   2.234   -4.555  1.00 26.89 ? 90  TRP A CD2 1 
ATOM   747 N  NE1 . TRP A 1 109 ? 8.788   4.155   -3.713  1.00 28.20 ? 90  TRP A NE1 1 
ATOM   748 C  CE2 . TRP A 1 109 ? 8.587   2.840   -3.413  1.00 26.74 ? 90  TRP A CE2 1 
ATOM   749 C  CE3 . TRP A 1 109 ? 7.697   0.882   -4.510  1.00 26.32 ? 90  TRP A CE3 1 
ATOM   750 C  CZ2 . TRP A 1 109 ? 8.833   2.133   -2.225  1.00 27.82 ? 90  TRP A CZ2 1 
ATOM   751 C  CZ3 . TRP A 1 109 ? 7.956   0.161   -3.312  1.00 27.14 ? 90  TRP A CZ3 1 
ATOM   752 C  CH2 . TRP A 1 109 ? 8.513   0.797   -2.198  1.00 26.28 ? 90  TRP A CH2 1 
ATOM   753 N  N   . SER A 1 110 ? 8.302   5.498   -8.767  1.00 26.52 ? 91  SER A N   1 
ATOM   754 C  CA  . SER A 1 110 ? 8.817   6.845   -8.860  1.00 27.24 ? 91  SER A CA  1 
ATOM   755 C  C   . SER A 1 110 ? 8.210   7.789   -7.844  1.00 26.89 ? 91  SER A C   1 
ATOM   756 O  O   . SER A 1 110 ? 8.778   8.830   -7.573  1.00 27.33 ? 91  SER A O   1 
ATOM   757 C  CB  . SER A 1 110 ? 8.492   7.416   -10.238 1.00 26.52 ? 91  SER A CB  1 
ATOM   758 O  OG  . SER A 1 110 ? 7.102   7.433   -10.412 1.00 31.16 ? 91  SER A OG  1 
ATOM   759 N  N   . LYS A 1 111 ? 7.021   7.470   -7.351  1.00 25.68 ? 92  LYS A N   1 
ATOM   760 C  CA  . LYS A 1 111 ? 6.253   8.372   -6.495  1.00 26.29 ? 92  LYS A CA  1 
ATOM   761 C  C   . LYS A 1 111 ? 5.312   7.483   -5.659  1.00 25.43 ? 92  LYS A C   1 
ATOM   762 O  O   . LYS A 1 111 ? 4.764   6.500   -6.158  1.00 25.10 ? 92  LYS A O   1 
ATOM   763 C  CB  . LYS A 1 111 ? 5.409   9.290   -7.344  1.00 26.99 ? 92  LYS A CB  1 
ATOM   764 C  CG  . LYS A 1 111 ? 4.528   10.271  -6.608  1.00 30.65 ? 92  LYS A CG  1 
ATOM   765 C  CD  . LYS A 1 111 ? 3.522   10.972  -7.559  1.00 31.39 ? 92  LYS A CD  1 
ATOM   766 C  CE  . LYS A 1 111 ? 2.347   11.573  -6.774  1.00 33.98 ? 92  LYS A CE  1 
ATOM   767 N  NZ  . LYS A 1 111 ? 1.160   11.973  -7.622  1.00 36.47 ? 92  LYS A NZ  1 
ATOM   768 N  N   . VAL A 1 112 ? 5.120   7.897   -4.407  1.00 24.19 ? 93  VAL A N   1 
ATOM   769 C  CA  . VAL A 1 112 ? 4.179   7.279   -3.474  1.00 24.88 ? 93  VAL A CA  1 
ATOM   770 C  C   . VAL A 1 112 ? 3.445   8.403   -2.730  1.00 24.06 ? 93  VAL A C   1 
ATOM   771 O  O   . VAL A 1 112 ? 4.032   9.482   -2.462  1.00 23.51 ? 93  VAL A O   1 
ATOM   772 C  CB  . VAL A 1 112 ? 4.912   6.395   -2.469  1.00 25.92 ? 93  VAL A CB  1 
ATOM   773 C  CG1 . VAL A 1 112 ? 3.970   5.608   -1.667  1.00 27.23 ? 93  VAL A CG1 1 
ATOM   774 C  CG2 . VAL A 1 112 ? 5.808   5.403   -3.194  1.00 28.61 ? 93  VAL A CG2 1 
ATOM   775 N  N   . VAL A 1 113 ? 2.166   8.170   -2.431  1.00 23.00 ? 94  VAL A N   1 
ATOM   776 C  CA  . VAL A 1 113 ? 1.348   9.033   -1.592  1.00 22.35 ? 94  VAL A CA  1 
ATOM   777 C  C   . VAL A 1 113 ? 0.740   8.100   -0.545  1.00 22.05 ? 94  VAL A C   1 
ATOM   778 O  O   . VAL A 1 113 ? 0.194   7.073   -0.898  1.00 22.78 ? 94  VAL A O   1 
ATOM   779 C  CB  . VAL A 1 113 ? 0.193   9.704   -2.368  1.00 23.17 ? 94  VAL A CB  1 
ATOM   780 C  CG1 . VAL A 1 113 ? -0.618  10.594  -1.475  1.00 28.31 ? 94  VAL A CG1 1 
ATOM   781 C  CG2 . VAL A 1 113 ? 0.752   10.527  -3.561  1.00 24.76 ? 94  VAL A CG2 1 
ATOM   782 N  N   . VAL A 1 114 ? 0.801   8.527   0.711   1.00 21.89 ? 95  VAL A N   1 
ATOM   783 C  CA  . VAL A 1 114 ? 0.290   7.767   1.841   1.00 21.20 ? 95  VAL A CA  1 
ATOM   784 C  C   . VAL A 1 114 ? -0.755  8.614   2.564   1.00 21.08 ? 95  VAL A C   1 
ATOM   785 O  O   . VAL A 1 114 ? -0.513  9.799   2.808   1.00 20.74 ? 95  VAL A O   1 
ATOM   786 C  CB  . VAL A 1 114 ? 1.400   7.383   2.824   1.00 20.97 ? 95  VAL A CB  1 
ATOM   787 C  CG1 . VAL A 1 114 ? 0.841   6.603   4.052   1.00 22.76 ? 95  VAL A CG1 1 
ATOM   788 C  CG2 . VAL A 1 114 ? 2.516   6.571   2.065   1.00 21.93 ? 95  VAL A CG2 1 
ATOM   789 N  N   . TYR A 1 115 ? -1.877  8.001   2.924   1.00 19.66 ? 96  TYR A N   1 
ATOM   790 C  CA  . TYR A 1 115 ? -2.926  8.603   3.746   1.00 19.18 ? 96  TYR A CA  1 
ATOM   791 C  C   . TYR A 1 115 ? -3.157  7.650   4.894   1.00 19.96 ? 96  TYR A C   1 
ATOM   792 O  O   . TYR A 1 115 ? -3.575  6.477   4.671   1.00 20.54 ? 96  TYR A O   1 
ATOM   793 C  CB  . TYR A 1 115 ? -4.239  8.810   2.995   1.00 19.84 ? 96  TYR A CB  1 
ATOM   794 C  CG  . TYR A 1 115 ? -4.134  9.640   1.731   1.00 20.39 ? 96  TYR A CG  1 
ATOM   795 C  CD1 . TYR A 1 115 ? -4.280  11.012  1.766   1.00 21.03 ? 96  TYR A CD1 1 
ATOM   796 C  CD2 . TYR A 1 115 ? -3.978  9.048   0.482   1.00 23.00 ? 96  TYR A CD2 1 
ATOM   797 C  CE1 . TYR A 1 115 ? -4.222  11.799  0.611   1.00 21.31 ? 96  TYR A CE1 1 
ATOM   798 C  CE2 . TYR A 1 115 ? -3.892  9.783   -0.649  1.00 22.78 ? 96  TYR A CE2 1 
ATOM   799 C  CZ  . TYR A 1 115 ? -4.043  11.173  -0.601  1.00 22.94 ? 96  TYR A CZ  1 
ATOM   800 O  OH  . TYR A 1 115 ? -4.029  11.990  -1.698  1.00 22.11 ? 96  TYR A OH  1 
ATOM   801 N  N   . ASP A 1 116 ? -2.940  8.132   6.121   1.00 19.59 ? 97  ASP A N   1 
ATOM   802 C  CA  . ASP A 1 116 ? -3.163  7.322   7.309   1.00 20.38 ? 97  ASP A CA  1 
ATOM   803 C  C   . ASP A 1 116 ? -4.359  7.910   8.053   1.00 20.40 ? 97  ASP A C   1 
ATOM   804 O  O   . ASP A 1 116 ? -4.262  9.024   8.540   1.00 19.89 ? 97  ASP A O   1 
ATOM   805 C  CB  . ASP A 1 116 ? -1.957  7.334   8.232   1.00 22.36 ? 97  ASP A CB  1 
ATOM   806 C  CG  . ASP A 1 116 ? -0.817  6.459   7.701   1.00 23.77 ? 97  ASP A CG  1 
ATOM   807 O  OD1 . ASP A 1 116 ? -1.102  5.473   7.026   1.00 24.73 ? 97  ASP A OD1 1 
ATOM   808 O  OD2 . ASP A 1 116 ? 0.352   6.832   7.882   1.00 29.63 ? 97  ASP A OD2 1 
ATOM   809 N  N   . SER A 1 117 ? -5.465  7.164   8.122   1.00 21.72 ? 98  SER A N   1 
ATOM   810 C  CA  . SER A 1 117 ? -6.709  7.723   8.699   1.00 21.37 ? 98  SER A CA  1 
ATOM   811 C  C   . SER A 1 117 ? -7.121  6.920   9.921   1.00 23.15 ? 98  SER A C   1 
ATOM   812 O  O   . SER A 1 117 ? -6.942  5.718   9.918   1.00 23.57 ? 98  SER A O   1 
ATOM   813 C  CB  . SER A 1 117 ? -7.864  7.755   7.689   1.00 21.51 ? 98  SER A CB  1 
ATOM   814 O  OG  . SER A 1 117 ? -7.552  8.392   6.449   1.00 19.96 ? 98  SER A OG  1 
HETATM 815 N  N   . MSE A 1 118 ? -7.617  7.561   10.973  1.00 22.02 ? 99  MSE A N   1 
HETATM 816 C  CA  A MSE A 1 118 ? -8.216  6.831   12.096  0.34 22.89 ? 99  MSE A CA  1 
HETATM 817 C  CA  B MSE A 1 118 ? -8.225  6.856   12.115  0.33 23.00 ? 99  MSE A CA  1 
HETATM 818 C  CA  C MSE A 1 118 ? -8.219  6.802   12.069  0.33 23.32 ? 99  MSE A CA  1 
HETATM 819 C  C   . MSE A 1 118 ? -9.732  6.931   11.940  1.00 22.39 ? 99  MSE A C   1 
HETATM 820 O  O   . MSE A 1 118 ? -10.266 7.999   11.671  1.00 20.58 ? 99  MSE A O   1 
HETATM 821 C  CB  A MSE A 1 118 ? -7.721  7.336   13.469  0.34 22.21 ? 99  MSE A CB  1 
HETATM 822 C  CB  B MSE A 1 118 ? -7.847  7.502   13.449  0.33 22.92 ? 99  MSE A CB  1 
HETATM 823 C  CB  C MSE A 1 118 ? -7.686  7.199   13.457  0.33 23.43 ? 99  MSE A CB  1 
HETATM 824 C  CG  A MSE A 1 118 ? -8.017  8.776   13.821  0.34 23.45 ? 99  MSE A CG  1 
HETATM 825 C  CG  B MSE A 1 118 ? -8.309  6.693   14.674  0.33 23.08 ? 99  MSE A CG  1 
HETATM 826 C  CG  C MSE A 1 118 ? -7.474  8.659   13.720  0.33 24.29 ? 99  MSE A CG  1 
HETATM 827 SE SE  A MSE A 1 118 ? -7.145  9.381   15.494  0.25 26.66 ? 99  MSE A SE  1 
HETATM 828 SE SE  B MSE A 1 118 ? -8.283  7.768   16.259  0.25 26.70 ? 99  MSE A SE  1 
HETATM 829 SE SE  C MSE A 1 118 ? -6.761  8.992   15.520  0.25 27.54 ? 99  MSE A SE  1 
HETATM 830 C  CE  A MSE A 1 118 ? -6.774  11.173  14.914  0.34 10.88 ? 99  MSE A CE  1 
HETATM 831 C  CE  B MSE A 1 118 ? -9.976  8.718   16.062  0.33 23.02 ? 99  MSE A CE  1 
HETATM 832 C  CE  C MSE A 1 118 ? -4.864  8.781   15.285  0.33 16.69 ? 99  MSE A CE  1 
ATOM   833 N  N   . SER A 1 119 ? -10.428 5.804   12.071  1.00 23.36 ? 100 SER A N   1 
ATOM   834 C  CA  . SER A 1 119 ? -11.846 5.813   11.847  1.00 23.46 ? 100 SER A CA  1 
ATOM   835 C  C   . SER A 1 119 ? -12.536 6.532   13.003  1.00 23.12 ? 100 SER A C   1 
ATOM   836 O  O   . SER A 1 119 ? -12.039 6.562   14.142  1.00 22.89 ? 100 SER A O   1 
ATOM   837 C  CB  . SER A 1 119 ? -12.370 4.380   11.648  1.00 25.36 ? 100 SER A CB  1 
ATOM   838 O  OG  . SER A 1 119 ? -12.061 3.616   12.781  1.00 27.80 ? 100 SER A OG  1 
ATOM   839 N  N   . VAL A 1 120 ? -13.654 7.155   12.666  1.00 23.41 ? 101 VAL A N   1 
ATOM   840 C  CA  . VAL A 1 120 ? -14.488 7.887   13.603  1.00 24.31 ? 101 VAL A CA  1 
ATOM   841 C  C   . VAL A 1 120 ? -15.929 7.404   13.426  1.00 25.56 ? 101 VAL A C   1 
ATOM   842 O  O   . VAL A 1 120 ? -16.786 7.958   14.146  1.00 27.61 ? 101 VAL A O   1 
ATOM   843 C  CB  . VAL A 1 120 ? -14.439 9.423   13.328  1.00 24.61 ? 101 VAL A CB  1 
ATOM   844 C  CG1 . VAL A 1 120 ? -13.027 9.932   13.496  1.00 25.83 ? 101 VAL A CG1 1 
ATOM   845 C  CG2 . VAL A 1 120 ? -15.013 9.779   11.970  1.00 24.34 ? 101 VAL A CG2 1 
ATOM   846 O  OXT . VAL A 1 120 ? -16.279 6.540   12.593  1.00 26.32 ? 101 VAL A OXT 1 
HETATM 847 C  C   . ACT B 2 .   ? 4.015   0.670   2.949   1.00 30.66 ? 102 ACT A C   1 
HETATM 848 O  O   . ACT B 2 .   ? 4.555   1.740   3.267   1.00 31.61 ? 102 ACT A O   1 
HETATM 849 O  OXT . ACT B 2 .   ? 3.003   0.422   3.612   1.00 26.27 ? 102 ACT A OXT 1 
HETATM 850 C  CH3 . ACT B 2 .   ? 4.556   -0.237  1.864   1.00 30.44 ? 102 ACT A CH3 1 
HETATM 851 O  O   . HOH C 3 .   ? -8.679  5.549   -9.171  1.00 21.56 ? 103 HOH A O   1 
HETATM 852 O  O   . HOH C 3 .   ? 4.044   -13.962 3.022   1.00 20.31 ? 104 HOH A O   1 
HETATM 853 O  O   . HOH C 3 .   ? -6.142  -0.200  -13.900 1.00 21.80 ? 105 HOH A O   1 
HETATM 854 O  O   . HOH C 3 .   ? 8.346   0.473   -12.776 1.00 26.44 ? 106 HOH A O   1 
HETATM 855 O  O   . HOH C 3 .   ? 0.037   -0.162  -14.371 1.00 24.04 ? 107 HOH A O   1 
HETATM 856 O  O   . HOH C 3 .   ? 1.009   -14.846 7.241   1.00 21.04 ? 108 HOH A O   1 
HETATM 857 O  O   . HOH C 3 .   ? -3.266  -4.346  14.328  1.00 25.71 ? 109 HOH A O   1 
HETATM 858 O  O   . HOH C 3 .   ? -1.629  -5.029  -18.318 1.00 24.67 ? 110 HOH A O   1 
HETATM 859 O  O   . HOH C 3 .   ? 7.553   -8.550  0.243   1.00 23.27 ? 111 HOH A O   1 
HETATM 860 O  O   . HOH C 3 .   ? -7.458  -8.552  3.921   1.00 23.45 ? 112 HOH A O   1 
HETATM 861 O  O   . HOH C 3 .   ? -8.883  -9.258  10.400  1.00 23.75 ? 113 HOH A O   1 
HETATM 862 O  O   . HOH C 3 .   ? -1.990  -11.027 1.051   1.00 22.04 ? 114 HOH A O   1 
HETATM 863 O  O   . HOH C 3 .   ? -0.248  -2.311  -18.562 1.00 26.18 ? 115 HOH A O   1 
HETATM 864 O  O   . HOH C 3 .   ? -3.811  -9.203  -0.069  1.00 24.60 ? 116 HOH A O   1 
HETATM 865 O  O   . HOH C 3 .   ? 2.571   5.691   7.281   1.00 26.92 ? 117 HOH A O   1 
HETATM 866 O  O   . HOH C 3 .   ? -16.205 4.847   10.385  1.00 26.45 ? 118 HOH A O   1 
HETATM 867 O  O   . HOH C 3 .   ? 1.593   5.841   -13.358 1.00 29.97 ? 119 HOH A O   1 
HETATM 868 O  O   . HOH C 3 .   ? -5.236  2.888   -0.791  1.00 33.67 ? 120 HOH A O   1 
HETATM 869 O  O   . HOH C 3 .   ? -10.303 4.780   -11.338 1.00 26.67 ? 121 HOH A O   1 
HETATM 870 O  O   . HOH C 3 .   ? -1.073  -6.878  -13.406 1.00 31.31 ? 122 HOH A O   1 
HETATM 871 O  O   . HOH C 3 .   ? 6.760   -9.861  -12.510 1.00 29.64 ? 123 HOH A O   1 
HETATM 872 O  O   . HOH C 3 .   ? 7.555   -1.117  -19.896 1.00 32.08 ? 124 HOH A O   1 
HETATM 873 O  O   . HOH C 3 .   ? 1.174   -15.164 9.899   1.00 31.69 ? 125 HOH A O   1 
HETATM 874 O  O   . HOH C 3 .   ? 8.712   -8.637  2.775   1.00 30.84 ? 126 HOH A O   1 
HETATM 875 O  O   . HOH C 3 .   ? -6.985  -1.129  -2.328  1.00 42.67 ? 127 HOH A O   1 
HETATM 876 O  O   . HOH C 3 .   ? 14.908  -1.632  -4.779  1.00 33.80 ? 128 HOH A O   1 
HETATM 877 O  O   . HOH C 3 .   ? 1.572   -10.444 -8.746  1.00 25.46 ? 129 HOH A O   1 
HETATM 878 O  O   . HOH C 3 .   ? 0.794   -13.501 -1.285  1.00 39.73 ? 130 HOH A O   1 
HETATM 879 O  O   . HOH C 3 .   ? 7.841   -9.266  -5.455  1.00 38.13 ? 131 HOH A O   1 
HETATM 880 O  O   . HOH C 3 .   ? -9.105  3.482   -14.937 1.00 25.65 ? 132 HOH A O   1 
HETATM 881 O  O   . HOH C 3 .   ? 4.034   -7.917  13.763  1.00 33.87 ? 133 HOH A O   1 
HETATM 882 O  O   . HOH C 3 .   ? 0.353   -11.355 -6.586  1.00 28.41 ? 134 HOH A O   1 
HETATM 883 O  O   . HOH C 3 .   ? 6.074   -10.936 -10.069 1.00 35.73 ? 135 HOH A O   1 
HETATM 884 O  O   . HOH C 3 .   ? -2.909  14.235  -1.549  1.00 31.47 ? 136 HOH A O   1 
HETATM 885 O  O   . HOH C 3 .   ? -0.315  -9.566  -10.341 1.00 37.54 ? 137 HOH A O   1 
HETATM 886 O  O   . HOH C 3 .   ? 2.950   -12.481 -2.869  1.00 34.38 ? 138 HOH A O   1 
HETATM 887 O  O   . HOH C 3 .   ? 5.321   3.129   -19.484 1.00 47.07 ? 139 HOH A O   1 
HETATM 888 O  O   . HOH C 3 .   ? 7.227   9.883   -3.478  1.00 33.25 ? 140 HOH A O   1 
HETATM 889 O  O   . HOH C 3 .   ? -8.708  -7.295  -1.472  1.00 33.18 ? 141 HOH A O   1 
HETATM 890 O  O   . HOH C 3 .   ? -11.555 6.460   -13.488 1.00 38.70 ? 142 HOH A O   1 
HETATM 891 O  O   . HOH C 3 .   ? -8.589  7.933   -18.093 1.00 33.92 ? 143 HOH A O   1 
HETATM 892 O  O   . HOH C 3 .   ? -10.195 -5.272  10.643  1.00 38.99 ? 144 HOH A O   1 
HETATM 893 O  O   . HOH C 3 .   ? 7.501   -11.457 -7.644  1.00 39.72 ? 145 HOH A O   1 
HETATM 894 O  O   . HOH C 3 .   ? 8.160   -11.296 -1.083  1.00 34.81 ? 146 HOH A O   1 
HETATM 895 O  O   . HOH C 3 .   ? 9.517   -7.815  -1.843  1.00 32.29 ? 147 HOH A O   1 
HETATM 896 O  O   . HOH C 3 .   ? 5.180   -10.599 12.623  1.00 46.40 ? 148 HOH A O   1 
HETATM 897 O  O   . HOH C 3 .   ? 3.028   7.745   -14.047 1.00 35.64 ? 149 HOH A O   1 
HETATM 898 O  O   . HOH C 3 .   ? -18.241 3.953   11.272  1.00 37.99 ? 150 HOH A O   1 
HETATM 899 O  O   . HOH C 3 .   ? -0.930  13.098  -6.052  1.00 39.94 ? 151 HOH A O   1 
HETATM 900 O  O   . HOH C 3 .   ? 3.538   -12.319 -9.680  1.00 38.37 ? 152 HOH A O   1 
HETATM 901 O  O   . HOH C 3 .   ? 0.966   -13.427 -5.096  1.00 41.46 ? 153 HOH A O   1 
HETATM 902 O  O   . HOH C 3 .   ? 15.561  -6.338  6.868   1.00 42.51 ? 154 HOH A O   1 
HETATM 903 O  O   . HOH C 3 .   ? -17.022 7.665   -10.785 1.00 42.26 ? 155 HOH A O   1 
HETATM 904 O  O   . HOH C 3 .   ? -1.636  12.188  -9.638  1.00 39.26 ? 156 HOH A O   1 
HETATM 905 O  O   . HOH C 3 .   ? 4.411   11.850  -2.049  1.00 44.56 ? 157 HOH A O   1 
HETATM 906 O  O   . HOH C 3 .   ? -6.137  10.931  -13.161 1.00 38.74 ? 158 HOH A O   1 
HETATM 907 O  O   . HOH C 3 .   ? -4.102  4.405   18.150  1.00 44.17 ? 159 HOH A O   1 
HETATM 908 O  O   . HOH C 3 .   ? -5.439  4.891   -15.636 1.00 45.93 ? 160 HOH A O   1 
HETATM 909 O  O   . HOH C 3 .   ? 4.437   -13.815 -7.657  1.00 36.79 ? 161 HOH A O   1 
HETATM 910 O  O   . HOH C 3 .   ? 10.123  -5.047  -16.447 1.00 40.46 ? 162 HOH A O   1 
HETATM 911 O  O   . HOH C 3 .   ? -0.487  9.455   -15.933 1.00 40.09 ? 163 HOH A O   1 
HETATM 912 O  O   . HOH C 3 .   ? 10.390  -6.218  -12.349 1.00 45.98 ? 164 HOH A O   1 
HETATM 913 O  O   . HOH C 3 .   ? 12.023  4.763   -5.280  1.00 47.68 ? 165 HOH A O   1 
HETATM 914 O  O   . HOH C 3 .   ? -10.693 13.692  -15.926 1.00 50.04 ? 166 HOH A O   1 
HETATM 915 O  O   . HOH C 3 .   ? 8.037   -4.634  14.493  1.00 40.96 ? 167 HOH A O   1 
HETATM 916 O  O   . HOH C 3 .   ? 4.291   -10.529 -14.775 1.00 48.55 ? 168 HOH A O   1 
HETATM 917 O  O   . HOH C 3 .   ? 5.770   7.365   -13.189 1.00 44.35 ? 169 HOH A O   1 
HETATM 918 O  O   . HOH C 3 .   ? 7.208   -10.830 3.815   1.00 37.78 ? 170 HOH A O   1 
HETATM 919 O  O   . HOH C 3 .   ? 12.522  -2.837  -13.010 1.00 48.42 ? 171 HOH A O   1 
HETATM 920 O  O   . HOH C 3 .   ? 0.890   10.077  -13.978 1.00 45.70 ? 172 HOH A O   1 
HETATM 921 O  O   . HOH C 3 .   ? -2.286  -0.287  -12.981 1.00 19.65 ? 173 HOH A O   1 
HETATM 922 O  O   . HOH C 3 .   ? -0.078  3.766   -15.394 1.00 39.48 ? 174 HOH A O   1 
# 
